data_8YH9
#
_entry.id   8YH9
#
_cell.length_a   1.00
_cell.length_b   1.00
_cell.length_c   1.00
_cell.angle_alpha   90.00
_cell.angle_beta   90.00
_cell.angle_gamma   90.00
#
_symmetry.space_group_name_H-M   'P 1'
#
loop_
_entity.id
_entity.type
_entity.pdbx_description
1 polymer Cas5f
2 polymer Cas6f
3 polymer '60-nt crRNA'
4 polymer Cas7f
5 polymer 'Cas8f fusion with HNH'
#
loop_
_entity_poly.entity_id
_entity_poly.type
_entity_poly.pdbx_seq_one_letter_code
_entity_poly.pdbx_strand_id
1 'polypeptide(L)'
;MMKGYILLEKVNIENANAFNNIIVGIPAITSFLGFARALERKLNAKEIAIRINGVGLEFHEYELKGYKNKRGQYVTSCPL
PGSIPGQNEKKLDAHIMNQAYIDLNMSFLLEVEGPHVDMSTCKSIKSTMETLRIAGGIIRNYKKIRLIDTLADIPYGYFL
TLRQDNLNDAAGDDMLDKMIHALQQEDTLVPIAVGFKALSEVGHVEGQRDPEKDHCFVESIFSLGGFECSKILEDINSCL
WRYKTEEGLYLCTII
;
A
2 'polypeptide(L)'
;MFSQILIIKPGTGISPNIIISEDIFPVLHSLFVEHDKKFGITFPAYSFDKKGHLGNIIEVLSEDKEALASLCLEEHLAEV
TDYVKVKKEITFTDDYVLFKRIREENQYETTARRMRKRGHTELGRPLEMHIKKKNQQIFCHAYIKVKSASTGQSYNIFLA
PTDIKHGSFSAYGLLRGDTHA
;
B
3 'polyribonucleotide' UUUAGAAGGAGAAGUCAUUUAAUAAGGCCACUGUUAAAAAGUGUACCGCCGGAUAGGCGG C
4 'polypeptide(L)'
;MAANKKATNVTLKSRPENLSFARCLNTTEAKFWQTDFLKRHTFKLPLLITDKAVLASKGHEMPPDKLEKEIMDPNPQKSQ
SCTLSTECDTLRIDFGIKVLPVKESMYSCSDYNYRTAIYQKIDEYIAEDGFLTLAKRYVNNIANARFLWRNRKGAEIIET
IVTIEDKEYPSFNSKSFNLDTFVEDNATINEIAQQIADTFAGKREYLNIYVTCFVKIGCAMEVYPSQEMTFDDDDKGKKL
FKFEGSAGMHSQKINNALRTIDTWYPDYTTYEFPIPVENYGAARSIGIPFRPDTKSFYKLIDRMILKNEDLPIEDKHYVM
AILIRGGMFSKKQEK
;
I,H,G,F,E,D
5 'polypeptide(L)'
;MLRNKILAAISQKIPEEQKINKYIEGLFQSIDKNHLATHVAKFTETNSPGNIGAYDILSSDMNCGYLDTANAGWKEPDIV
TNDAKYKRPQGFVAMEMSDGRTVMEHLQEDSAELRHEMEELTDKYDEIRDGILNMPSMQPYRTNQFIKQVFFPVGGSYHL
LSILPSTVLNYEVSDRLYRSKIPKIRLRLLSSNAASTTGSRLVSKNKWPLVFQALPPKFLEKNLAKALDKEYLLPDINID
ELEGVDNGCLIDEALLPLIIDEGKRKGEGNYRPRHLRDERKEETVQAFLDKYGYCNIPVGYEVHHIVPLSQGGADSIKNM
IMLSIEHHERVTEAHASYFKWRNT
;
J
#
# COMPACT_ATOMS: atom_id res chain seq x y z
N MET A 1 43.32 5.14 34.20
CA MET A 1 42.83 3.77 34.09
C MET A 1 41.36 3.72 34.52
N MET A 2 40.45 3.92 33.56
CA MET A 2 39.03 3.79 33.79
C MET A 2 38.41 2.95 32.70
N LYS A 3 37.34 2.23 33.05
CA LYS A 3 36.69 1.31 32.13
C LYS A 3 35.58 2.03 31.37
N GLY A 4 35.60 1.89 30.05
CA GLY A 4 34.57 2.46 29.19
C GLY A 4 34.33 1.61 27.97
N TYR A 5 33.57 2.13 27.01
CA TYR A 5 33.35 1.41 25.76
C TYR A 5 33.08 2.40 24.64
N ILE A 6 33.73 2.19 23.51
CA ILE A 6 33.54 3.01 22.32
C ILE A 6 32.58 2.28 21.39
N LEU A 7 31.94 3.05 20.50
CA LEU A 7 30.99 2.52 19.54
C LEU A 7 31.39 2.97 18.14
N LEU A 8 31.58 2.00 17.24
CA LEU A 8 31.77 2.27 15.83
C LEU A 8 30.42 2.05 15.17
N GLU A 9 29.76 3.15 14.79
CA GLU A 9 28.36 3.13 14.38
C GLU A 9 28.25 3.12 12.87
N LYS A 10 27.58 2.09 12.35
CA LYS A 10 27.18 1.91 10.95
C LYS A 10 28.41 1.89 10.03
N VAL A 11 29.20 0.84 10.20
CA VAL A 11 30.32 0.55 9.30
C VAL A 11 29.82 -0.40 8.21
N ASN A 12 29.90 0.04 6.96
CA ASN A 12 29.50 -0.75 5.81
C ASN A 12 30.74 -1.22 5.07
N ILE A 13 30.79 -2.51 4.78
CA ILE A 13 31.96 -3.19 4.24
C ILE A 13 31.53 -3.94 2.99
N GLU A 14 32.27 -3.76 1.90
CA GLU A 14 32.11 -4.57 0.70
C GLU A 14 33.17 -5.66 0.64
N ASN A 15 32.76 -6.83 0.13
CA ASN A 15 33.63 -7.97 -0.16
C ASN A 15 34.35 -8.48 1.08
N ALA A 16 33.70 -8.40 2.23
CA ALA A 16 34.20 -9.06 3.43
C ALA A 16 34.11 -10.56 3.25
N ASN A 17 35.11 -11.28 3.77
CA ASN A 17 35.21 -12.71 3.53
C ASN A 17 34.13 -13.43 4.31
N ALA A 18 33.10 -13.87 3.60
CA ALA A 18 31.93 -14.51 4.19
C ALA A 18 31.95 -16.02 4.04
N PHE A 19 33.09 -16.60 3.67
CA PHE A 19 33.22 -18.03 3.41
C PHE A 19 34.35 -18.60 4.26
N ASN A 20 34.22 -18.42 5.58
CA ASN A 20 35.26 -18.82 6.52
C ASN A 20 35.61 -20.29 6.44
N ASN A 21 34.73 -21.18 6.93
CA ASN A 21 34.96 -22.59 6.67
C ASN A 21 33.69 -23.21 6.09
N ILE A 22 32.56 -23.03 6.78
CA ILE A 22 31.35 -23.75 6.45
C ILE A 22 30.17 -22.78 6.46
N ILE A 23 30.38 -21.60 7.02
CA ILE A 23 29.29 -20.66 7.25
C ILE A 23 29.37 -19.59 6.16
N VAL A 24 28.33 -19.52 5.32
CA VAL A 24 28.22 -18.51 4.28
C VAL A 24 27.28 -17.43 4.80
N GLY A 25 27.75 -16.18 4.80
CA GLY A 25 27.01 -15.13 5.45
C GLY A 25 27.82 -14.41 6.50
N ILE A 26 27.48 -14.61 7.76
CA ILE A 26 28.23 -13.99 8.85
C ILE A 26 29.64 -14.57 8.90
N PRO A 27 30.69 -13.76 8.91
CA PRO A 27 32.05 -14.28 8.94
C PRO A 27 32.41 -14.81 10.32
N ALA A 28 33.64 -15.31 10.44
CA ALA A 28 34.16 -15.70 11.75
C ALA A 28 34.34 -14.46 12.62
N ILE A 29 34.04 -14.61 13.92
CA ILE A 29 34.14 -13.48 14.83
C ILE A 29 35.58 -13.12 15.12
N THR A 30 36.51 -14.06 14.88
CA THR A 30 37.93 -13.77 15.05
C THR A 30 38.42 -12.73 14.06
N SER A 31 37.72 -12.55 12.94
CA SER A 31 38.01 -11.43 12.05
C SER A 31 37.81 -10.10 12.75
N PHE A 32 36.68 -9.94 13.43
CA PHE A 32 36.42 -8.71 14.16
C PHE A 32 37.31 -8.57 15.39
N LEU A 33 37.63 -9.69 16.05
CA LEU A 33 38.54 -9.65 17.18
C LEU A 33 39.94 -9.23 16.76
N GLY A 34 40.43 -9.77 15.64
CA GLY A 34 41.72 -9.35 15.12
C GLY A 34 41.70 -7.95 14.54
N PHE A 35 40.54 -7.48 14.08
CA PHE A 35 40.40 -6.09 13.67
C PHE A 35 40.55 -5.16 14.87
N ALA A 36 39.93 -5.52 15.99
CA ALA A 36 40.10 -4.73 17.22
C ALA A 36 41.54 -4.79 17.72
N ARG A 37 42.19 -5.95 17.58
CA ARG A 37 43.59 -6.06 17.97
C ARG A 37 44.51 -5.25 17.06
N ALA A 38 44.19 -5.18 15.76
CA ALA A 38 44.98 -4.36 14.84
C ALA A 38 44.78 -2.88 15.12
N LEU A 39 43.57 -2.47 15.49
CA LEU A 39 43.34 -1.11 15.92
C LEU A 39 44.10 -0.80 17.21
N GLU A 40 44.15 -1.77 18.13
CA GLU A 40 44.92 -1.62 19.37
C GLU A 40 46.42 -1.46 19.07
N ARG A 41 46.94 -2.26 18.13
CA ARG A 41 48.33 -2.14 17.73
C ARG A 41 48.62 -0.81 17.05
N LYS A 42 47.70 -0.33 16.23
CA LYS A 42 47.88 0.95 15.55
C LYS A 42 47.87 2.10 16.54
N LEU A 43 47.02 2.01 17.57
CA LEU A 43 47.05 3.01 18.62
C LEU A 43 48.25 2.86 19.55
N ASN A 44 48.83 1.65 19.62
CA ASN A 44 50.02 1.43 20.43
C ASN A 44 51.29 1.88 19.72
N ALA A 45 51.27 1.91 18.38
CA ALA A 45 52.39 2.49 17.65
C ALA A 45 52.51 3.99 17.92
N LYS A 46 51.38 4.69 17.98
CA LYS A 46 51.35 6.01 18.56
C LYS A 46 51.52 5.90 20.08
N GLU A 47 51.93 7.01 20.70
CA GLU A 47 52.24 7.01 22.12
C GLU A 47 51.01 7.29 23.00
N ILE A 48 49.81 6.99 22.49
CA ILE A 48 48.60 7.15 23.28
C ILE A 48 48.55 6.13 24.43
N ALA A 49 49.03 4.91 24.16
CA ALA A 49 49.09 3.80 25.12
C ALA A 49 47.71 3.45 25.68
N ILE A 50 46.84 3.00 24.79
CA ILE A 50 45.46 2.70 25.10
C ILE A 50 45.18 1.25 24.74
N ARG A 51 44.56 0.51 25.66
CA ARG A 51 44.27 -0.90 25.50
C ARG A 51 42.80 -1.12 25.21
N ILE A 52 42.50 -2.20 24.48
CA ILE A 52 41.14 -2.58 24.12
C ILE A 52 40.99 -4.07 24.39
N ASN A 53 39.95 -4.45 25.15
CA ASN A 53 39.73 -5.85 25.48
C ASN A 53 38.22 -6.07 25.61
N GLY A 54 37.60 -6.60 24.57
CA GLY A 54 36.18 -6.88 24.56
C GLY A 54 35.45 -6.26 23.39
N VAL A 55 34.68 -7.05 22.66
CA VAL A 55 34.04 -6.59 21.43
C VAL A 55 32.70 -7.29 21.25
N GLY A 56 31.66 -6.50 20.97
CA GLY A 56 30.36 -7.03 20.65
C GLY A 56 29.90 -6.51 19.29
N LEU A 57 29.11 -7.33 18.59
CA LEU A 57 28.75 -7.09 17.21
C LEU A 57 27.26 -6.81 17.10
N GLU A 58 26.90 -5.79 16.33
CA GLU A 58 25.49 -5.42 16.13
C GLU A 58 25.22 -5.34 14.63
N PHE A 59 24.54 -6.34 14.09
CA PHE A 59 24.27 -6.37 12.66
C PHE A 59 23.02 -5.56 12.34
N HIS A 60 23.10 -4.78 11.25
CA HIS A 60 21.96 -4.02 10.76
C HIS A 60 21.46 -4.55 9.43
N GLU A 61 22.33 -4.62 8.43
CA GLU A 61 21.94 -5.03 7.09
C GLU A 61 23.00 -5.96 6.51
N TYR A 62 22.59 -6.78 5.56
CA TYR A 62 23.49 -7.72 4.92
C TYR A 62 23.06 -7.93 3.48
N GLU A 63 24.04 -8.17 2.60
CA GLU A 63 23.79 -8.42 1.19
C GLU A 63 24.74 -9.51 0.73
N LEU A 64 24.24 -10.73 0.54
CA LEU A 64 25.06 -11.76 -0.06
C LEU A 64 25.23 -11.45 -1.55
N LYS A 65 26.47 -11.53 -2.03
CA LYS A 65 26.84 -11.03 -3.35
C LYS A 65 26.34 -12.00 -4.44
N GLY A 66 25.02 -11.99 -4.64
CA GLY A 66 24.41 -12.87 -5.62
C GLY A 66 22.92 -12.65 -5.79
N TYR A 67 22.20 -13.72 -6.12
CA TYR A 67 20.76 -13.62 -6.37
C TYR A 67 20.11 -14.97 -6.06
N LYS A 68 18.83 -15.09 -6.39
CA LYS A 68 18.03 -16.30 -6.16
C LYS A 68 17.84 -17.04 -7.46
N ASN A 69 18.03 -18.36 -7.43
CA ASN A 69 18.06 -19.11 -8.70
C ASN A 69 16.66 -19.44 -9.19
N LYS A 70 15.94 -20.31 -8.49
CA LYS A 70 14.55 -20.61 -8.86
C LYS A 70 13.61 -20.42 -7.69
N ARG A 71 13.95 -21.01 -6.53
CA ARG A 71 12.99 -21.12 -5.44
C ARG A 71 13.41 -20.41 -4.16
N GLY A 72 14.65 -19.95 -4.06
CA GLY A 72 15.08 -19.29 -2.84
C GLY A 72 16.53 -19.53 -2.46
N GLN A 73 17.15 -20.56 -3.00
CA GLN A 73 18.57 -20.77 -2.78
C GLN A 73 19.38 -19.71 -3.52
N TYR A 74 20.54 -19.38 -2.96
CA TYR A 74 21.35 -18.28 -3.47
C TYR A 74 22.43 -18.80 -4.41
N VAL A 75 22.72 -17.99 -5.42
CA VAL A 75 23.90 -18.16 -6.27
C VAL A 75 24.75 -16.90 -6.11
N THR A 76 26.02 -17.08 -5.79
CA THR A 76 26.91 -15.97 -5.46
C THR A 76 27.85 -15.66 -6.61
N SER A 77 28.44 -14.46 -6.55
CA SER A 77 29.32 -13.94 -7.59
C SER A 77 30.75 -13.84 -7.09
N CYS A 78 31.65 -13.51 -8.01
CA CYS A 78 33.09 -13.53 -7.74
C CYS A 78 33.79 -12.70 -8.80
N PRO A 79 34.99 -12.19 -8.52
CA PRO A 79 35.80 -11.53 -9.55
C PRO A 79 36.43 -12.54 -10.49
N LEU A 80 37.17 -12.02 -11.47
CA LEU A 80 37.87 -12.89 -12.42
C LEU A 80 39.28 -13.17 -11.93
N PRO A 81 39.66 -14.42 -11.73
CA PRO A 81 41.05 -14.72 -11.39
C PRO A 81 42.00 -14.41 -12.55
N GLY A 82 43.24 -14.07 -12.19
CA GLY A 82 44.22 -13.68 -13.18
C GLY A 82 45.59 -14.29 -12.96
N SER A 83 46.63 -13.46 -13.06
CA SER A 83 47.99 -13.94 -12.91
C SER A 83 48.30 -14.25 -11.45
N ILE A 84 49.12 -15.28 -11.25
CA ILE A 84 49.50 -15.71 -9.90
C ILE A 84 50.98 -15.44 -9.66
N HIS A 95 41.31 -19.77 -13.17
CA HIS A 95 40.72 -20.82 -12.34
C HIS A 95 40.29 -20.28 -10.98
N ILE A 96 39.12 -20.69 -10.54
CA ILE A 96 38.60 -20.31 -9.22
C ILE A 96 38.22 -21.59 -8.48
N MET A 97 38.34 -21.55 -7.15
CA MET A 97 38.11 -22.74 -6.35
C MET A 97 36.96 -22.60 -5.36
N ASN A 98 37.04 -21.65 -4.43
CA ASN A 98 35.99 -21.47 -3.43
C ASN A 98 36.17 -20.11 -2.77
N GLN A 99 35.20 -19.21 -2.99
CA GLN A 99 35.16 -17.95 -2.26
C GLN A 99 33.75 -17.39 -2.31
N ALA A 100 33.48 -16.45 -1.42
CA ALA A 100 32.21 -15.74 -1.39
C ALA A 100 32.43 -14.39 -0.72
N TYR A 101 31.54 -13.45 -1.00
CA TYR A 101 31.68 -12.09 -0.51
C TYR A 101 30.33 -11.60 -0.03
N ILE A 102 30.36 -10.55 0.78
CA ILE A 102 29.15 -10.03 1.42
C ILE A 102 29.31 -8.52 1.59
N ASP A 103 28.18 -7.83 1.63
CA ASP A 103 28.11 -6.41 1.95
C ASP A 103 27.48 -6.29 3.33
N LEU A 104 28.30 -6.00 4.33
CA LEU A 104 27.85 -5.88 5.70
C LEU A 104 27.60 -4.42 6.04
N ASN A 105 26.71 -4.19 6.99
CA ASN A 105 26.40 -2.83 7.45
C ASN A 105 26.32 -2.80 8.96
N MET A 106 27.33 -3.33 9.63
CA MET A 106 27.21 -3.62 11.05
C MET A 106 28.00 -2.62 11.89
N SER A 107 27.87 -2.76 13.21
CA SER A 107 28.39 -1.81 14.17
C SER A 107 29.10 -2.54 15.31
N PHE A 108 30.04 -1.84 15.94
CA PHE A 108 30.94 -2.42 16.93
C PHE A 108 30.77 -1.75 18.29
N LEU A 109 30.75 -2.58 19.33
CA LEU A 109 30.98 -2.14 20.71
C LEU A 109 32.36 -2.63 21.11
N LEU A 110 33.23 -1.71 21.53
CA LEU A 110 34.58 -2.05 21.94
C LEU A 110 34.75 -1.70 23.40
N GLU A 111 34.92 -2.72 24.24
CA GLU A 111 35.19 -2.51 25.67
C GLU A 111 36.60 -1.93 25.83
N VAL A 112 36.67 -0.64 26.12
CA VAL A 112 37.92 0.10 26.09
C VAL A 112 38.39 0.30 27.53
N GLU A 113 39.62 -0.13 27.82
CA GLU A 113 40.22 0.01 29.14
C GLU A 113 41.56 0.70 29.00
N GLY A 114 41.65 1.94 29.48
CA GLY A 114 42.88 2.69 29.44
C GLY A 114 42.67 4.14 29.79
N PRO A 115 43.73 4.83 30.20
CA PRO A 115 43.59 6.23 30.64
C PRO A 115 43.39 7.19 29.48
N HIS A 116 42.83 8.35 29.82
CA HIS A 116 42.65 9.50 28.93
C HIS A 116 41.78 9.11 27.72
N VAL A 117 40.53 8.75 28.00
CA VAL A 117 39.62 8.32 26.97
C VAL A 117 38.54 9.37 26.66
N ASP A 118 38.11 10.16 27.64
CA ASP A 118 36.98 11.06 27.46
C ASP A 118 37.36 12.23 26.56
N MET A 119 36.62 12.38 25.45
CA MET A 119 36.85 13.39 24.42
C MET A 119 38.28 13.28 23.86
N SER A 120 38.73 12.05 23.70
CA SER A 120 40.07 11.77 23.19
C SER A 120 40.06 10.38 22.57
N THR A 121 41.11 10.12 21.78
CA THR A 121 41.40 8.90 21.02
C THR A 121 40.41 8.64 19.88
N CYS A 122 39.35 9.44 19.77
CA CYS A 122 38.42 9.30 18.66
C CYS A 122 39.05 9.79 17.36
N LYS A 123 39.81 10.88 17.43
CA LYS A 123 40.53 11.36 16.25
C LYS A 123 41.63 10.39 15.85
N SER A 124 42.29 9.76 16.83
CA SER A 124 43.32 8.77 16.52
C SER A 124 42.71 7.52 15.91
N ILE A 125 41.55 7.09 16.40
CA ILE A 125 40.84 5.95 15.82
C ILE A 125 40.38 6.28 14.40
N LYS A 126 39.90 7.50 14.18
CA LYS A 126 39.49 7.94 12.85
C LYS A 126 40.67 7.98 11.88
N SER A 127 41.84 8.41 12.36
CA SER A 127 43.01 8.48 11.49
C SER A 127 43.59 7.10 11.20
N THR A 128 43.58 6.21 12.20
CA THR A 128 44.16 4.89 12.04
C THR A 128 43.20 3.87 11.45
N MET A 129 41.91 4.22 11.32
CA MET A 129 40.94 3.28 10.75
C MET A 129 41.07 3.19 9.23
N GLU A 130 41.59 4.24 8.59
CA GLU A 130 41.64 4.31 7.13
C GLU A 130 42.65 3.35 6.51
N THR A 131 43.51 2.73 7.29
CA THR A 131 44.43 1.72 6.79
C THR A 131 44.08 0.37 7.43
N LEU A 132 42.79 0.05 7.44
CA LEU A 132 42.31 -1.19 8.04
C LEU A 132 41.28 -1.83 7.12
N ARG A 133 41.18 -3.15 7.22
CA ARG A 133 40.18 -3.93 6.49
C ARG A 133 39.46 -4.84 7.46
N ILE A 134 38.13 -4.84 7.42
CA ILE A 134 37.33 -5.73 8.24
C ILE A 134 37.09 -7.01 7.45
N ALA A 135 37.75 -8.09 7.87
CA ALA A 135 37.69 -9.41 7.22
C ALA A 135 38.08 -9.34 5.75
N GLY A 136 39.02 -8.47 5.43
CA GLY A 136 39.45 -8.30 4.06
C GLY A 136 38.57 -7.44 3.20
N GLY A 137 37.82 -6.51 3.78
CA GLY A 137 36.94 -5.67 3.01
C GLY A 137 37.20 -4.20 3.26
N ILE A 138 36.76 -3.39 2.30
CA ILE A 138 37.06 -1.96 2.32
C ILE A 138 36.19 -1.25 3.34
N ILE A 139 36.77 -0.23 3.98
CA ILE A 139 36.08 0.51 5.04
C ILE A 139 34.96 1.37 4.47
N ARG A 140 35.23 2.04 3.34
CA ARG A 140 34.42 3.11 2.77
C ARG A 140 34.10 4.20 3.77
N ASN A 141 32.89 4.19 4.35
CA ASN A 141 32.45 5.30 5.17
C ASN A 141 31.62 4.78 6.34
N TYR A 142 32.27 4.60 7.48
CA TYR A 142 31.55 4.42 8.73
C TYR A 142 30.83 5.70 9.11
N LYS A 143 29.68 5.56 9.76
CA LYS A 143 28.87 6.74 10.06
C LYS A 143 29.44 7.55 11.22
N LYS A 144 29.66 6.91 12.38
CA LYS A 144 30.11 7.72 13.50
C LYS A 144 30.97 6.90 14.46
N ILE A 145 31.69 7.63 15.32
CA ILE A 145 32.37 7.05 16.47
C ILE A 145 31.81 7.75 17.71
N ARG A 146 31.34 6.96 18.68
CA ARG A 146 30.63 7.49 19.82
C ARG A 146 31.21 6.97 21.12
N LEU A 147 31.06 7.77 22.18
CA LEU A 147 31.53 7.46 23.53
C LEU A 147 30.42 7.77 24.54
N ILE A 148 29.22 7.27 24.27
CA ILE A 148 28.09 7.46 25.18
C ILE A 148 28.02 6.26 26.13
N ASP A 149 28.11 6.53 27.42
CA ASP A 149 28.23 5.47 28.43
C ASP A 149 26.86 5.21 29.07
N THR A 150 25.97 4.61 28.29
CA THR A 150 24.67 4.17 28.78
C THR A 150 24.39 2.77 28.25
N LEU A 151 23.50 2.07 28.93
CA LEU A 151 23.05 0.77 28.45
C LEU A 151 22.19 0.92 27.19
N ALA A 152 21.34 1.94 27.15
CA ALA A 152 20.50 2.18 25.98
C ALA A 152 21.15 3.22 25.06
N ASP A 153 22.36 2.88 24.62
CA ASP A 153 23.09 3.67 23.64
C ASP A 153 23.10 3.02 22.26
N ILE A 154 22.28 1.99 22.06
CA ILE A 154 22.28 1.21 20.84
C ILE A 154 21.16 1.68 19.92
N PRO A 155 21.41 1.85 18.63
CA PRO A 155 20.32 2.05 17.66
C PRO A 155 19.62 0.73 17.37
N TYR A 156 18.63 0.80 16.48
CA TYR A 156 17.79 -0.36 16.19
C TYR A 156 18.58 -1.36 15.34
N GLY A 157 19.35 -2.19 16.03
CA GLY A 157 20.10 -3.26 15.40
C GLY A 157 19.90 -4.57 16.14
N TYR A 158 20.63 -5.61 15.74
CA TYR A 158 20.48 -6.93 16.35
C TYR A 158 21.86 -7.46 16.73
N PHE A 159 21.97 -7.92 17.98
CA PHE A 159 23.25 -8.32 18.55
C PHE A 159 23.46 -9.82 18.39
N LEU A 160 24.62 -10.20 17.89
CA LEU A 160 24.99 -11.60 17.75
C LEU A 160 25.70 -12.05 19.02
N THR A 161 25.04 -12.83 19.85
CA THR A 161 25.55 -13.28 21.14
C THR A 161 25.86 -14.76 21.11
N LEU A 162 26.39 -15.27 22.22
CA LEU A 162 26.76 -16.67 22.36
C LEU A 162 25.71 -17.33 23.26
N ARG A 163 24.72 -17.94 22.63
CA ARG A 163 23.65 -18.66 23.33
C ARG A 163 24.02 -20.14 23.34
N GLN A 164 24.61 -20.59 24.44
CA GLN A 164 24.98 -21.99 24.61
C GLN A 164 23.88 -22.79 25.31
N ASP A 165 22.64 -22.67 24.82
CA ASP A 165 21.51 -23.41 25.35
C ASP A 165 21.17 -24.63 24.49
N ASN A 166 20.84 -24.40 23.21
CA ASN A 166 20.66 -25.53 22.31
C ASN A 166 21.98 -26.09 21.79
N LEU A 167 23.07 -25.33 21.93
CA LEU A 167 24.39 -25.89 21.67
C LEU A 167 24.77 -26.93 22.70
N ASN A 168 24.34 -26.72 23.95
CA ASN A 168 24.69 -27.61 25.06
C ASN A 168 23.66 -28.72 25.24
N ASP A 169 22.40 -28.34 25.51
CA ASP A 169 21.36 -29.29 25.87
C ASP A 169 20.40 -29.45 24.70
N ALA A 170 20.52 -30.58 23.99
CA ALA A 170 19.60 -30.94 22.92
C ALA A 170 19.67 -32.46 22.74
N ALA A 171 18.70 -33.00 22.02
CA ALA A 171 18.73 -34.42 21.71
C ALA A 171 19.70 -34.68 20.56
N GLY A 172 20.29 -35.87 20.58
CA GLY A 172 21.37 -36.20 19.67
C GLY A 172 22.63 -36.52 20.46
N ASP A 173 23.37 -37.55 20.04
CA ASP A 173 24.46 -38.05 20.86
C ASP A 173 25.67 -37.12 20.83
N ASP A 174 25.96 -36.55 19.66
CA ASP A 174 27.12 -35.66 19.54
C ASP A 174 26.79 -34.40 18.75
N MET A 175 27.77 -33.50 18.63
CA MET A 175 27.53 -32.24 17.95
C MET A 175 26.83 -32.41 16.61
N LEU A 176 27.31 -33.34 15.79
CA LEU A 176 26.72 -33.53 14.46
C LEU A 176 25.27 -33.98 14.54
N ASP A 177 25.00 -35.01 15.35
CA ASP A 177 23.64 -35.52 15.48
C ASP A 177 22.83 -34.62 16.39
N LYS A 178 23.41 -33.49 16.76
CA LYS A 178 22.72 -32.55 17.63
C LYS A 178 22.58 -31.17 17.00
N MET A 179 23.51 -30.79 16.13
CA MET A 179 23.44 -29.43 15.58
C MET A 179 22.18 -29.21 14.76
N ILE A 180 21.95 -30.09 13.77
CA ILE A 180 20.80 -29.92 12.89
C ILE A 180 19.49 -30.13 13.63
N HIS A 181 19.48 -31.06 14.60
CA HIS A 181 18.29 -31.29 15.42
C HIS A 181 17.99 -30.08 16.29
N ALA A 182 19.02 -29.41 16.83
CA ALA A 182 18.82 -28.15 17.54
C ALA A 182 18.53 -27.00 16.60
N LEU A 183 18.77 -27.18 15.30
CA LEU A 183 18.54 -26.13 14.32
C LEU A 183 17.15 -26.16 13.69
N GLN A 184 16.47 -27.31 13.67
CA GLN A 184 15.11 -27.34 13.09
C GLN A 184 14.14 -26.47 13.88
N GLN A 185 14.13 -26.58 15.21
CA GLN A 185 13.07 -25.94 15.98
C GLN A 185 13.29 -24.45 16.21
N GLU A 186 14.49 -23.93 15.95
CA GLU A 186 14.77 -22.52 16.17
C GLU A 186 15.37 -21.95 14.88
N ASP A 187 14.80 -20.84 14.41
CA ASP A 187 15.22 -20.22 13.16
C ASP A 187 16.21 -19.08 13.35
N THR A 188 16.12 -18.36 14.47
CA THR A 188 17.04 -17.24 14.72
C THR A 188 18.46 -17.76 14.95
N LEU A 189 18.58 -18.92 15.60
CA LEU A 189 19.88 -19.49 15.93
C LEU A 189 20.64 -19.91 14.67
N VAL A 190 21.90 -19.47 14.58
CA VAL A 190 22.70 -19.62 13.37
C VAL A 190 24.09 -20.12 13.73
N PRO A 191 24.71 -20.89 12.82
CA PRO A 191 26.08 -21.36 13.08
C PRO A 191 27.09 -20.22 13.05
N ILE A 192 28.07 -20.29 13.95
CA ILE A 192 29.10 -19.25 14.09
C ILE A 192 30.44 -19.94 14.32
N ALA A 193 31.47 -19.52 13.58
CA ALA A 193 32.83 -19.93 13.89
C ALA A 193 33.35 -19.14 15.09
N VAL A 194 33.85 -19.86 16.10
CA VAL A 194 34.20 -19.23 17.38
C VAL A 194 35.62 -19.58 17.81
N GLY A 195 36.60 -18.84 17.32
CA GLY A 195 37.97 -19.20 17.65
C GLY A 195 38.41 -20.45 16.90
N PHE A 196 39.63 -20.88 17.22
CA PHE A 196 40.32 -21.91 16.44
C PHE A 196 41.53 -22.45 17.19
N LYS A 197 41.58 -23.78 17.34
CA LYS A 197 42.72 -24.51 17.92
C LYS A 197 42.73 -25.91 17.34
N ALA A 198 43.91 -26.37 16.88
CA ALA A 198 44.03 -27.76 16.49
C ALA A 198 45.19 -28.49 17.16
N LEU A 199 46.40 -27.94 17.06
CA LEU A 199 47.59 -28.76 17.25
C LEU A 199 48.61 -28.19 18.23
N SER A 200 49.80 -28.78 18.21
CA SER A 200 50.87 -28.51 19.17
C SER A 200 52.11 -28.14 18.37
N GLU A 201 53.28 -28.21 19.03
CA GLU A 201 54.60 -27.93 18.45
C GLU A 201 54.68 -26.46 18.00
N VAL A 202 54.74 -25.59 19.01
CA VAL A 202 54.62 -24.14 18.88
C VAL A 202 55.95 -23.49 18.49
N GLY A 203 56.92 -24.29 18.04
CA GLY A 203 58.25 -23.79 17.72
C GLY A 203 58.39 -22.85 16.53
N HIS A 204 59.61 -22.76 16.01
CA HIS A 204 59.99 -21.68 15.11
C HIS A 204 60.35 -22.19 13.72
N VAL A 205 59.52 -23.06 13.15
CA VAL A 205 59.79 -23.61 11.82
C VAL A 205 59.64 -22.51 10.76
N GLU A 206 60.49 -22.58 9.74
CA GLU A 206 60.63 -21.56 8.72
C GLU A 206 59.38 -21.45 7.85
N GLY A 207 59.38 -20.47 6.95
CA GLY A 207 58.24 -20.18 6.11
C GLY A 207 57.19 -19.31 6.75
N GLN A 208 57.45 -18.77 7.94
CA GLN A 208 56.49 -17.96 8.66
C GLN A 208 56.34 -16.59 8.01
N ARG A 209 55.18 -15.96 8.26
CA ARG A 209 55.01 -14.56 7.94
C ARG A 209 55.97 -13.69 8.75
N ASP A 210 56.10 -14.00 10.04
CA ASP A 210 57.11 -13.39 10.90
C ASP A 210 57.89 -14.54 11.54
N PRO A 211 59.17 -14.71 11.21
CA PRO A 211 59.91 -15.88 11.74
C PRO A 211 60.18 -15.83 13.23
N GLU A 212 60.14 -14.65 13.85
CA GLU A 212 60.40 -14.54 15.29
C GLU A 212 59.12 -14.60 16.10
N LYS A 213 58.33 -15.65 15.89
CA LYS A 213 57.07 -15.86 16.59
C LYS A 213 56.91 -17.36 16.85
N ASP A 214 55.69 -17.75 17.22
CA ASP A 214 55.37 -19.16 17.46
C ASP A 214 54.47 -19.66 16.34
N HIS A 215 54.84 -20.80 15.76
CA HIS A 215 54.16 -21.36 14.59
C HIS A 215 53.31 -22.56 15.00
N CYS A 216 52.14 -22.70 14.38
CA CYS A 216 51.26 -23.82 14.67
C CYS A 216 50.40 -24.13 13.45
N PHE A 217 49.78 -25.31 13.46
CA PHE A 217 48.88 -25.77 12.40
C PHE A 217 47.49 -25.89 13.00
N VAL A 218 46.62 -24.92 12.73
CA VAL A 218 45.44 -24.69 13.55
C VAL A 218 44.19 -24.80 12.67
N GLU A 219 43.09 -25.28 13.25
CA GLU A 219 41.83 -25.51 12.54
C GLU A 219 40.69 -24.83 13.29
N SER A 220 39.69 -24.38 12.53
CA SER A 220 38.57 -23.62 13.07
C SER A 220 37.60 -24.50 13.84
N ILE A 221 36.95 -23.91 14.85
CA ILE A 221 35.94 -24.57 15.67
C ILE A 221 34.66 -23.76 15.64
N PHE A 222 33.53 -24.41 15.96
CA PHE A 222 32.21 -23.89 15.67
C PHE A 222 31.27 -24.01 16.86
N SER A 223 30.26 -23.15 16.88
CA SER A 223 29.18 -23.18 17.88
C SER A 223 27.97 -22.46 17.30
N LEU A 224 27.05 -22.06 18.16
CA LEU A 224 25.80 -21.42 17.76
C LEU A 224 25.79 -19.96 18.19
N GLY A 225 24.82 -19.22 17.64
CA GLY A 225 24.62 -17.83 18.02
C GLY A 225 23.19 -17.41 17.76
N GLY A 226 22.83 -16.25 18.30
CA GLY A 226 21.46 -15.76 18.18
C GLY A 226 21.42 -14.25 18.14
N PHE A 227 20.27 -13.75 17.68
CA PHE A 227 20.06 -12.31 17.46
C PHE A 227 18.99 -11.80 18.42
N GLU A 228 19.30 -10.71 19.12
CA GLU A 228 18.35 -10.02 19.97
C GLU A 228 18.43 -8.53 19.70
N CYS A 229 17.31 -7.84 19.93
CA CYS A 229 17.20 -6.43 19.57
C CYS A 229 17.93 -5.54 20.57
N SER A 230 17.91 -4.24 20.32
CA SER A 230 18.52 -3.27 21.22
C SER A 230 17.65 -2.99 22.44
N LYS A 231 16.33 -3.02 22.27
CA LYS A 231 15.43 -2.75 23.38
C LYS A 231 15.42 -3.90 24.38
N ILE A 232 15.02 -5.08 23.94
CA ILE A 232 15.01 -6.25 24.80
C ILE A 232 16.42 -6.83 24.86
N LEU A 233 16.94 -6.98 26.07
CA LEU A 233 18.30 -7.45 26.28
C LEU A 233 18.37 -8.06 27.67
N GLU A 234 19.52 -8.68 27.96
CA GLU A 234 19.77 -9.26 29.28
C GLU A 234 20.86 -8.52 30.03
N ASP A 235 22.06 -8.43 29.45
CA ASP A 235 23.20 -7.81 30.12
C ASP A 235 24.24 -7.43 29.09
N ILE A 236 25.10 -6.48 29.47
CA ILE A 236 26.31 -6.22 28.71
C ILE A 236 27.26 -7.41 28.82
N ASN A 237 27.31 -8.05 29.99
CA ASN A 237 28.14 -9.22 30.22
C ASN A 237 27.66 -10.46 29.47
N SER A 238 26.45 -10.44 28.91
CA SER A 238 25.98 -11.50 28.02
C SER A 238 26.45 -11.30 26.58
N CYS A 239 27.15 -10.20 26.31
CA CYS A 239 27.71 -9.91 24.99
C CYS A 239 29.10 -9.33 25.25
N LEU A 240 29.64 -8.63 24.24
CA LEU A 240 30.99 -8.06 24.27
C LEU A 240 32.04 -9.16 24.46
N TRP A 241 32.18 -9.95 23.40
CA TRP A 241 32.99 -11.17 23.38
C TRP A 241 34.43 -10.89 23.78
N ARG A 242 35.04 -11.85 24.46
CA ARG A 242 36.37 -11.69 25.04
C ARG A 242 37.30 -12.78 24.56
N TYR A 243 38.58 -12.42 24.45
CA TYR A 243 39.64 -13.38 24.21
C TYR A 243 39.81 -14.30 25.41
N LYS A 244 40.29 -15.52 25.16
CA LYS A 244 40.67 -16.44 26.21
C LYS A 244 41.72 -17.39 25.66
N THR A 245 42.61 -17.82 26.56
CA THR A 245 43.74 -18.65 26.17
C THR A 245 43.91 -19.77 27.19
N GLU A 246 44.37 -20.92 26.69
CA GLU A 246 44.64 -22.08 27.52
C GLU A 246 45.90 -22.74 26.96
N GLU A 247 46.16 -23.99 27.33
CA GLU A 247 47.35 -24.72 26.90
C GLU A 247 47.18 -25.17 25.45
N GLY A 248 47.25 -24.22 24.54
CA GLY A 248 47.04 -24.51 23.12
C GLY A 248 45.59 -24.62 22.70
N LEU A 249 44.70 -23.91 23.39
CA LEU A 249 43.26 -23.91 23.09
C LEU A 249 42.73 -22.48 23.07
N TYR A 250 43.39 -21.63 22.26
CA TYR A 250 42.99 -20.24 22.08
C TYR A 250 41.55 -20.15 21.58
N LEU A 251 40.77 -19.24 22.17
CA LEU A 251 39.33 -19.25 21.92
C LEU A 251 38.78 -17.86 22.23
N CYS A 252 37.57 -17.60 21.74
CA CYS A 252 36.85 -16.38 22.07
C CYS A 252 35.46 -16.76 22.57
N THR A 253 35.03 -16.11 23.66
CA THR A 253 33.81 -16.53 24.32
C THR A 253 33.23 -15.38 25.13
N ILE A 254 31.97 -15.55 25.52
CA ILE A 254 31.30 -14.67 26.49
C ILE A 254 30.97 -15.51 27.72
N ILE A 255 31.39 -15.02 28.89
CA ILE A 255 31.11 -15.71 30.14
C ILE A 255 30.14 -14.91 30.97
N MET B 1 20.71 52.27 36.62
CA MET B 1 20.68 53.06 37.85
C MET B 1 19.69 52.46 38.86
N PHE B 2 18.80 53.30 39.38
CA PHE B 2 17.81 52.83 40.33
C PHE B 2 16.71 52.06 39.61
N SER B 3 16.27 50.96 40.21
CA SER B 3 15.34 50.04 39.57
C SER B 3 14.15 49.73 40.46
N GLN B 4 13.00 49.50 39.83
CA GLN B 4 11.79 49.05 40.50
C GLN B 4 11.29 47.81 39.79
N ILE B 5 10.97 46.77 40.56
CA ILE B 5 10.57 45.47 40.01
C ILE B 5 9.05 45.39 39.98
N LEU B 6 8.51 44.92 38.86
CA LEU B 6 7.06 44.75 38.67
C LEU B 6 6.83 43.39 38.03
N ILE B 7 5.86 42.64 38.53
CA ILE B 7 5.75 41.24 38.13
C ILE B 7 4.35 41.02 37.55
N ILE B 8 4.25 39.97 36.72
CA ILE B 8 2.99 39.53 36.16
C ILE B 8 2.73 38.10 36.64
N LYS B 9 1.48 37.68 36.58
CA LYS B 9 1.06 36.38 37.12
C LYS B 9 0.56 35.46 36.02
N PRO B 10 1.40 34.52 35.53
CA PRO B 10 0.90 33.46 34.65
C PRO B 10 -0.16 32.56 35.26
N GLY B 11 -0.71 31.66 34.44
CA GLY B 11 -1.69 30.71 34.88
C GLY B 11 -3.12 31.01 34.47
N THR B 12 -3.37 32.20 33.92
CA THR B 12 -4.70 32.59 33.49
C THR B 12 -5.00 32.23 32.03
N GLY B 13 -4.05 31.57 31.35
CA GLY B 13 -4.27 31.13 29.99
C GLY B 13 -4.01 32.15 28.91
N ILE B 14 -3.66 33.39 29.27
CA ILE B 14 -3.39 34.45 28.32
C ILE B 14 -1.99 34.97 28.55
N SER B 15 -1.19 35.03 27.49
CA SER B 15 0.14 35.62 27.59
C SER B 15 0.04 37.12 27.83
N PRO B 16 0.91 37.70 28.68
CA PRO B 16 0.70 39.09 29.11
C PRO B 16 1.26 40.14 28.16
N ASN B 17 1.56 39.76 26.92
CA ASN B 17 2.09 40.73 25.95
C ASN B 17 1.04 41.79 25.62
N ILE B 18 -0.22 41.40 25.52
CA ILE B 18 -1.29 42.37 25.30
C ILE B 18 -1.47 43.26 26.52
N ILE B 19 -1.31 42.70 27.72
CA ILE B 19 -1.52 43.48 28.93
C ILE B 19 -0.34 44.42 29.22
N ILE B 20 0.83 44.16 28.63
CA ILE B 20 1.95 45.09 28.76
C ILE B 20 2.08 46.02 27.56
N SER B 21 1.42 45.72 26.43
CA SER B 21 1.44 46.61 25.28
C SER B 21 0.21 47.50 25.16
N GLU B 22 -0.85 47.23 25.92
CA GLU B 22 -2.05 48.03 25.87
C GLU B 22 -2.44 48.65 27.20
N ASP B 23 -2.25 47.92 28.31
CA ASP B 23 -2.64 48.41 29.62
C ASP B 23 -1.48 48.99 30.41
N ILE B 24 -0.30 49.12 29.81
CA ILE B 24 0.86 49.66 30.50
C ILE B 24 1.41 50.87 29.76
N PHE B 25 1.75 50.70 28.48
CA PHE B 25 2.39 51.77 27.74
C PHE B 25 1.44 52.86 27.22
N PRO B 26 0.23 52.57 26.71
CA PRO B 26 -0.71 53.68 26.43
C PRO B 26 -1.16 54.46 27.64
N VAL B 27 -1.11 53.87 28.84
CA VAL B 27 -1.45 54.60 30.06
C VAL B 27 -0.21 55.19 30.75
N LEU B 28 0.99 54.82 30.30
CA LEU B 28 2.23 55.40 30.81
C LEU B 28 2.81 56.46 29.88
N HIS B 29 2.33 56.55 28.64
CA HIS B 29 2.83 57.55 27.70
C HIS B 29 2.51 58.96 28.17
N SER B 30 1.32 59.15 28.77
CA SER B 30 0.94 60.48 29.26
C SER B 30 1.83 60.96 30.40
N LEU B 31 2.13 60.09 31.35
CA LEU B 31 3.03 60.47 32.44
C LEU B 31 4.49 60.52 31.99
N PHE B 32 4.84 59.79 30.92
CA PHE B 32 6.18 59.95 30.34
C PHE B 32 6.34 61.30 29.68
N VAL B 33 5.32 61.75 28.96
CA VAL B 33 5.34 63.08 28.35
C VAL B 33 5.32 64.17 29.42
N GLU B 34 4.54 63.96 30.48
CA GLU B 34 4.41 64.96 31.54
C GLU B 34 5.70 65.12 32.34
N HIS B 35 6.37 64.01 32.66
CA HIS B 35 7.52 64.03 33.55
C HIS B 35 8.85 64.05 32.80
N ASP B 36 8.89 64.69 31.63
CA ASP B 36 10.10 65.02 30.86
C ASP B 36 10.86 63.79 30.37
N LYS B 37 10.21 62.63 30.32
CA LYS B 37 10.73 61.38 29.74
C LYS B 37 12.06 60.96 30.40
N LYS B 38 11.98 60.66 31.70
CA LYS B 38 13.17 60.34 32.48
C LYS B 38 13.10 58.93 33.07
N PHE B 39 12.40 58.02 32.40
CA PHE B 39 12.26 56.65 32.88
C PHE B 39 12.48 55.68 31.73
N GLY B 40 12.93 54.46 32.07
CA GLY B 40 13.13 53.42 31.10
C GLY B 40 12.58 52.10 31.59
N ILE B 41 12.57 51.12 30.69
CA ILE B 41 12.08 49.78 31.02
C ILE B 41 13.08 48.72 30.56
N THR B 42 13.10 47.60 31.27
CA THR B 42 14.02 46.51 30.94
C THR B 42 13.45 45.20 31.47
N PHE B 43 14.05 44.09 31.02
CA PHE B 43 13.70 42.76 31.50
C PHE B 43 14.93 41.86 31.39
N PRO B 44 15.24 41.07 32.43
CA PRO B 44 16.30 40.05 32.34
C PRO B 44 15.75 38.67 31.96
N ALA B 45 15.02 38.61 30.85
CA ALA B 45 14.42 37.35 30.41
C ALA B 45 14.59 37.18 28.91
N TYR B 46 15.80 37.47 28.43
CA TYR B 46 16.12 37.30 27.01
C TYR B 46 16.19 35.82 26.66
N SER B 47 15.55 35.44 25.56
CA SER B 47 15.59 34.06 25.08
C SER B 47 15.40 34.12 23.56
N PHE B 48 16.50 34.03 22.83
CA PHE B 48 16.46 34.20 21.38
C PHE B 48 16.95 32.95 20.65
N ASP B 49 16.47 31.78 21.07
CA ASP B 49 16.85 30.54 20.40
C ASP B 49 16.31 30.49 18.98
N LYS B 50 15.02 30.73 18.81
CA LYS B 50 14.42 30.77 17.48
C LYS B 50 13.60 32.02 17.23
N LYS B 51 12.87 32.50 18.22
CA LYS B 51 11.99 33.65 18.09
C LYS B 51 12.27 34.63 19.23
N GLY B 52 11.53 35.74 19.23
CA GLY B 52 11.65 36.69 20.31
C GLY B 52 10.81 36.28 21.50
N HIS B 53 11.38 36.45 22.69
CA HIS B 53 10.72 36.10 23.94
C HIS B 53 10.86 37.24 24.93
N LEU B 54 9.90 37.34 25.84
CA LEU B 54 9.87 38.39 26.83
C LEU B 54 9.96 37.89 28.27
N GLY B 55 9.52 36.67 28.53
CA GLY B 55 9.48 36.18 29.90
C GLY B 55 8.36 36.86 30.65
N ASN B 56 8.42 36.83 31.99
CA ASN B 56 7.38 37.47 32.79
C ASN B 56 7.96 38.30 33.92
N ILE B 57 8.59 39.42 33.57
CA ILE B 57 9.19 40.29 34.57
C ILE B 57 9.60 41.62 33.96
N ILE B 58 9.24 42.73 34.59
CA ILE B 58 9.55 44.03 34.02
C ILE B 58 10.17 44.90 35.12
N GLU B 59 11.12 45.75 34.73
CA GLU B 59 11.79 46.66 35.66
C GLU B 59 11.78 48.07 35.10
N VAL B 60 11.48 49.03 35.97
CA VAL B 60 11.45 50.45 35.62
C VAL B 60 12.72 51.10 36.16
N LEU B 61 13.46 51.75 35.28
CA LEU B 61 14.75 52.36 35.62
C LEU B 61 14.59 53.87 35.70
N SER B 62 15.07 54.43 36.81
CA SER B 62 15.12 55.87 37.02
C SER B 62 16.46 56.23 37.65
N GLU B 63 16.90 57.47 37.41
CA GLU B 63 18.22 57.91 37.84
C GLU B 63 18.27 58.37 39.29
N ASP B 64 17.12 58.46 39.97
CA ASP B 64 17.10 58.93 41.35
C ASP B 64 15.95 58.27 42.09
N LYS B 65 16.06 58.28 43.42
CA LYS B 65 15.02 57.69 44.26
C LYS B 65 13.77 58.55 44.32
N GLU B 66 13.87 59.84 44.02
CA GLU B 66 12.71 60.72 44.05
C GLU B 66 11.73 60.39 42.94
N ALA B 67 12.23 60.03 41.75
CA ALA B 67 11.36 59.66 40.64
C ALA B 67 10.60 58.38 40.93
N LEU B 68 11.28 57.36 41.46
CA LEU B 68 10.61 56.10 41.80
C LEU B 68 9.71 56.26 43.02
N ALA B 69 10.00 57.21 43.90
CA ALA B 69 9.13 57.46 45.04
C ALA B 69 7.87 58.22 44.62
N SER B 70 7.98 59.11 43.64
CA SER B 70 6.85 59.91 43.19
C SER B 70 6.10 59.28 42.03
N LEU B 71 6.56 58.16 41.49
CA LEU B 71 5.78 57.44 40.49
C LEU B 71 4.53 56.83 41.12
N CYS B 72 4.73 55.96 42.13
CA CYS B 72 3.68 55.32 42.93
C CYS B 72 2.71 54.53 42.04
N LEU B 73 3.27 53.51 41.37
CA LEU B 73 2.51 52.66 40.47
C LEU B 73 1.56 51.71 41.19
N GLU B 74 1.72 51.54 42.51
CA GLU B 74 0.89 50.63 43.27
C GLU B 74 -0.56 51.11 43.38
N GLU B 75 -0.78 52.42 43.41
CA GLU B 75 -2.09 52.99 43.68
C GLU B 75 -2.81 53.48 42.42
N HIS B 76 -2.11 54.22 41.55
CA HIS B 76 -2.76 54.80 40.38
C HIS B 76 -3.10 53.76 39.32
N LEU B 77 -2.40 52.62 39.32
CA LEU B 77 -2.63 51.55 38.36
C LEU B 77 -3.47 50.43 38.94
N ALA B 78 -4.44 50.77 39.79
CA ALA B 78 -5.27 49.77 40.47
C ALA B 78 -6.46 49.34 39.63
N GLU B 79 -6.21 48.93 38.40
CA GLU B 79 -7.24 48.43 37.50
C GLU B 79 -6.99 47.03 36.99
N VAL B 80 -5.74 46.60 36.90
CA VAL B 80 -5.39 45.28 36.40
C VAL B 80 -4.61 44.50 37.46
N THR B 81 -4.93 44.76 38.74
CA THR B 81 -4.25 44.11 39.85
C THR B 81 -4.47 42.60 39.90
N ASP B 82 -5.49 42.08 39.22
CA ASP B 82 -5.66 40.64 39.10
C ASP B 82 -4.64 40.00 38.16
N TYR B 83 -3.91 40.80 37.39
CA TYR B 83 -2.88 40.31 36.49
C TYR B 83 -1.48 40.80 36.84
N VAL B 84 -1.33 42.05 37.30
CA VAL B 84 -0.03 42.63 37.59
C VAL B 84 0.10 42.75 39.10
N LYS B 85 1.33 42.64 39.60
CA LYS B 85 1.62 42.79 41.02
C LYS B 85 2.80 43.72 41.21
N VAL B 86 2.63 44.66 42.15
CA VAL B 86 3.54 45.78 42.38
C VAL B 86 4.47 45.45 43.54
N LYS B 87 5.63 46.10 43.54
CA LYS B 87 6.62 45.95 44.61
C LYS B 87 7.04 47.33 45.09
N LYS B 88 6.85 47.60 46.38
CA LYS B 88 7.32 48.85 46.98
C LYS B 88 8.66 48.59 47.67
N GLU B 89 9.65 48.30 46.84
CA GLU B 89 10.98 47.91 47.29
C GLU B 89 12.05 48.60 46.44
N ILE B 90 11.89 49.90 46.23
CA ILE B 90 12.82 50.64 45.36
C ILE B 90 14.16 50.82 46.07
N THR B 91 15.24 50.56 45.34
CA THR B 91 16.60 50.64 45.86
C THR B 91 17.54 50.85 44.68
N PHE B 92 18.83 50.67 44.93
CA PHE B 92 19.87 50.77 43.91
C PHE B 92 20.45 49.39 43.64
N THR B 93 20.55 49.04 42.35
CA THR B 93 21.09 47.76 41.93
C THR B 93 22.14 47.97 40.86
N ASP B 94 23.10 47.04 40.80
CA ASP B 94 24.19 47.09 39.84
C ASP B 94 24.04 46.04 38.74
N ASP B 95 22.82 45.57 38.50
CA ASP B 95 22.54 44.54 37.50
C ASP B 95 21.49 45.02 36.52
N TYR B 96 21.67 46.24 36.01
CA TYR B 96 20.72 46.85 35.09
C TYR B 96 21.26 46.78 33.66
N VAL B 97 20.39 46.41 32.73
CA VAL B 97 20.70 46.33 31.31
C VAL B 97 19.82 47.34 30.58
N LEU B 98 20.42 48.15 29.73
CA LEU B 98 19.69 49.22 29.07
C LEU B 98 19.19 48.79 27.69
N PHE B 99 18.18 49.50 27.21
CA PHE B 99 17.46 49.14 26.01
C PHE B 99 17.26 50.38 25.14
N LYS B 100 17.39 50.21 23.83
CA LYS B 100 17.20 51.29 22.86
C LYS B 100 16.07 50.93 21.91
N ARG B 101 15.56 51.95 21.22
CA ARG B 101 14.47 51.78 20.26
C ARG B 101 15.03 51.74 18.84
N ILE B 102 14.66 50.69 18.10
CA ILE B 102 15.02 50.55 16.70
C ILE B 102 13.73 50.40 15.90
N ARG B 103 13.61 51.16 14.81
CA ARG B 103 12.39 51.18 14.01
C ARG B 103 12.77 51.09 12.54
N GLU B 104 12.09 50.18 11.81
CA GLU B 104 12.28 50.07 10.36
C GLU B 104 10.96 49.55 9.78
N GLU B 105 10.17 50.46 9.22
CA GLU B 105 8.89 50.13 8.62
C GLU B 105 9.03 50.10 7.10
N ASN B 106 7.98 49.58 6.44
CA ASN B 106 7.97 49.47 4.99
C ASN B 106 7.90 50.86 4.36
N GLN B 107 8.64 51.04 3.26
CA GLN B 107 8.85 52.34 2.65
C GLN B 107 8.67 52.27 1.14
N TYR B 108 7.58 51.66 0.68
CA TYR B 108 7.28 51.69 -0.76
C TYR B 108 6.57 53.00 -1.12
N GLU B 109 5.35 53.16 -0.64
CA GLU B 109 4.55 54.33 -0.96
C GLU B 109 4.65 55.42 0.09
N THR B 110 5.33 55.16 1.20
CA THR B 110 5.62 56.21 2.17
C THR B 110 6.63 57.19 1.63
N THR B 111 7.62 56.71 0.87
CA THR B 111 8.64 57.56 0.27
C THR B 111 8.73 57.38 -1.24
N ALA B 112 7.70 56.78 -1.87
CA ALA B 112 7.63 56.80 -3.33
C ALA B 112 7.51 58.22 -3.85
N ARG B 113 6.73 59.07 -3.17
CA ARG B 113 6.60 60.47 -3.55
C ARG B 113 7.93 61.22 -3.36
N ARG B 114 8.67 60.91 -2.29
CA ARG B 114 9.97 61.54 -2.08
C ARG B 114 10.99 61.07 -3.10
N MET B 115 10.92 59.80 -3.50
CA MET B 115 11.86 59.29 -4.50
C MET B 115 11.54 59.79 -5.90
N ARG B 116 10.27 60.03 -6.20
CA ARG B 116 9.92 60.69 -7.45
C ARG B 116 10.07 62.21 -7.37
N LYS B 117 10.27 62.76 -6.16
CA LYS B 117 10.41 64.20 -5.97
C LYS B 117 11.84 64.63 -5.69
N ARG B 118 12.49 64.05 -4.68
CA ARG B 118 13.82 64.54 -4.28
C ARG B 118 14.91 63.98 -5.18
N GLY B 119 15.08 62.66 -5.19
CA GLY B 119 16.10 62.05 -6.03
C GLY B 119 15.63 60.75 -6.66
N HIS B 120 15.66 60.69 -7.99
CA HIS B 120 15.11 59.57 -8.74
C HIS B 120 16.22 58.71 -9.34
N THR B 121 16.07 57.40 -9.21
CA THR B 121 16.98 56.44 -9.82
C THR B 121 16.20 55.16 -10.09
N GLU B 122 16.78 54.29 -10.91
CA GLU B 122 16.12 53.05 -11.28
C GLU B 122 16.18 52.07 -10.11
N LEU B 123 15.00 51.60 -9.67
CA LEU B 123 14.88 50.83 -8.45
C LEU B 123 14.37 49.41 -8.70
N GLY B 124 14.56 48.88 -9.91
CA GLY B 124 13.94 47.62 -10.26
C GLY B 124 14.50 46.40 -9.56
N ARG B 125 15.71 45.97 -9.93
CA ARG B 125 16.33 44.83 -9.26
C ARG B 125 16.96 45.19 -7.91
N PRO B 126 18.01 46.08 -7.83
CA PRO B 126 18.86 46.05 -6.63
C PRO B 126 18.31 46.76 -5.40
N LEU B 127 17.59 47.86 -5.58
CA LEU B 127 17.30 48.76 -4.47
C LEU B 127 15.99 48.42 -3.75
N GLU B 128 14.92 48.13 -4.51
CA GLU B 128 13.66 47.70 -3.90
C GLU B 128 13.82 46.37 -3.16
N MET B 129 14.68 45.49 -3.69
CA MET B 129 15.04 44.26 -2.99
C MET B 129 15.72 44.56 -1.66
N HIS B 130 16.41 45.69 -1.57
CA HIS B 130 17.00 46.15 -0.32
C HIS B 130 15.95 46.58 0.71
N ILE B 131 14.70 46.76 0.32
CA ILE B 131 13.68 47.21 1.28
C ILE B 131 13.25 46.06 2.19
N LYS B 132 12.72 44.98 1.60
CA LYS B 132 12.12 43.91 2.38
C LYS B 132 13.14 43.15 3.21
N LYS B 133 14.38 43.04 2.72
CA LYS B 133 15.46 42.49 3.54
C LYS B 133 15.71 43.37 4.76
N LYS B 134 15.69 44.69 4.57
CA LYS B 134 15.74 45.62 5.68
C LYS B 134 14.49 45.52 6.56
N ASN B 135 13.40 45.00 6.01
CA ASN B 135 12.19 44.72 6.77
C ASN B 135 12.10 43.26 7.20
N GLN B 136 13.19 42.50 7.11
CA GLN B 136 13.18 41.10 7.49
C GLN B 136 13.99 40.81 8.75
N GLN B 137 15.23 41.29 8.82
CA GLN B 137 16.12 40.99 9.94
C GLN B 137 15.56 41.52 11.25
N ILE B 138 15.22 42.82 11.28
CA ILE B 138 14.55 43.40 12.43
C ILE B 138 13.17 42.81 12.64
N PHE B 139 12.58 42.19 11.61
CA PHE B 139 11.34 41.47 11.78
C PHE B 139 11.51 40.27 12.71
N CYS B 140 12.63 39.57 12.62
CA CYS B 140 12.86 38.40 13.47
C CYS B 140 13.42 38.87 14.80
N HIS B 141 12.52 39.38 15.64
CA HIS B 141 12.87 40.04 16.87
C HIS B 141 11.62 40.13 17.73
N ALA B 142 11.81 40.24 19.05
CA ALA B 142 10.70 40.44 19.96
C ALA B 142 10.14 41.85 19.79
N TYR B 143 8.90 41.96 19.35
CA TYR B 143 8.27 43.23 19.05
C TYR B 143 7.23 43.59 20.10
N ILE B 144 6.75 44.82 20.02
CA ILE B 144 5.63 45.32 20.82
C ILE B 144 4.70 46.07 19.89
N LYS B 145 3.41 45.75 19.93
CA LYS B 145 2.41 46.39 19.10
C LYS B 145 1.66 47.44 19.91
N VAL B 146 1.75 48.70 19.49
CA VAL B 146 1.10 49.80 20.21
C VAL B 146 0.15 50.52 19.27
N LYS B 147 -0.49 51.58 19.78
CA LYS B 147 -1.48 52.34 19.04
C LYS B 147 -1.07 53.81 19.01
N SER B 148 -1.32 54.47 17.88
CA SER B 148 -1.02 55.89 17.73
C SER B 148 -2.18 56.72 18.31
N ALA B 149 -2.08 58.04 18.14
CA ALA B 149 -3.09 58.95 18.67
C ALA B 149 -3.64 59.88 17.61
N SER B 150 -2.78 60.33 16.68
CA SER B 150 -3.22 61.26 15.65
C SER B 150 -4.07 60.56 14.59
N THR B 151 -3.47 59.62 13.87
CA THR B 151 -4.18 58.79 12.91
C THR B 151 -4.21 57.36 13.46
N GLY B 152 -5.42 56.85 13.70
CA GLY B 152 -5.57 55.59 14.38
C GLY B 152 -5.10 54.37 13.61
N GLN B 153 -3.96 53.81 14.03
CA GLN B 153 -3.38 52.64 13.40
C GLN B 153 -2.40 52.01 14.38
N SER B 154 -2.24 50.69 14.26
CA SER B 154 -1.27 49.94 15.03
C SER B 154 -0.02 49.70 14.20
N TYR B 155 1.10 49.46 14.89
CA TYR B 155 2.37 49.22 14.22
C TYR B 155 3.28 48.44 15.15
N ASN B 156 4.48 48.14 14.67
CA ASN B 156 5.46 47.34 15.37
C ASN B 156 6.59 48.23 15.88
N ILE B 157 6.99 48.04 17.14
CA ILE B 157 8.17 48.68 17.70
C ILE B 157 9.10 47.60 18.22
N PHE B 158 10.37 47.66 17.82
CA PHE B 158 11.37 46.69 18.21
C PHE B 158 12.31 47.31 19.24
N LEU B 159 12.58 46.57 20.31
CA LEU B 159 13.34 47.06 21.46
C LEU B 159 14.66 46.28 21.54
N ALA B 160 15.76 46.93 21.17
CA ALA B 160 17.00 46.16 21.15
C ALA B 160 17.85 46.44 22.38
N PRO B 161 18.44 45.41 22.99
CA PRO B 161 19.32 45.65 24.15
C PRO B 161 20.60 46.34 23.75
N THR B 162 21.20 47.06 24.70
CA THR B 162 22.39 47.86 24.42
C THR B 162 23.32 47.83 25.61
N ASP B 163 24.55 48.28 25.38
CA ASP B 163 25.55 48.39 26.44
C ASP B 163 25.71 49.82 26.95
N ILE B 164 24.90 50.76 26.47
CA ILE B 164 24.98 52.16 26.91
C ILE B 164 24.16 52.31 28.18
N LYS B 165 24.81 52.15 29.33
CA LYS B 165 24.12 52.16 30.62
C LYS B 165 23.69 53.55 31.07
N HIS B 166 24.15 54.60 30.41
CA HIS B 166 23.81 55.96 30.79
C HIS B 166 23.37 56.75 29.57
N GLY B 167 22.53 57.75 29.80
CA GLY B 167 22.05 58.60 28.73
C GLY B 167 20.64 59.06 29.02
N SER B 168 20.07 59.77 28.04
CA SER B 168 18.72 60.30 28.15
C SER B 168 17.72 59.28 27.58
N PHE B 169 16.44 59.61 27.68
CA PHE B 169 15.36 58.72 27.26
C PHE B 169 14.41 59.48 26.33
N SER B 170 13.42 58.76 25.81
CA SER B 170 12.45 59.32 24.90
C SER B 170 11.03 59.05 25.38
N ALA B 171 10.04 59.30 24.52
CA ALA B 171 8.64 59.08 24.89
C ALA B 171 8.34 57.61 25.13
N TYR B 172 9.01 56.72 24.40
CA TYR B 172 8.84 55.28 24.59
C TYR B 172 9.71 54.73 25.73
N GLY B 173 10.45 55.58 26.42
CA GLY B 173 11.33 55.12 27.47
C GLY B 173 12.63 54.55 26.98
N LEU B 174 13.01 54.82 25.73
CA LEU B 174 14.21 54.26 25.13
C LEU B 174 15.05 55.40 24.54
N LEU B 175 16.10 55.05 23.79
CA LEU B 175 16.90 56.06 23.11
C LEU B 175 17.54 55.49 21.85
N LEU D 12 72.44 -9.17 -0.03
CA LEU D 12 71.18 -9.90 -0.17
C LEU D 12 71.15 -10.60 -1.53
N LYS D 13 70.54 -11.78 -1.57
CA LYS D 13 70.59 -12.63 -2.76
C LYS D 13 69.22 -12.95 -3.36
N SER D 14 68.15 -12.94 -2.57
CA SER D 14 66.86 -13.39 -3.07
C SER D 14 65.73 -12.62 -2.40
N ARG D 15 64.56 -12.69 -3.03
CA ARG D 15 63.36 -12.07 -2.48
C ARG D 15 62.90 -12.83 -1.23
N PRO D 16 62.18 -12.16 -0.33
CA PRO D 16 61.77 -12.82 0.92
C PRO D 16 60.78 -13.95 0.70
N GLU D 17 60.61 -14.76 1.75
CA GLU D 17 59.74 -15.92 1.68
C GLU D 17 58.26 -15.54 1.74
N ASN D 18 57.93 -14.36 2.27
CA ASN D 18 56.53 -13.92 2.34
C ASN D 18 56.51 -12.41 2.23
N LEU D 19 56.26 -11.90 1.03
CA LEU D 19 56.14 -10.47 0.78
C LEU D 19 54.73 -10.18 0.30
N SER D 20 54.10 -9.17 0.89
CA SER D 20 52.75 -8.80 0.52
C SER D 20 52.63 -7.28 0.49
N PHE D 21 51.91 -6.78 -0.52
CA PHE D 21 51.71 -5.35 -0.71
C PHE D 21 50.22 -5.06 -0.80
N ALA D 22 49.77 -4.06 -0.06
CA ALA D 22 48.40 -3.59 -0.18
C ALA D 22 48.27 -2.67 -1.38
N ARG D 23 47.12 -2.73 -2.06
CA ARG D 23 46.91 -1.89 -3.22
C ARG D 23 46.75 -0.43 -2.77
N CYS D 24 47.32 0.47 -3.56
CA CYS D 24 47.34 1.88 -3.22
C CYS D 24 46.23 2.66 -3.92
N LEU D 25 45.41 2.00 -4.72
CA LEU D 25 44.28 2.63 -5.41
C LEU D 25 43.09 1.69 -5.26
N ASN D 26 42.34 1.87 -4.17
CA ASN D 26 41.20 1.01 -3.86
C ASN D 26 39.93 1.70 -4.33
N THR D 27 39.34 1.20 -5.40
CA THR D 27 38.10 1.75 -5.92
C THR D 27 36.91 0.95 -5.42
N THR D 28 35.79 1.64 -5.23
CA THR D 28 34.55 0.99 -4.85
C THR D 28 33.72 0.70 -6.09
N GLU D 29 32.73 -0.16 -5.91
CA GLU D 29 31.84 -0.49 -7.02
C GLU D 29 30.89 0.67 -7.30
N ALA D 30 30.60 0.88 -8.58
CA ALA D 30 29.75 1.98 -9.01
C ALA D 30 28.31 1.54 -9.15
N LYS D 31 27.41 2.52 -9.22
CA LYS D 31 26.00 2.26 -9.42
C LYS D 31 25.46 3.24 -10.46
N PHE D 32 24.51 2.76 -11.27
CA PHE D 32 24.00 3.51 -12.40
C PHE D 32 22.74 4.27 -12.02
N TRP D 33 22.55 5.42 -12.66
CA TRP D 33 21.32 6.18 -12.57
C TRP D 33 21.10 6.87 -13.91
N GLN D 34 19.84 7.11 -14.26
CA GLN D 34 19.50 7.70 -15.54
C GLN D 34 18.99 9.12 -15.36
N THR D 35 19.46 10.02 -16.20
CA THR D 35 19.14 11.44 -16.12
C THR D 35 19.36 12.05 -17.50
N ASP D 36 18.87 13.28 -17.67
CA ASP D 36 19.02 13.99 -18.93
C ASP D 36 20.32 14.80 -18.93
N PHE D 37 20.50 15.66 -19.93
CA PHE D 37 21.66 16.54 -19.96
C PHE D 37 21.33 17.98 -19.62
N LEU D 38 20.07 18.34 -19.50
CA LEU D 38 19.70 19.65 -18.99
C LEU D 38 19.23 19.61 -17.55
N LYS D 39 19.19 18.43 -16.94
CA LYS D 39 18.72 18.26 -15.57
C LYS D 39 19.64 17.29 -14.84
N ARG D 40 20.94 17.49 -15.02
CA ARG D 40 21.94 16.50 -14.60
C ARG D 40 22.11 16.50 -13.08
N HIS D 41 22.55 17.64 -12.54
CA HIS D 41 22.72 17.76 -11.09
C HIS D 41 21.39 17.93 -10.37
N THR D 42 20.30 18.18 -11.09
CA THR D 42 19.02 18.49 -10.45
C THR D 42 18.32 17.22 -9.98
N PHE D 43 17.95 16.34 -10.90
CA PHE D 43 17.21 15.14 -10.54
C PHE D 43 17.85 13.90 -11.17
N LYS D 44 17.42 12.75 -10.69
CA LYS D 44 18.19 11.52 -10.83
C LYS D 44 17.29 10.34 -10.50
N LEU D 45 17.13 9.41 -11.45
CA LEU D 45 16.18 8.31 -11.38
C LEU D 45 16.92 6.98 -11.25
N PRO D 46 16.34 5.99 -10.55
CA PRO D 46 16.98 4.68 -10.47
C PRO D 46 16.87 3.92 -11.78
N LEU D 47 17.91 3.17 -12.09
CA LEU D 47 18.00 2.41 -13.34
C LEU D 47 17.91 0.93 -13.00
N LEU D 48 16.70 0.40 -12.98
CA LEU D 48 16.48 -0.99 -12.61
C LEU D 48 16.87 -1.90 -13.78
N ILE D 49 17.25 -3.13 -13.44
CA ILE D 49 17.54 -4.14 -14.44
C ILE D 49 16.22 -4.85 -14.77
N THR D 50 15.79 -4.75 -16.02
CA THR D 50 14.57 -5.40 -16.45
C THR D 50 14.92 -6.77 -17.02
N ASP D 51 13.94 -7.44 -17.63
CA ASP D 51 14.13 -8.79 -18.12
C ASP D 51 13.45 -8.92 -19.47
N LYS D 52 13.88 -9.92 -20.24
CA LYS D 52 13.54 -10.01 -21.65
C LYS D 52 13.34 -11.47 -22.04
N ALA D 53 12.83 -11.67 -23.24
CA ALA D 53 12.69 -13.00 -23.85
C ALA D 53 13.66 -13.10 -25.03
N VAL D 54 14.39 -14.21 -25.09
CA VAL D 54 15.45 -14.41 -26.08
C VAL D 54 15.34 -15.83 -26.62
N LEU D 55 15.35 -15.98 -27.94
CA LEU D 55 15.45 -17.31 -28.54
C LEU D 55 16.61 -17.35 -29.54
N GLN D 77 15.14 -18.15 -23.86
CA GLN D 77 16.17 -17.95 -22.85
C GLN D 77 15.75 -16.86 -21.87
N LYS D 78 16.38 -16.86 -20.70
CA LYS D 78 16.06 -15.94 -19.62
C LYS D 78 17.23 -14.98 -19.50
N SER D 79 17.19 -13.91 -20.31
CA SER D 79 18.32 -12.99 -20.43
C SER D 79 18.00 -11.69 -19.70
N GLN D 80 18.91 -11.29 -18.81
CA GLN D 80 18.78 -10.03 -18.11
C GLN D 80 19.38 -8.91 -18.93
N SER D 81 18.61 -7.86 -19.17
CA SER D 81 19.06 -6.72 -19.95
C SER D 81 18.67 -5.43 -19.24
N CYS D 82 19.36 -4.35 -19.59
CA CYS D 82 19.09 -3.04 -19.00
C CYS D 82 19.06 -2.00 -20.11
N THR D 83 18.16 -1.03 -19.97
CA THR D 83 18.01 0.03 -20.94
C THR D 83 17.45 1.27 -20.23
N LEU D 84 17.62 2.41 -20.87
CA LEU D 84 17.13 3.66 -20.30
C LEU D 84 15.61 3.74 -20.46
N SER D 85 15.01 4.68 -19.76
CA SER D 85 13.60 4.93 -19.97
C SER D 85 13.41 5.72 -21.27
N THR D 86 12.16 5.83 -21.71
CA THR D 86 11.87 6.61 -22.90
C THR D 86 11.93 8.11 -22.64
N GLU D 87 11.97 8.54 -21.38
CA GLU D 87 12.02 9.95 -21.01
C GLU D 87 13.35 10.32 -20.38
N CYS D 88 14.44 9.71 -20.84
CA CYS D 88 15.78 10.01 -20.34
C CYS D 88 16.74 10.01 -21.51
N ASP D 89 17.90 10.62 -21.35
CA ASP D 89 18.82 10.73 -22.48
C ASP D 89 20.23 10.26 -22.14
N THR D 90 20.69 10.58 -20.95
CA THR D 90 22.04 10.20 -20.54
C THR D 90 21.95 9.13 -19.45
N LEU D 91 23.11 8.75 -18.91
CA LEU D 91 23.17 7.94 -17.71
C LEU D 91 24.27 8.47 -16.80
N ARG D 92 24.17 8.13 -15.52
CA ARG D 92 25.04 8.70 -14.49
C ARG D 92 25.74 7.57 -13.75
N ILE D 93 27.05 7.70 -13.59
CA ILE D 93 27.86 6.72 -12.87
C ILE D 93 28.70 7.43 -11.81
N ASP D 94 28.57 6.98 -10.55
CA ASP D 94 29.31 7.53 -9.43
C ASP D 94 30.16 6.43 -8.80
N PHE D 95 31.44 6.73 -8.53
CA PHE D 95 32.27 5.79 -7.80
C PHE D 95 33.40 6.52 -7.08
N GLY D 96 33.96 5.86 -6.07
CA GLY D 96 34.94 6.47 -5.21
C GLY D 96 36.26 5.72 -5.21
N ILE D 97 37.35 6.47 -5.03
CA ILE D 97 38.71 5.96 -5.00
C ILE D 97 39.33 6.32 -3.66
N LYS D 98 40.12 5.41 -3.10
CA LYS D 98 40.88 5.66 -1.88
C LYS D 98 42.35 5.37 -2.15
N VAL D 99 43.21 6.30 -1.73
CA VAL D 99 44.64 6.24 -2.00
C VAL D 99 45.38 6.10 -0.67
N LEU D 100 46.30 5.14 -0.61
CA LEU D 100 47.18 4.84 0.51
C LEU D 100 48.64 4.92 0.07
N PRO D 101 49.56 5.29 0.96
CA PRO D 101 50.97 5.37 0.56
C PRO D 101 51.58 4.01 0.29
N VAL D 102 52.50 3.97 -0.67
CA VAL D 102 53.19 2.72 -1.00
C VAL D 102 54.22 2.34 0.06
N LYS D 103 54.84 3.33 0.71
CA LYS D 103 55.83 3.08 1.76
C LYS D 103 55.20 2.43 2.98
N GLU D 104 54.06 2.95 3.43
CA GLU D 104 53.42 2.44 4.63
C GLU D 104 52.71 1.11 4.39
N SER D 105 52.11 0.92 3.22
CA SER D 105 51.28 -0.26 2.96
C SER D 105 52.17 -1.43 2.54
N MET D 106 52.97 -1.90 3.48
CA MET D 106 53.71 -3.16 3.38
C MET D 106 53.13 -4.06 4.45
N TYR D 107 52.26 -4.99 4.05
CA TYR D 107 51.50 -5.75 5.03
C TYR D 107 52.33 -6.84 5.67
N SER D 108 53.22 -7.48 4.92
CA SER D 108 54.00 -8.59 5.46
C SER D 108 55.33 -8.67 4.73
N CYS D 109 56.42 -8.48 5.45
CA CYS D 109 57.76 -8.71 4.95
C CYS D 109 58.53 -9.52 5.98
N SER D 110 59.17 -10.60 5.52
CA SER D 110 59.90 -11.51 6.40
C SER D 110 61.39 -11.21 6.43
N ASP D 111 61.77 -9.94 6.26
CA ASP D 111 63.17 -9.55 6.24
C ASP D 111 63.28 -8.09 6.69
N TYR D 112 64.49 -7.72 7.09
CA TYR D 112 64.81 -6.33 7.45
C TYR D 112 65.74 -5.67 6.45
N ASN D 113 66.72 -6.42 5.92
CA ASN D 113 67.62 -5.88 4.91
C ASN D 113 66.87 -5.53 3.64
N TYR D 114 65.96 -6.40 3.20
CA TYR D 114 65.17 -6.14 2.00
C TYR D 114 64.22 -4.98 2.21
N ARG D 115 63.62 -4.88 3.42
CA ARG D 115 62.73 -3.78 3.73
C ARG D 115 63.48 -2.44 3.71
N THR D 116 64.67 -2.40 4.32
CA THR D 116 65.45 -1.18 4.30
C THR D 116 65.97 -0.85 2.91
N ALA D 117 66.28 -1.86 2.10
CA ALA D 117 66.74 -1.62 0.74
C ALA D 117 65.64 -1.02 -0.13
N ILE D 118 64.43 -1.57 -0.06
CA ILE D 118 63.35 -1.02 -0.87
C ILE D 118 62.86 0.30 -0.29
N TYR D 119 63.03 0.51 1.02
CA TYR D 119 62.73 1.81 1.61
C TYR D 119 63.68 2.87 1.07
N GLN D 120 64.97 2.54 0.99
CA GLN D 120 65.95 3.48 0.44
C GLN D 120 65.71 3.73 -1.04
N LYS D 121 65.31 2.70 -1.78
CA LYS D 121 64.97 2.88 -3.19
C LYS D 121 63.75 3.78 -3.36
N ILE D 122 62.75 3.63 -2.48
CA ILE D 122 61.55 4.47 -2.54
C ILE D 122 61.89 5.91 -2.21
N ASP D 123 62.73 6.15 -1.19
CA ASP D 123 63.16 7.52 -0.89
C ASP D 123 64.01 8.12 -2.01
N GLU D 124 64.83 7.30 -2.67
CA GLU D 124 65.58 7.77 -3.83
C GLU D 124 64.65 8.18 -4.96
N TYR D 125 63.60 7.38 -5.21
CA TYR D 125 62.66 7.69 -6.27
C TYR D 125 61.82 8.93 -5.95
N ILE D 126 61.52 9.15 -4.66
CA ILE D 126 60.85 10.38 -4.25
C ILE D 126 61.77 11.57 -4.47
N ALA D 127 63.06 11.42 -4.14
CA ALA D 127 64.00 12.52 -4.29
C ALA D 127 64.24 12.87 -5.76
N GLU D 128 64.30 11.87 -6.64
CA GLU D 128 64.68 12.14 -8.02
C GLU D 128 63.49 12.46 -8.92
N ASP D 129 62.30 11.95 -8.64
CA ASP D 129 61.16 12.22 -9.50
C ASP D 129 59.94 12.72 -8.75
N GLY D 130 59.69 12.20 -7.56
CA GLY D 130 58.55 12.64 -6.77
C GLY D 130 57.24 11.96 -7.08
N PHE D 131 57.28 10.79 -7.73
CA PHE D 131 56.10 9.99 -8.10
C PHE D 131 55.10 10.78 -8.95
N LEU D 132 55.58 11.66 -9.82
CA LEU D 132 54.69 12.50 -10.60
C LEU D 132 54.44 12.00 -12.00
N THR D 133 55.45 11.39 -12.64
CA THR D 133 55.28 10.84 -13.98
C THR D 133 54.33 9.64 -14.01
N LEU D 134 54.12 8.99 -12.88
CA LEU D 134 53.09 7.95 -12.81
C LEU D 134 51.72 8.54 -12.55
N ALA D 135 51.64 9.51 -11.61
CA ALA D 135 50.36 10.07 -11.21
C ALA D 135 49.72 10.90 -12.31
N LYS D 136 50.54 11.54 -13.16
CA LYS D 136 50.01 12.29 -14.28
C LYS D 136 49.27 11.38 -15.26
N ARG D 137 49.80 10.20 -15.50
CA ARG D 137 49.12 9.24 -16.37
C ARG D 137 47.97 8.53 -15.65
N TYR D 138 48.10 8.31 -14.34
CA TYR D 138 47.01 7.74 -13.55
C TYR D 138 45.77 8.65 -13.55
N VAL D 139 45.97 9.97 -13.64
CA VAL D 139 44.84 10.88 -13.79
C VAL D 139 44.54 11.20 -15.26
N ASN D 140 45.48 10.93 -16.17
CA ASN D 140 45.17 10.96 -17.60
C ASN D 140 44.14 9.91 -17.96
N ASN D 141 44.17 8.77 -17.27
CA ASN D 141 43.21 7.70 -17.52
C ASN D 141 41.78 8.14 -17.20
N ILE D 142 41.59 8.80 -16.07
CA ILE D 142 40.25 9.24 -15.69
C ILE D 142 39.89 10.53 -16.42
N ALA D 143 40.88 11.25 -16.96
CA ALA D 143 40.59 12.43 -17.76
C ALA D 143 39.84 12.08 -19.04
N ASN D 144 40.22 10.99 -19.71
CA ASN D 144 39.55 10.57 -20.94
C ASN D 144 38.35 9.69 -20.68
N ALA D 145 38.04 9.39 -19.42
CA ALA D 145 36.87 8.60 -18.98
C ALA D 145 36.86 7.22 -19.63
N ARG D 146 37.95 6.48 -19.43
CA ARG D 146 38.05 5.14 -19.99
C ARG D 146 37.26 4.10 -19.21
N PHE D 147 36.74 4.45 -18.02
CA PHE D 147 36.07 3.46 -17.18
C PHE D 147 34.68 3.10 -17.68
N LEU D 148 34.14 3.85 -18.64
CA LEU D 148 32.91 3.49 -19.34
C LEU D 148 33.32 2.84 -20.65
N TRP D 149 33.35 1.51 -20.67
CA TRP D 149 34.05 0.78 -21.74
C TRP D 149 33.24 0.70 -23.02
N ARG D 150 32.13 -0.05 -22.99
CA ARG D 150 31.23 -0.13 -24.13
C ARG D 150 30.20 0.98 -24.10
N ASN D 151 30.19 1.76 -23.03
CA ASN D 151 29.35 2.93 -22.89
C ASN D 151 29.93 4.12 -23.64
N ARG D 152 31.22 4.09 -23.96
CA ARG D 152 31.88 5.20 -24.64
C ARG D 152 31.51 5.27 -26.11
N LYS D 153 31.44 4.13 -26.78
CA LYS D 153 31.20 4.10 -28.22
C LYS D 153 29.76 4.49 -28.52
N GLY D 154 29.61 5.45 -29.43
CA GLY D 154 28.31 5.97 -29.80
C GLY D 154 27.80 7.06 -28.90
N ALA D 155 28.53 7.41 -27.84
CA ALA D 155 28.10 8.49 -26.96
C ALA D 155 28.25 9.84 -27.66
N GLU D 156 27.39 10.79 -27.29
CA GLU D 156 27.44 12.11 -27.90
C GLU D 156 28.41 13.03 -27.16
N ILE D 157 28.17 13.27 -25.86
CA ILE D 157 29.00 14.17 -25.07
C ILE D 157 29.15 13.63 -23.65
N ILE D 158 30.31 13.91 -23.06
CA ILE D 158 30.73 13.36 -21.76
C ILE D 158 31.01 14.52 -20.82
N GLU D 159 30.73 14.33 -19.54
CA GLU D 159 30.92 15.38 -18.54
C GLU D 159 31.52 14.77 -17.26
N THR D 160 32.70 14.16 -17.39
CA THR D 160 33.33 13.53 -16.22
C THR D 160 33.77 14.57 -15.21
N ILE D 161 33.25 14.47 -14.00
CA ILE D 161 33.50 15.42 -12.92
C ILE D 161 34.22 14.69 -11.79
N VAL D 162 35.34 15.25 -11.34
CA VAL D 162 36.16 14.64 -10.30
C VAL D 162 36.16 15.59 -9.10
N THR D 163 35.80 15.07 -7.92
CA THR D 163 35.65 15.88 -6.74
C THR D 163 36.36 15.21 -5.57
N ILE D 164 37.28 15.95 -4.93
CA ILE D 164 37.85 15.56 -3.66
C ILE D 164 36.97 16.15 -2.56
N GLU D 165 37.00 15.51 -1.38
CA GLU D 165 36.07 15.82 -0.30
C GLU D 165 36.22 17.23 0.27
N ASP D 166 37.33 17.92 -0.02
CA ASP D 166 37.52 19.29 0.41
C ASP D 166 37.53 20.29 -0.73
N LYS D 167 37.89 19.87 -1.95
CA LYS D 167 38.04 20.78 -3.07
C LYS D 167 37.30 20.25 -4.28
N GLU D 168 36.44 21.07 -4.86
CA GLU D 168 35.78 20.75 -6.12
C GLU D 168 36.65 21.19 -7.29
N TYR D 169 36.46 20.53 -8.43
CA TYR D 169 37.30 20.76 -9.60
C TYR D 169 36.46 21.02 -10.82
N PRO D 170 36.98 21.75 -11.81
CA PRO D 170 36.25 21.92 -13.07
C PRO D 170 36.13 20.61 -13.83
N SER D 171 35.05 20.51 -14.60
CA SER D 171 34.81 19.32 -15.41
C SER D 171 35.64 19.37 -16.69
N PHE D 172 35.54 18.29 -17.47
CA PHE D 172 36.22 18.21 -18.76
C PHE D 172 35.45 17.26 -19.68
N ASN D 173 35.68 17.44 -20.98
CA ASN D 173 35.02 16.64 -22.00
C ASN D 173 35.95 15.50 -22.44
N SER D 174 35.45 14.27 -22.35
CA SER D 174 36.27 13.10 -22.64
C SER D 174 36.44 12.82 -24.12
N LYS D 175 35.72 13.52 -24.99
CA LYS D 175 35.90 13.32 -26.42
C LYS D 175 37.11 14.07 -26.97
N SER D 176 37.66 15.02 -26.21
CA SER D 176 38.83 15.79 -26.63
C SER D 176 40.14 15.12 -26.23
N PHE D 177 40.10 13.98 -25.57
CA PHE D 177 41.28 13.25 -25.17
C PHE D 177 41.36 11.94 -25.94
N ASN D 178 42.48 11.71 -26.60
CA ASN D 178 42.68 10.46 -27.31
C ASN D 178 42.98 9.33 -26.32
N LEU D 179 42.71 8.10 -26.75
CA LEU D 179 42.92 6.94 -25.91
C LEU D 179 44.35 6.43 -25.96
N ASP D 180 45.22 7.05 -26.75
CA ASP D 180 46.63 6.71 -26.80
C ASP D 180 47.55 7.90 -26.56
N THR D 181 47.17 9.08 -27.06
CA THR D 181 47.97 10.29 -26.88
C THR D 181 47.68 10.85 -25.49
N PHE D 182 48.62 10.67 -24.58
CA PHE D 182 48.46 11.16 -23.22
C PHE D 182 48.71 12.66 -23.16
N VAL D 183 48.25 13.27 -22.06
CA VAL D 183 48.42 14.69 -21.82
C VAL D 183 49.28 14.85 -20.57
N GLU D 184 50.44 15.47 -20.72
CA GLU D 184 51.35 15.71 -19.60
C GLU D 184 51.55 17.19 -19.32
N ASP D 185 50.65 18.05 -19.84
CA ASP D 185 50.83 19.49 -19.70
C ASP D 185 49.52 20.20 -19.41
N ASN D 186 48.61 19.53 -18.69
CA ASN D 186 47.34 20.14 -18.34
C ASN D 186 47.44 20.81 -16.97
N ALA D 187 46.34 21.41 -16.53
CA ALA D 187 46.30 22.13 -15.26
C ALA D 187 45.64 21.30 -14.16
N THR D 188 44.39 20.87 -14.38
CA THR D 188 43.69 20.06 -13.39
C THR D 188 44.34 18.70 -13.23
N ILE D 189 44.82 18.13 -14.34
CA ILE D 189 45.59 16.89 -14.33
C ILE D 189 46.85 17.06 -13.47
N ASN D 190 47.55 18.18 -13.64
CA ASN D 190 48.76 18.43 -12.87
C ASN D 190 48.46 18.61 -11.38
N GLU D 191 47.37 19.32 -11.06
CA GLU D 191 47.03 19.57 -9.66
C GLU D 191 46.63 18.29 -8.94
N ILE D 192 45.76 17.49 -9.56
CA ILE D 192 45.31 16.25 -8.93
C ILE D 192 46.46 15.24 -8.88
N ALA D 193 47.30 15.20 -9.92
CA ALA D 193 48.44 14.30 -9.93
C ALA D 193 49.46 14.65 -8.85
N GLN D 194 49.69 15.95 -8.61
CA GLN D 194 50.58 16.34 -7.53
C GLN D 194 49.98 16.03 -6.17
N GLN D 195 48.68 16.30 -5.99
CA GLN D 195 48.03 16.07 -4.70
C GLN D 195 47.94 14.58 -4.38
N ILE D 196 47.91 13.72 -5.39
CA ILE D 196 47.98 12.27 -5.14
C ILE D 196 49.42 11.77 -5.10
N ALA D 197 50.38 12.50 -5.69
CA ALA D 197 51.77 12.09 -5.61
C ALA D 197 52.35 12.39 -4.23
N ASP D 198 51.81 13.38 -3.52
CA ASP D 198 52.20 13.57 -2.12
C ASP D 198 51.79 12.36 -1.27
N THR D 199 50.59 11.82 -1.50
CA THR D 199 50.15 10.64 -0.77
C THR D 199 50.96 9.42 -1.19
N PHE D 200 51.31 9.31 -2.47
CA PHE D 200 52.16 8.22 -2.94
C PHE D 200 53.55 8.30 -2.34
N ALA D 201 54.08 9.51 -2.16
CA ALA D 201 55.39 9.65 -1.53
C ALA D 201 55.33 9.32 -0.04
N GLY D 202 54.30 9.79 0.64
CA GLY D 202 54.16 9.53 2.07
C GLY D 202 53.95 10.78 2.89
N LYS D 203 53.64 11.89 2.22
CA LYS D 203 53.38 13.14 2.93
C LYS D 203 52.08 13.06 3.71
N ARG D 204 51.02 12.55 3.10
CA ARG D 204 49.76 12.30 3.76
C ARG D 204 49.64 10.82 4.09
N GLU D 205 48.47 10.41 4.57
CA GLU D 205 48.22 9.01 4.90
C GLU D 205 47.03 8.41 4.17
N TYR D 206 46.13 9.23 3.63
CA TYR D 206 45.00 8.73 2.86
C TYR D 206 44.52 9.82 1.92
N LEU D 207 43.77 9.41 0.89
CA LEU D 207 43.08 10.36 0.03
C LEU D 207 41.79 9.72 -0.46
N ASN D 208 40.75 10.55 -0.60
CA ASN D 208 39.45 10.09 -1.05
C ASN D 208 38.98 10.92 -2.24
N ILE D 209 38.61 10.24 -3.33
CA ILE D 209 38.21 10.87 -4.58
C ILE D 209 36.80 10.40 -4.92
N TYR D 210 35.93 11.32 -5.31
CA TYR D 210 34.57 11.00 -5.74
C TYR D 210 34.41 11.42 -7.19
N VAL D 211 33.99 10.49 -8.06
CA VAL D 211 33.90 10.71 -9.49
C VAL D 211 32.47 10.46 -9.94
N THR D 212 31.95 11.39 -10.74
CA THR D 212 30.63 11.30 -11.35
C THR D 212 30.74 11.55 -12.85
N CYS D 213 30.02 10.78 -13.64
CA CYS D 213 30.07 10.92 -15.09
C CYS D 213 28.67 10.79 -15.69
N PHE D 214 28.48 11.48 -16.81
CA PHE D 214 27.17 11.80 -17.41
C PHE D 214 27.18 11.52 -18.92
N VAL D 215 27.56 10.30 -19.31
CA VAL D 215 27.70 9.94 -20.73
C VAL D 215 26.35 10.05 -21.43
N LYS D 216 26.34 10.77 -22.57
CA LYS D 216 25.11 11.04 -23.31
C LYS D 216 25.01 10.12 -24.52
N ILE D 217 24.03 9.21 -24.48
CA ILE D 217 23.84 8.26 -25.58
C ILE D 217 22.71 8.71 -26.49
N GLY D 218 21.50 8.75 -25.95
CA GLY D 218 20.33 9.05 -26.74
C GLY D 218 19.09 8.65 -25.97
N CYS D 219 17.96 8.77 -26.66
CA CYS D 219 16.67 8.52 -26.02
C CYS D 219 16.36 7.03 -26.05
N ALA D 220 16.14 6.45 -24.86
CA ALA D 220 15.70 5.06 -24.69
C ALA D 220 16.65 4.05 -25.32
N MET D 221 17.94 4.34 -25.24
CA MET D 221 18.95 3.44 -25.81
C MET D 221 19.38 2.43 -24.75
N GLU D 222 20.45 1.70 -25.02
CA GLU D 222 20.89 0.59 -24.18
C GLU D 222 22.20 0.94 -23.50
N VAL D 223 22.27 0.71 -22.19
CA VAL D 223 23.50 0.87 -21.44
C VAL D 223 24.08 -0.51 -21.18
N TYR D 224 25.35 -0.55 -20.80
CA TYR D 224 26.11 -1.80 -20.69
C TYR D 224 26.75 -1.89 -19.32
N PRO D 225 26.03 -2.39 -18.32
CA PRO D 225 26.61 -2.58 -16.99
C PRO D 225 27.44 -3.85 -16.95
N SER D 226 27.92 -4.18 -15.75
CA SER D 226 28.79 -5.34 -15.63
C SER D 226 27.99 -6.62 -15.52
N GLN D 227 28.67 -7.75 -15.74
CA GLN D 227 28.05 -9.06 -15.77
C GLN D 227 28.81 -9.97 -14.80
N GLU D 228 28.08 -10.69 -13.96
CA GLU D 228 28.69 -11.48 -12.90
C GLU D 228 29.24 -12.79 -13.44
N MET D 229 29.95 -13.51 -12.57
CA MET D 229 30.48 -14.84 -12.86
C MET D 229 29.69 -15.88 -12.07
N THR D 230 28.37 -15.71 -12.02
CA THR D 230 27.51 -16.67 -11.32
C THR D 230 27.23 -17.85 -12.25
N PHE D 231 27.85 -18.99 -11.96
CA PHE D 231 27.55 -20.20 -12.71
C PHE D 231 26.20 -20.77 -12.26
N ASP D 232 25.65 -21.65 -13.08
CA ASP D 232 24.36 -22.24 -12.78
C ASP D 232 24.27 -23.63 -13.38
N ASP D 233 23.56 -24.51 -12.67
CA ASP D 233 23.32 -25.87 -13.19
C ASP D 233 22.33 -25.85 -14.33
N ASP D 234 21.24 -25.08 -14.20
CA ASP D 234 20.15 -25.06 -15.17
C ASP D 234 20.14 -23.82 -16.05
N ASP D 235 20.42 -22.66 -15.49
CA ASP D 235 20.33 -21.41 -16.25
C ASP D 235 21.51 -21.28 -17.21
N LYS D 236 21.24 -20.68 -18.37
CA LYS D 236 22.25 -20.45 -19.38
C LYS D 236 22.24 -19.01 -19.90
N GLY D 237 21.47 -18.12 -19.27
CA GLY D 237 21.44 -16.73 -19.68
C GLY D 237 22.53 -15.92 -19.01
N LYS D 238 22.52 -14.62 -19.29
CA LYS D 238 23.46 -13.67 -18.70
C LYS D 238 22.75 -12.85 -17.65
N LYS D 239 23.34 -12.77 -16.47
CA LYS D 239 22.81 -11.99 -15.35
C LYS D 239 23.73 -10.82 -15.10
N LEU D 240 23.17 -9.61 -15.13
CA LEU D 240 23.95 -8.40 -14.94
C LEU D 240 23.99 -8.02 -13.47
N PHE D 241 24.87 -7.06 -13.14
CA PHE D 241 25.15 -6.69 -11.76
C PHE D 241 23.97 -5.94 -11.17
N LYS D 242 23.30 -6.56 -10.20
CA LYS D 242 22.07 -5.97 -9.67
C LYS D 242 22.36 -4.79 -8.76
N PHE D 243 23.05 -5.04 -7.64
CA PHE D 243 23.48 -4.03 -6.66
C PHE D 243 22.29 -3.22 -6.14
N GLU D 244 21.44 -3.92 -5.37
CA GLU D 244 20.20 -3.39 -4.80
C GLU D 244 19.25 -2.92 -5.90
N GLY D 245 19.21 -3.66 -7.01
CA GLY D 245 18.33 -3.31 -8.09
C GLY D 245 18.94 -2.34 -9.09
N SER D 246 19.38 -1.18 -8.61
CA SER D 246 19.98 -0.17 -9.48
C SER D 246 21.33 -0.66 -9.97
N ALA D 247 21.45 -0.81 -11.30
CA ALA D 247 22.56 -1.50 -11.94
C ALA D 247 23.90 -0.80 -11.67
N GLY D 248 24.98 -1.52 -11.95
CA GLY D 248 26.28 -0.96 -11.66
C GLY D 248 27.39 -1.74 -12.32
N MET D 249 28.62 -1.44 -11.88
CA MET D 249 29.81 -2.05 -12.41
C MET D 249 30.68 -2.53 -11.25
N HIS D 250 31.39 -3.64 -11.46
CA HIS D 250 32.32 -4.14 -10.48
C HIS D 250 33.48 -3.18 -10.27
N SER D 251 34.06 -3.22 -9.08
CA SER D 251 35.26 -2.41 -8.82
C SER D 251 36.49 -2.97 -9.51
N GLN D 252 36.48 -4.26 -9.83
CA GLN D 252 37.59 -4.86 -10.58
C GLN D 252 37.68 -4.27 -11.99
N LYS D 253 36.53 -4.11 -12.65
CA LYS D 253 36.53 -3.55 -14.00
C LYS D 253 36.75 -2.05 -13.98
N ILE D 254 36.17 -1.34 -13.01
CA ILE D 254 36.29 0.11 -12.99
C ILE D 254 37.68 0.56 -12.54
N ASN D 255 38.47 -0.32 -11.94
CA ASN D 255 39.86 -0.03 -11.64
C ASN D 255 40.77 -0.32 -12.82
N ASN D 256 40.35 -1.20 -13.73
CA ASN D 256 41.22 -1.66 -14.81
C ASN D 256 41.50 -0.55 -15.82
N ALA D 257 40.60 0.40 -15.96
CA ALA D 257 40.81 1.52 -16.86
C ALA D 257 41.52 2.69 -16.21
N LEU D 258 41.82 2.61 -14.92
CA LEU D 258 42.61 3.63 -14.24
C LEU D 258 44.06 3.21 -14.05
N ARG D 259 44.46 2.05 -14.56
CA ARG D 259 45.85 1.61 -14.53
C ARG D 259 46.23 0.99 -15.87
N THR D 260 45.88 1.65 -16.97
CA THR D 260 46.21 1.17 -18.30
C THR D 260 47.18 2.12 -19.00
N ILE D 261 48.22 2.53 -18.30
CA ILE D 261 49.13 3.57 -18.75
C ILE D 261 50.49 3.03 -19.16
N ASP D 262 50.63 1.71 -19.29
CA ASP D 262 51.92 1.11 -19.63
C ASP D 262 52.19 1.30 -21.11
N THR D 263 52.99 2.30 -21.45
CA THR D 263 53.48 2.50 -22.81
C THR D 263 55.00 2.34 -22.89
N TRP D 264 55.59 1.69 -21.89
CA TRP D 264 57.03 1.48 -21.84
C TRP D 264 57.42 0.04 -22.14
N TYR D 265 56.48 -0.77 -22.63
CA TYR D 265 56.78 -2.14 -23.00
C TYR D 265 57.62 -2.16 -24.28
N PRO D 266 58.39 -3.23 -24.51
CA PRO D 266 59.15 -3.35 -25.75
C PRO D 266 58.24 -3.44 -26.97
N ASP D 267 58.82 -3.06 -28.11
CA ASP D 267 58.15 -2.81 -29.41
C ASP D 267 56.82 -2.06 -29.24
N TYR D 268 56.87 -0.99 -28.44
CA TYR D 268 55.74 -0.08 -28.33
C TYR D 268 55.58 0.75 -29.60
N THR D 269 56.68 0.99 -30.32
CA THR D 269 56.66 1.77 -31.55
C THR D 269 55.99 1.05 -32.71
N THR D 270 55.68 -0.24 -32.57
CA THR D 270 54.96 -1.00 -33.58
C THR D 270 53.51 -1.25 -33.20
N TYR D 271 53.06 -0.77 -32.04
CA TYR D 271 51.71 -1.02 -31.55
C TYR D 271 50.88 0.24 -31.36
N GLU D 272 51.46 1.28 -30.76
CA GLU D 272 50.86 2.62 -30.64
C GLU D 272 49.56 2.61 -29.85
N PHE D 273 49.53 1.87 -28.74
CA PHE D 273 48.40 1.90 -27.82
C PHE D 273 48.87 1.44 -26.45
N PRO D 274 48.37 2.02 -25.37
CA PRO D 274 48.80 1.58 -24.03
C PRO D 274 48.15 0.28 -23.62
N ILE D 275 48.75 -0.34 -22.59
CA ILE D 275 48.25 -1.60 -22.04
C ILE D 275 48.16 -1.44 -20.52
N PRO D 276 47.35 -2.29 -19.86
CA PRO D 276 47.36 -2.29 -18.39
C PRO D 276 48.66 -2.82 -17.82
N VAL D 277 48.89 -2.50 -16.54
CA VAL D 277 50.12 -2.86 -15.83
C VAL D 277 49.90 -4.17 -15.08
N GLU D 278 50.77 -5.14 -15.32
CA GLU D 278 50.75 -6.40 -14.58
C GLU D 278 52.21 -6.82 -14.36
N ASN D 279 52.38 -8.09 -13.98
CA ASN D 279 53.73 -8.63 -13.80
C ASN D 279 54.31 -9.10 -15.13
N TYR D 280 53.62 -10.00 -15.82
CA TYR D 280 54.10 -10.56 -17.07
C TYR D 280 53.56 -9.80 -18.29
N GLY D 281 52.73 -8.79 -18.09
CA GLY D 281 52.15 -8.09 -19.23
C GLY D 281 51.06 -8.87 -19.93
N ALA D 282 50.46 -9.86 -19.26
CA ALA D 282 49.49 -10.76 -19.89
C ALA D 282 48.12 -10.09 -19.92
N ALA D 283 47.94 -9.22 -20.91
CA ALA D 283 46.62 -8.65 -21.16
C ALA D 283 45.71 -9.71 -21.76
N ARG D 284 44.46 -9.76 -21.28
CA ARG D 284 43.51 -10.76 -21.74
C ARG D 284 42.95 -10.46 -23.13
N SER D 285 43.20 -9.26 -23.66
CA SER D 285 42.71 -8.94 -25.00
C SER D 285 43.46 -9.71 -26.07
N ILE D 286 44.79 -9.83 -25.93
CA ILE D 286 45.62 -10.41 -26.98
C ILE D 286 45.81 -11.90 -26.76
N GLY D 287 46.36 -12.28 -25.61
CA GLY D 287 46.73 -13.64 -25.32
C GLY D 287 48.22 -13.91 -25.43
N ILE D 288 48.92 -13.13 -26.25
CA ILE D 288 50.38 -13.13 -26.29
C ILE D 288 50.85 -12.10 -25.27
N PRO D 289 51.72 -12.46 -24.33
CA PRO D 289 52.15 -11.48 -23.32
C PRO D 289 52.99 -10.36 -23.93
N PHE D 290 52.67 -9.13 -23.51
CA PHE D 290 53.31 -7.95 -24.09
C PHE D 290 54.75 -7.82 -23.64
N ARG D 291 55.01 -8.04 -22.34
CA ARG D 291 56.36 -7.96 -21.79
C ARG D 291 56.67 -9.21 -20.97
N PRO D 292 56.94 -10.35 -21.62
CA PRO D 292 57.38 -11.54 -20.89
C PRO D 292 58.89 -11.74 -20.83
N ASP D 293 59.67 -10.84 -21.44
CA ASP D 293 61.12 -10.93 -21.51
C ASP D 293 61.73 -10.31 -20.25
N THR D 294 63.03 -9.99 -20.28
CA THR D 294 63.72 -9.41 -19.13
C THR D 294 63.17 -8.04 -18.74
N LYS D 295 62.49 -7.35 -19.64
CA LYS D 295 61.74 -6.14 -19.29
C LYS D 295 60.40 -6.60 -18.71
N SER D 296 60.43 -6.90 -17.41
CA SER D 296 59.27 -7.42 -16.69
C SER D 296 59.34 -6.90 -15.26
N PHE D 297 58.63 -7.53 -14.34
CA PHE D 297 58.67 -7.12 -12.95
C PHE D 297 59.68 -7.94 -12.15
N TYR D 298 59.64 -9.27 -12.29
CA TYR D 298 60.56 -10.14 -11.57
C TYR D 298 62.00 -9.89 -12.00
N LYS D 299 62.22 -9.79 -13.32
CA LYS D 299 63.56 -9.61 -13.84
C LYS D 299 64.05 -8.17 -13.76
N LEU D 300 63.20 -7.23 -13.37
CA LEU D 300 63.67 -5.90 -13.01
C LEU D 300 63.93 -5.74 -11.52
N ILE D 301 63.18 -6.45 -10.68
CA ILE D 301 63.49 -6.47 -9.26
C ILE D 301 64.79 -7.22 -9.01
N ASP D 302 65.02 -8.30 -9.77
CA ASP D 302 66.30 -9.00 -9.71
C ASP D 302 67.45 -8.15 -10.26
N ARG D 303 67.16 -7.11 -11.04
CA ARG D 303 68.19 -6.22 -11.57
C ARG D 303 68.23 -4.87 -10.87
N MET D 304 67.39 -4.65 -9.86
CA MET D 304 67.34 -3.38 -9.14
C MET D 304 67.89 -3.47 -7.73
N ILE D 305 67.37 -4.39 -6.93
CA ILE D 305 67.85 -4.54 -5.55
C ILE D 305 69.22 -5.21 -5.52
N LEU D 306 69.37 -6.30 -6.27
CA LEU D 306 70.62 -7.05 -6.26
C LEU D 306 71.69 -6.38 -7.11
N LYS D 307 71.36 -6.07 -8.36
CA LYS D 307 72.35 -5.54 -9.28
C LYS D 307 72.71 -4.09 -8.96
N ASN D 308 71.71 -3.29 -8.58
CA ASN D 308 71.84 -1.84 -8.31
C ASN D 308 72.43 -1.10 -9.50
N GLU D 309 72.02 -1.47 -10.71
CA GLU D 309 72.51 -0.83 -11.92
C GLU D 309 71.58 0.30 -12.33
N ASP D 310 72.13 1.26 -13.10
CA ASP D 310 71.38 2.46 -13.53
C ASP D 310 70.28 2.26 -14.57
N LEU D 311 69.42 1.29 -14.38
CA LEU D 311 68.28 1.04 -15.26
C LEU D 311 67.53 2.34 -15.53
N PRO D 312 67.07 2.54 -16.76
CA PRO D 312 66.58 3.87 -17.16
C PRO D 312 65.26 4.21 -16.49
N ILE D 313 64.83 5.45 -16.74
CA ILE D 313 63.72 6.03 -16.00
C ILE D 313 62.40 5.34 -16.34
N GLU D 314 62.27 4.77 -17.54
CA GLU D 314 61.05 4.06 -17.90
C GLU D 314 60.90 2.75 -17.13
N ASP D 315 62.03 2.06 -16.90
CA ASP D 315 62.01 0.84 -16.11
C ASP D 315 61.61 1.11 -14.66
N LYS D 316 62.14 2.19 -14.08
CA LYS D 316 61.75 2.57 -12.73
C LYS D 316 60.29 3.04 -12.68
N HIS D 317 59.83 3.69 -13.75
CA HIS D 317 58.42 4.06 -13.87
C HIS D 317 57.53 2.83 -13.82
N TYR D 318 57.89 1.79 -14.58
CA TYR D 318 57.11 0.56 -14.57
C TYR D 318 57.20 -0.15 -13.22
N VAL D 319 58.37 -0.13 -12.58
CA VAL D 319 58.56 -0.85 -11.32
C VAL D 319 57.72 -0.23 -10.21
N MET D 320 57.75 1.09 -10.07
CA MET D 320 56.86 1.70 -9.09
C MET D 320 55.40 1.68 -9.54
N ALA D 321 55.12 1.55 -10.84
CA ALA D 321 53.75 1.39 -11.29
C ALA D 321 53.15 0.07 -10.83
N ILE D 322 53.92 -1.02 -10.95
CA ILE D 322 53.37 -2.31 -10.53
C ILE D 322 53.40 -2.40 -9.00
N LEU D 323 54.39 -1.76 -8.35
CA LEU D 323 54.41 -1.71 -6.89
C LEU D 323 53.26 -0.87 -6.32
N ILE D 324 52.71 0.07 -7.10
CA ILE D 324 51.52 0.78 -6.65
C ILE D 324 50.31 -0.16 -6.61
N ARG D 325 50.15 -1.00 -7.64
CA ARG D 325 49.03 -1.92 -7.68
C ARG D 325 49.13 -3.00 -6.62
N GLY D 326 50.33 -3.54 -6.40
CA GLY D 326 50.55 -4.46 -5.30
C GLY D 326 50.01 -5.85 -5.58
N GLY D 327 50.17 -6.71 -4.60
CA GLY D 327 49.74 -8.09 -4.69
C GLY D 327 50.58 -8.96 -3.77
N MET D 328 50.93 -10.15 -4.27
CA MET D 328 51.79 -11.09 -3.55
C MET D 328 53.10 -11.20 -4.29
N PHE D 329 54.19 -10.76 -3.66
CA PHE D 329 55.51 -10.73 -4.27
C PHE D 329 56.48 -11.65 -3.52
N SER D 330 56.01 -12.83 -3.13
CA SER D 330 56.89 -13.79 -2.49
C SER D 330 57.81 -14.44 -3.51
N LYS D 331 58.99 -14.84 -3.05
CA LYS D 331 59.92 -15.58 -3.90
C LYS D 331 59.38 -17.00 -4.14
N LYS D 332 59.68 -17.53 -5.33
CA LYS D 332 59.09 -18.78 -5.80
C LYS D 332 59.76 -19.97 -5.10
N GLN D 333 59.30 -20.24 -3.88
CA GLN D 333 59.68 -21.47 -3.19
C GLN D 333 58.94 -22.67 -3.80
N GLU D 334 59.53 -23.84 -3.61
CA GLU D 334 58.92 -25.09 -4.06
C GLU D 334 58.84 -26.09 -2.90
N ARG E 15 41.39 -23.05 -36.25
CA ARG E 15 40.68 -21.79 -36.12
C ARG E 15 41.31 -20.94 -35.01
N PRO E 16 41.29 -19.59 -35.18
CA PRO E 16 42.02 -18.72 -34.24
C PRO E 16 41.38 -18.61 -32.87
N GLU E 17 41.94 -17.71 -32.05
CA GLU E 17 41.50 -17.49 -30.68
C GLU E 17 40.24 -16.63 -30.63
N ASN E 18 39.93 -16.10 -29.45
CA ASN E 18 38.68 -15.40 -29.20
C ASN E 18 38.53 -14.13 -30.04
N LEU E 19 37.65 -14.19 -31.03
CA LEU E 19 37.29 -13.05 -31.85
C LEU E 19 35.79 -12.84 -31.77
N SER E 20 35.39 -11.56 -31.70
CA SER E 20 33.98 -11.22 -31.60
C SER E 20 33.78 -9.84 -32.21
N PHE E 21 32.53 -9.40 -32.21
CA PHE E 21 32.14 -8.14 -32.80
C PHE E 21 30.98 -7.56 -32.00
N ALA E 22 30.67 -6.30 -32.27
CA ALA E 22 29.45 -5.67 -31.81
C ALA E 22 28.59 -5.33 -33.02
N ARG E 23 27.27 -5.32 -32.82
CA ARG E 23 26.38 -4.91 -33.90
C ARG E 23 26.56 -3.42 -34.18
N CYS E 24 26.52 -3.06 -35.46
CA CYS E 24 26.77 -1.68 -35.85
C CYS E 24 25.50 -0.85 -35.92
N LEU E 25 24.37 -1.48 -36.22
CA LEU E 25 23.08 -0.84 -36.16
C LEU E 25 22.33 -1.36 -34.94
N ASN E 26 21.75 -0.45 -34.16
CA ASN E 26 21.12 -0.78 -32.90
C ASN E 26 19.71 -0.19 -32.87
N THR E 27 18.77 -0.96 -32.35
CA THR E 27 17.38 -0.56 -32.26
C THR E 27 16.92 -0.66 -30.82
N THR E 28 16.03 0.24 -30.42
CA THR E 28 15.41 0.17 -29.11
C THR E 28 14.28 -0.86 -29.14
N GLU E 29 13.45 -0.87 -28.10
CA GLU E 29 12.25 -1.69 -28.08
C GLU E 29 11.05 -0.77 -28.25
N ALA E 30 10.26 -1.01 -29.31
CA ALA E 30 9.18 -0.12 -29.66
C ALA E 30 8.02 -0.25 -28.67
N LYS E 31 7.38 0.87 -28.37
CA LYS E 31 6.29 0.92 -27.41
C LYS E 31 4.98 1.20 -28.14
N PHE E 32 3.97 0.35 -27.91
CA PHE E 32 2.69 0.46 -28.60
C PHE E 32 1.85 1.58 -28.02
N TRP E 33 1.07 2.21 -28.89
CA TRP E 33 0.14 3.26 -28.50
C TRP E 33 -1.15 3.05 -29.28
N GLN E 34 -2.03 4.04 -29.26
CA GLN E 34 -3.30 3.94 -29.97
C GLN E 34 -3.83 5.33 -30.24
N THR E 35 -4.04 5.66 -31.52
CA THR E 35 -4.47 6.99 -31.93
C THR E 35 -5.71 6.88 -32.82
N ASP E 36 -6.17 8.04 -33.27
CA ASP E 36 -7.22 8.17 -34.27
C ASP E 36 -6.66 8.95 -35.45
N PHE E 37 -7.01 8.53 -36.67
CA PHE E 37 -6.33 9.07 -37.84
C PHE E 37 -6.74 10.49 -38.19
N LEU E 38 -7.80 11.02 -37.58
CA LEU E 38 -8.16 12.42 -37.81
C LEU E 38 -7.19 13.35 -37.08
N LYS E 39 -6.82 13.01 -35.86
CA LYS E 39 -5.91 13.84 -35.07
C LYS E 39 -4.65 13.06 -34.71
N ARG E 40 -4.06 12.38 -35.70
CA ARG E 40 -2.95 11.45 -35.47
C ARG E 40 -1.69 12.13 -34.96
N HIS E 41 -1.50 13.43 -35.23
CA HIS E 41 -0.35 14.14 -34.71
C HIS E 41 -0.48 14.43 -33.23
N THR E 42 -1.69 14.72 -32.75
CA THR E 42 -1.91 15.23 -31.41
C THR E 42 -2.56 14.23 -30.47
N PHE E 43 -2.70 12.97 -30.88
CA PHE E 43 -3.37 11.96 -30.06
C PHE E 43 -2.40 10.86 -29.70
N LYS E 44 -2.48 10.41 -28.44
CA LYS E 44 -1.64 9.33 -27.95
C LYS E 44 -2.31 8.74 -26.71
N LEU E 45 -2.62 7.45 -26.76
CA LEU E 45 -3.25 6.78 -25.63
C LEU E 45 -2.54 5.45 -25.37
N PRO E 46 -2.41 5.04 -24.11
CA PRO E 46 -1.70 3.80 -23.80
C PRO E 46 -2.50 2.56 -24.12
N LEU E 47 -1.79 1.46 -24.27
CA LEU E 47 -2.38 0.17 -24.62
C LEU E 47 -1.89 -0.88 -23.63
N LEU E 48 -2.76 -1.28 -22.72
CA LEU E 48 -2.42 -2.24 -21.68
C LEU E 48 -2.85 -3.64 -22.09
N ILE E 49 -2.05 -4.63 -21.68
CA ILE E 49 -2.33 -6.02 -22.03
C ILE E 49 -3.40 -6.56 -21.10
N THR E 50 -4.51 -7.00 -21.68
CA THR E 50 -5.64 -7.51 -20.90
C THR E 50 -5.37 -8.96 -20.48
N ASP E 51 -6.38 -9.58 -19.88
CA ASP E 51 -6.27 -10.98 -19.48
C ASP E 51 -7.66 -11.58 -19.51
N LYS E 52 -7.80 -12.73 -20.15
CA LYS E 52 -9.06 -13.46 -20.20
C LYS E 52 -8.76 -14.93 -20.39
N ALA E 53 -9.31 -15.76 -19.52
CA ALA E 53 -9.01 -17.18 -19.56
C ALA E 53 -9.72 -17.86 -20.73
N VAL E 54 -9.15 -18.98 -21.17
CA VAL E 54 -9.60 -19.70 -22.35
C VAL E 54 -9.87 -21.15 -21.97
N LEU E 55 -10.91 -21.73 -22.55
CA LEU E 55 -11.23 -23.13 -22.29
C LEU E 55 -10.44 -24.05 -23.21
N ASN E 75 -9.91 -27.01 -19.66
CA ASN E 75 -8.48 -27.02 -19.40
C ASN E 75 -8.06 -25.82 -18.58
N PRO E 76 -7.44 -26.06 -17.42
CA PRO E 76 -7.00 -24.96 -16.57
C PRO E 76 -5.81 -24.19 -17.16
N GLN E 77 -6.06 -23.00 -17.67
CA GLN E 77 -5.03 -22.23 -18.36
C GLN E 77 -5.44 -20.77 -18.38
N LYS E 78 -4.50 -19.88 -18.04
CA LYS E 78 -4.71 -18.45 -18.10
C LYS E 78 -3.83 -17.87 -19.21
N SER E 79 -4.43 -17.06 -20.08
CA SER E 79 -3.72 -16.49 -21.23
C SER E 79 -4.09 -15.02 -21.35
N GLN E 80 -3.13 -14.23 -21.84
CA GLN E 80 -3.32 -12.80 -22.04
C GLN E 80 -3.53 -12.49 -23.51
N SER E 81 -4.35 -11.47 -23.77
CA SER E 81 -4.62 -11.02 -25.12
C SER E 81 -4.71 -9.51 -25.13
N CYS E 82 -4.28 -8.91 -26.25
CA CYS E 82 -4.26 -7.47 -26.41
C CYS E 82 -5.19 -7.05 -27.53
N THR E 83 -5.93 -5.98 -27.31
CA THR E 83 -6.83 -5.44 -28.33
C THR E 83 -7.03 -3.95 -28.07
N LEU E 84 -7.52 -3.26 -29.09
CA LEU E 84 -7.71 -1.82 -29.03
C LEU E 84 -8.95 -1.47 -28.20
N SER E 85 -9.13 -0.17 -27.98
CA SER E 85 -10.38 0.33 -27.44
C SER E 85 -11.36 0.58 -28.58
N THR E 86 -12.60 0.90 -28.22
CA THR E 86 -13.68 1.00 -29.19
C THR E 86 -13.87 2.40 -29.76
N GLU E 87 -13.07 3.37 -29.32
CA GLU E 87 -13.25 4.76 -29.73
C GLU E 87 -12.09 5.33 -30.54
N CYS E 88 -11.14 4.49 -30.97
CA CYS E 88 -9.98 4.96 -31.72
C CYS E 88 -9.78 4.07 -32.95
N ASP E 89 -8.75 4.34 -33.74
CA ASP E 89 -8.61 3.57 -34.97
C ASP E 89 -7.20 3.30 -35.49
N THR E 90 -6.16 3.83 -34.86
CA THR E 90 -4.84 3.64 -35.45
C THR E 90 -3.82 3.20 -34.41
N LEU E 91 -2.99 2.22 -34.78
CA LEU E 91 -1.87 1.75 -33.97
C LEU E 91 -0.62 2.58 -34.24
N ARG E 92 0.21 2.76 -33.20
CA ARG E 92 1.35 3.66 -33.24
C ARG E 92 2.60 2.94 -32.74
N ILE E 93 3.71 3.08 -33.46
CA ILE E 93 4.97 2.41 -33.14
C ILE E 93 6.09 3.45 -33.15
N ASP E 94 6.81 3.57 -32.04
CA ASP E 94 7.93 4.51 -31.92
C ASP E 94 9.22 3.73 -31.73
N PHE E 95 10.21 3.94 -32.61
CA PHE E 95 11.47 3.23 -32.45
C PHE E 95 12.60 4.02 -33.10
N GLY E 96 13.80 3.89 -32.55
CA GLY E 96 14.94 4.63 -33.05
C GLY E 96 16.11 3.73 -33.38
N ILE E 97 16.89 4.17 -34.37
CA ILE E 97 18.06 3.43 -34.85
C ILE E 97 19.31 4.24 -34.54
N LYS E 98 20.40 3.53 -34.25
CA LYS E 98 21.68 4.14 -33.91
C LYS E 98 22.78 3.38 -34.64
N VAL E 99 23.60 4.10 -35.41
CA VAL E 99 24.60 3.48 -36.27
C VAL E 99 25.99 3.97 -35.86
N LEU E 100 26.94 3.04 -35.91
CA LEU E 100 28.35 3.21 -35.58
C LEU E 100 29.17 2.62 -36.71
N PRO E 101 30.42 3.04 -36.89
CA PRO E 101 31.27 2.42 -37.90
C PRO E 101 31.69 1.01 -37.51
N VAL E 102 32.02 0.22 -38.53
CA VAL E 102 32.48 -1.16 -38.31
C VAL E 102 33.85 -1.16 -37.64
N LYS E 103 34.69 -0.17 -37.94
CA LYS E 103 36.00 -0.06 -37.30
C LYS E 103 35.85 0.24 -35.81
N GLU E 104 34.89 1.08 -35.45
CA GLU E 104 34.60 1.37 -34.04
C GLU E 104 33.79 0.27 -33.37
N SER E 105 33.27 -0.68 -34.13
CA SER E 105 32.49 -1.79 -33.59
C SER E 105 33.29 -3.08 -33.49
N MET E 106 34.60 -3.04 -33.71
CA MET E 106 35.41 -4.24 -33.67
C MET E 106 35.80 -4.46 -32.22
N TYR E 107 35.26 -5.50 -31.60
CA TYR E 107 35.25 -5.58 -30.14
C TYR E 107 36.42 -6.36 -29.56
N SER E 108 36.52 -7.65 -29.88
CA SER E 108 37.50 -8.54 -29.27
C SER E 108 38.54 -8.91 -30.32
N CYS E 109 39.78 -8.46 -30.11
CA CYS E 109 40.87 -8.67 -31.06
C CYS E 109 41.97 -9.46 -30.38
N SER E 110 42.08 -10.74 -30.72
CA SER E 110 43.10 -11.60 -30.14
C SER E 110 44.37 -11.68 -30.98
N ASP E 111 44.40 -11.07 -32.16
CA ASP E 111 45.56 -11.12 -33.04
C ASP E 111 45.50 -9.95 -34.01
N TYR E 112 46.64 -9.30 -34.24
CA TYR E 112 46.67 -8.12 -35.09
C TYR E 112 46.77 -8.44 -36.58
N ASN E 113 47.14 -9.65 -36.96
CA ASN E 113 47.12 -10.02 -38.37
C ASN E 113 45.68 -10.08 -38.89
N TYR E 114 44.79 -10.70 -38.10
CA TYR E 114 43.37 -10.72 -38.42
C TYR E 114 42.78 -9.31 -38.43
N ARG E 115 43.19 -8.49 -37.48
CA ARG E 115 42.66 -7.14 -37.34
C ARG E 115 43.07 -6.27 -38.53
N THR E 116 44.35 -6.35 -38.94
CA THR E 116 44.79 -5.56 -40.08
C THR E 116 44.25 -6.11 -41.39
N ALA E 117 43.98 -7.43 -41.47
CA ALA E 117 43.33 -7.98 -42.65
C ALA E 117 41.90 -7.48 -42.76
N ILE E 118 41.19 -7.41 -41.64
CA ILE E 118 39.83 -6.88 -41.63
C ILE E 118 39.83 -5.41 -42.01
N TYR E 119 40.80 -4.63 -41.49
CA TYR E 119 40.94 -3.23 -41.87
C TYR E 119 41.17 -3.05 -43.37
N GLN E 120 42.09 -3.85 -43.93
CA GLN E 120 42.39 -3.72 -45.36
C GLN E 120 41.20 -4.11 -46.23
N LYS E 121 40.50 -5.18 -45.87
CA LYS E 121 39.33 -5.60 -46.65
C LYS E 121 38.22 -4.55 -46.58
N ILE E 122 38.02 -3.94 -45.41
CA ILE E 122 36.98 -2.93 -45.28
C ILE E 122 37.36 -1.67 -46.06
N ASP E 123 38.64 -1.29 -46.08
CA ASP E 123 38.97 -0.07 -46.82
C ASP E 123 38.96 -0.29 -48.34
N GLU E 124 39.35 -1.47 -48.83
CA GLU E 124 39.11 -1.73 -50.25
C GLU E 124 37.64 -1.88 -50.58
N TYR E 125 36.77 -2.24 -49.62
CA TYR E 125 35.35 -2.21 -49.92
C TYR E 125 34.85 -0.77 -49.99
N ILE E 126 35.24 0.08 -49.03
CA ILE E 126 34.71 1.45 -48.99
C ILE E 126 35.43 2.41 -49.92
N ALA E 127 36.45 1.93 -50.64
CA ALA E 127 37.13 2.79 -51.61
C ALA E 127 36.25 3.22 -52.77
N GLU E 128 35.16 2.50 -53.07
CA GLU E 128 34.38 2.82 -54.26
C GLU E 128 32.91 3.13 -54.01
N ASP E 129 32.28 2.53 -52.99
CA ASP E 129 30.87 2.83 -52.74
C ASP E 129 30.61 3.16 -51.29
N GLY E 130 31.36 2.55 -50.38
CA GLY E 130 31.21 2.79 -48.95
C GLY E 130 29.91 2.31 -48.37
N PHE E 131 29.66 0.99 -48.46
CA PHE E 131 28.47 0.32 -47.93
C PHE E 131 27.18 0.88 -48.51
N LEU E 132 27.23 1.39 -49.75
CA LEU E 132 26.07 2.04 -50.34
C LEU E 132 25.02 1.03 -50.80
N THR E 133 25.42 -0.21 -51.07
CA THR E 133 24.47 -1.23 -51.53
C THR E 133 23.51 -1.63 -50.41
N LEU E 134 24.03 -1.83 -49.19
CA LEU E 134 23.21 -2.35 -48.10
C LEU E 134 22.43 -1.28 -47.35
N ALA E 135 22.98 -0.05 -47.27
CA ALA E 135 22.30 1.01 -46.53
C ALA E 135 21.01 1.43 -47.22
N LYS E 136 21.00 1.44 -48.55
CA LYS E 136 19.79 1.77 -49.31
C LYS E 136 18.70 0.74 -49.06
N ARG E 137 19.06 -0.53 -49.04
CA ARG E 137 18.08 -1.58 -48.77
C ARG E 137 17.62 -1.57 -47.32
N TYR E 138 18.50 -1.18 -46.39
CA TYR E 138 18.07 -1.01 -44.99
C TYR E 138 17.03 0.09 -44.86
N VAL E 139 17.30 1.26 -45.45
CA VAL E 139 16.36 2.38 -45.40
C VAL E 139 15.06 2.04 -46.11
N ASN E 140 15.14 1.27 -47.21
CA ASN E 140 13.94 0.77 -47.86
C ASN E 140 13.17 -0.19 -46.96
N ASN E 141 13.88 -1.00 -46.18
CA ASN E 141 13.21 -1.98 -45.32
C ASN E 141 12.50 -1.32 -44.15
N ILE E 142 13.04 -0.22 -43.62
CA ILE E 142 12.25 0.64 -42.75
C ILE E 142 11.06 1.23 -43.51
N ALA E 143 11.28 1.64 -44.77
CA ALA E 143 10.29 2.41 -45.51
C ALA E 143 9.04 1.62 -45.88
N ASN E 144 9.08 0.29 -45.87
CA ASN E 144 7.88 -0.50 -46.12
C ASN E 144 7.09 -0.82 -44.86
N ALA E 145 7.62 -0.47 -43.68
CA ALA E 145 7.09 -0.87 -42.37
C ALA E 145 6.94 -2.38 -42.27
N ARG E 146 8.04 -3.09 -42.55
CA ARG E 146 8.04 -4.54 -42.49
C ARG E 146 8.15 -5.08 -41.07
N PHE E 147 8.38 -4.23 -40.07
CA PHE E 147 8.67 -4.72 -38.72
C PHE E 147 7.44 -5.25 -37.99
N LEU E 148 6.24 -4.91 -38.45
CA LEU E 148 5.01 -5.45 -37.85
C LEU E 148 4.74 -6.80 -38.51
N TRP E 149 4.96 -7.88 -37.75
CA TRP E 149 4.91 -9.22 -38.33
C TRP E 149 3.49 -9.63 -38.69
N ARG E 150 2.55 -9.43 -37.77
CA ARG E 150 1.17 -9.81 -38.00
C ARG E 150 0.22 -8.63 -38.09
N ASN E 151 0.64 -7.43 -37.70
CA ASN E 151 -0.21 -6.26 -37.78
C ASN E 151 -0.35 -5.71 -39.19
N ARG E 152 0.50 -6.15 -40.12
CA ARG E 152 0.35 -5.78 -41.51
C ARG E 152 -0.70 -6.62 -42.23
N LYS E 153 -1.14 -7.71 -41.63
CA LYS E 153 -2.17 -8.57 -42.22
C LYS E 153 -3.51 -7.87 -42.02
N GLY E 154 -3.90 -7.08 -43.01
CA GLY E 154 -5.16 -6.37 -42.95
C GLY E 154 -4.94 -4.94 -42.50
N ALA E 155 -4.87 -4.02 -43.46
CA ALA E 155 -4.55 -2.63 -43.16
C ALA E 155 -4.98 -1.78 -44.33
N GLU E 156 -5.60 -0.64 -44.04
CA GLU E 156 -6.00 0.26 -45.11
C GLU E 156 -4.82 1.15 -45.53
N ILE E 157 -4.24 1.87 -44.57
CA ILE E 157 -3.14 2.79 -44.85
C ILE E 157 -2.10 2.69 -43.76
N ILE E 158 -0.84 2.59 -44.18
CA ILE E 158 0.33 2.59 -43.30
C ILE E 158 1.21 3.77 -43.70
N GLU E 159 1.59 4.58 -42.70
CA GLU E 159 2.47 5.71 -42.94
C GLU E 159 3.64 5.67 -41.96
N THR E 160 4.74 6.29 -42.38
CA THR E 160 6.01 6.19 -41.65
C THR E 160 6.62 7.57 -41.58
N ILE E 161 6.89 8.04 -40.36
CA ILE E 161 7.33 9.41 -40.10
C ILE E 161 8.67 9.37 -39.36
N VAL E 162 9.60 10.21 -39.80
CA VAL E 162 10.89 10.40 -39.13
C VAL E 162 11.00 11.84 -38.68
N THR E 163 11.13 12.05 -37.37
CA THR E 163 11.11 13.39 -36.78
C THR E 163 12.14 13.53 -35.67
N ILE E 164 13.37 13.05 -35.90
CA ILE E 164 14.37 13.00 -34.83
C ILE E 164 14.88 14.40 -34.46
N GLU E 165 15.17 15.23 -35.45
CA GLU E 165 15.64 16.59 -35.17
C GLU E 165 14.45 17.53 -35.12
N ASP E 166 14.71 18.85 -35.09
CA ASP E 166 13.62 19.81 -35.18
C ASP E 166 13.02 19.84 -36.59
N LYS E 167 13.82 19.50 -37.60
CA LYS E 167 13.29 19.37 -38.95
C LYS E 167 12.44 18.11 -39.05
N GLU E 168 11.43 18.17 -39.93
CA GLU E 168 10.52 17.06 -40.15
C GLU E 168 10.73 16.52 -41.56
N TYR E 169 11.05 15.22 -41.65
CA TYR E 169 11.17 14.55 -42.94
C TYR E 169 9.79 14.40 -43.57
N PRO E 170 9.72 14.26 -44.90
CA PRO E 170 8.42 13.99 -45.55
C PRO E 170 7.83 12.66 -45.11
N SER E 171 6.50 12.63 -45.06
CA SER E 171 5.79 11.41 -44.68
C SER E 171 5.88 10.37 -45.79
N PHE E 172 5.61 9.12 -45.44
CA PHE E 172 5.83 8.00 -46.33
C PHE E 172 4.51 7.38 -46.75
N ASN E 173 4.59 6.46 -47.72
CA ASN E 173 3.46 5.65 -48.14
C ASN E 173 3.96 4.21 -48.26
N SER E 174 3.90 3.47 -47.16
CA SER E 174 4.43 2.12 -47.13
C SER E 174 3.52 1.10 -47.83
N LYS E 175 2.30 1.47 -48.18
CA LYS E 175 1.41 0.57 -48.90
C LYS E 175 1.73 0.51 -50.38
N SER E 176 2.60 1.40 -50.88
CA SER E 176 3.03 1.38 -52.28
C SER E 176 4.37 0.68 -52.45
N PHE E 177 4.63 -0.34 -51.64
CA PHE E 177 5.88 -1.09 -51.72
C PHE E 177 5.57 -2.58 -51.71
N ASN E 178 6.49 -3.35 -52.30
CA ASN E 178 6.37 -4.79 -52.35
C ASN E 178 7.57 -5.42 -51.64
N LEU E 179 7.39 -6.67 -51.21
CA LEU E 179 8.42 -7.34 -50.42
C LEU E 179 9.60 -7.76 -51.29
N ASP E 180 9.34 -8.32 -52.47
CA ASP E 180 10.41 -8.94 -53.25
C ASP E 180 11.32 -7.92 -53.91
N THR E 181 10.75 -6.86 -54.47
CA THR E 181 11.52 -5.88 -55.23
C THR E 181 11.89 -4.70 -54.34
N PHE E 182 13.04 -4.09 -54.64
CA PHE E 182 13.54 -2.93 -53.92
C PHE E 182 13.60 -1.76 -54.87
N VAL E 183 13.09 -0.61 -54.43
CA VAL E 183 13.12 0.58 -55.25
C VAL E 183 14.41 1.34 -54.95
N GLU E 184 14.94 2.01 -55.98
CA GLU E 184 16.22 2.68 -55.88
C GLU E 184 16.18 4.16 -56.23
N ASP E 185 15.04 4.69 -56.66
CA ASP E 185 14.94 6.08 -57.12
C ASP E 185 13.86 6.80 -56.32
N ASN E 186 14.24 7.32 -55.16
CA ASN E 186 13.35 8.20 -54.38
C ASN E 186 14.09 9.49 -54.04
N ALA E 187 13.49 10.32 -53.19
CA ALA E 187 14.17 11.51 -52.68
C ALA E 187 14.59 11.33 -51.23
N THR E 188 13.63 11.05 -50.33
CA THR E 188 13.96 10.93 -48.91
C THR E 188 14.66 9.62 -48.59
N ILE E 189 14.34 8.55 -49.32
CA ILE E 189 15.03 7.27 -49.15
C ILE E 189 16.49 7.41 -49.53
N ASN E 190 16.75 8.07 -50.67
CA ASN E 190 18.11 8.29 -51.12
C ASN E 190 18.87 9.23 -50.20
N GLU E 191 18.20 10.26 -49.69
CA GLU E 191 18.83 11.20 -48.76
C GLU E 191 19.24 10.52 -47.46
N ILE E 192 18.31 9.77 -46.86
CA ILE E 192 18.58 9.09 -45.60
C ILE E 192 19.62 7.98 -45.79
N ALA E 193 19.52 7.23 -46.90
CA ALA E 193 20.48 6.17 -47.19
C ALA E 193 21.88 6.74 -47.43
N GLN E 194 21.96 7.91 -48.08
CA GLN E 194 23.24 8.59 -48.22
C GLN E 194 23.79 9.01 -46.87
N GLN E 195 22.92 9.45 -45.96
CA GLN E 195 23.36 9.86 -44.62
C GLN E 195 23.96 8.69 -43.84
N ILE E 196 23.26 7.55 -43.79
CA ILE E 196 23.83 6.38 -43.11
C ILE E 196 25.05 5.82 -43.85
N ALA E 197 25.02 5.79 -45.19
CA ALA E 197 26.16 5.27 -45.94
C ALA E 197 27.38 6.16 -45.84
N ASP E 198 27.22 7.44 -45.51
CA ASP E 198 28.36 8.32 -45.29
C ASP E 198 28.82 8.34 -43.84
N THR E 199 27.92 8.19 -42.87
CA THR E 199 28.35 8.05 -41.49
C THR E 199 28.85 6.65 -41.16
N PHE E 200 28.69 5.70 -42.10
CA PHE E 200 29.15 4.35 -41.88
C PHE E 200 30.67 4.26 -41.87
N ALA E 201 31.34 5.13 -42.62
CA ALA E 201 32.79 5.09 -42.70
C ALA E 201 33.40 6.47 -42.46
N GLY E 202 32.68 7.53 -42.83
CA GLY E 202 33.26 8.85 -42.86
C GLY E 202 32.94 9.72 -41.68
N LYS E 203 31.98 10.62 -41.85
CA LYS E 203 31.72 11.67 -40.88
C LYS E 203 31.08 11.09 -39.62
N ARG E 204 31.56 11.57 -38.46
CA ARG E 204 31.12 11.20 -37.11
C ARG E 204 31.26 9.71 -36.81
N GLU E 205 30.82 9.31 -35.62
CA GLU E 205 30.79 7.91 -35.22
C GLU E 205 29.38 7.42 -34.98
N TYR E 206 28.61 8.10 -34.15
CA TYR E 206 27.21 7.75 -33.94
C TYR E 206 26.33 8.50 -34.93
N LEU E 207 25.16 7.92 -35.21
CA LEU E 207 24.07 8.70 -35.78
C LEU E 207 22.76 8.03 -35.37
N ASN E 208 21.81 8.84 -34.90
CA ASN E 208 20.52 8.35 -34.46
C ASN E 208 19.43 8.90 -35.36
N ILE E 209 18.53 8.01 -35.80
CA ILE E 209 17.37 8.37 -36.60
C ILE E 209 16.15 7.76 -35.95
N TYR E 210 15.17 8.59 -35.59
CA TYR E 210 14.02 8.15 -34.81
C TYR E 210 12.78 8.17 -35.67
N VAL E 211 12.06 7.04 -35.70
CA VAL E 211 10.99 6.78 -36.66
C VAL E 211 9.70 6.50 -35.89
N THR E 212 8.59 7.01 -36.42
CA THR E 212 7.26 6.79 -35.87
C THR E 212 6.35 6.29 -36.98
N CYS E 213 5.61 5.21 -36.71
CA CYS E 213 4.80 4.53 -37.71
C CYS E 213 3.35 4.46 -37.26
N PHE E 214 2.43 4.61 -38.22
CA PHE E 214 0.99 4.59 -37.98
C PHE E 214 0.33 3.58 -38.92
N VAL E 215 -0.45 2.66 -38.36
CA VAL E 215 -1.13 1.60 -39.12
C VAL E 215 -2.63 1.71 -38.87
N LYS E 216 -3.42 1.80 -39.94
CA LYS E 216 -4.88 1.84 -39.83
C LYS E 216 -5.45 0.46 -40.08
N ILE E 217 -5.91 -0.21 -39.02
CA ILE E 217 -6.41 -1.57 -39.12
C ILE E 217 -7.91 -1.67 -38.88
N GLY E 218 -8.56 -0.61 -38.42
CA GLY E 218 -9.99 -0.67 -38.15
C GLY E 218 -10.35 -0.06 -36.81
N CYS E 219 -11.35 -0.63 -36.13
CA CYS E 219 -11.78 -0.14 -34.84
C CYS E 219 -11.95 -1.31 -33.89
N ALA E 220 -11.30 -1.21 -32.72
CA ALA E 220 -11.35 -2.20 -31.63
C ALA E 220 -10.89 -3.58 -32.09
N MET E 221 -9.91 -3.64 -32.98
CA MET E 221 -9.46 -4.90 -33.53
C MET E 221 -8.38 -5.49 -32.63
N GLU E 222 -7.80 -6.61 -33.05
CA GLU E 222 -6.82 -7.33 -32.26
C GLU E 222 -5.41 -6.98 -32.74
N VAL E 223 -4.59 -6.45 -31.84
CA VAL E 223 -3.21 -6.11 -32.13
C VAL E 223 -2.30 -7.14 -31.49
N TYR E 224 -1.12 -7.33 -32.08
CA TYR E 224 -0.24 -8.45 -31.75
C TYR E 224 1.13 -7.93 -31.33
N PRO E 225 1.36 -7.72 -30.04
CA PRO E 225 2.71 -7.47 -29.54
C PRO E 225 3.48 -8.77 -29.43
N SER E 226 4.72 -8.67 -28.95
CA SER E 226 5.60 -9.81 -28.88
C SER E 226 5.18 -10.77 -27.76
N GLN E 227 5.76 -11.96 -27.77
CA GLN E 227 5.45 -13.00 -26.80
C GLN E 227 6.66 -13.25 -25.91
N GLU E 228 6.40 -13.54 -24.64
CA GLU E 228 7.45 -13.69 -23.64
C GLU E 228 7.66 -15.16 -23.31
N MET E 229 8.92 -15.57 -23.29
CA MET E 229 9.30 -16.96 -23.02
C MET E 229 9.11 -17.23 -21.54
N THR E 230 7.99 -17.86 -21.18
CA THR E 230 7.74 -18.21 -19.79
C THR E 230 8.58 -19.43 -19.40
N PHE E 231 8.78 -19.59 -18.09
CA PHE E 231 9.61 -20.68 -17.58
C PHE E 231 9.05 -21.29 -16.30
N ASP E 232 7.73 -21.32 -16.16
CA ASP E 232 7.10 -21.94 -15.00
C ASP E 232 6.25 -23.12 -15.45
N ASP E 233 6.11 -24.09 -14.56
CA ASP E 233 5.37 -25.31 -14.85
C ASP E 233 3.89 -25.14 -14.51
N ASP E 234 3.08 -26.05 -15.08
CA ASP E 234 1.62 -26.07 -14.93
C ASP E 234 0.97 -24.76 -15.37
N ASP E 235 1.48 -24.20 -16.46
CA ASP E 235 0.94 -22.96 -17.00
C ASP E 235 1.26 -22.90 -18.49
N LYS E 236 0.25 -23.08 -19.33
CA LYS E 236 0.40 -22.89 -20.77
C LYS E 236 0.01 -21.46 -21.16
N GLY E 237 0.77 -20.51 -20.60
CA GLY E 237 0.43 -19.11 -20.72
C GLY E 237 0.75 -18.52 -22.07
N LYS E 238 0.17 -17.35 -22.31
CA LYS E 238 0.35 -16.54 -23.52
C LYS E 238 0.78 -15.13 -23.12
N LYS E 239 1.79 -15.05 -22.26
CA LYS E 239 2.25 -13.79 -21.69
C LYS E 239 2.85 -12.91 -22.77
N LEU E 240 2.13 -11.86 -23.14
CA LEU E 240 2.64 -10.96 -24.17
C LEU E 240 3.63 -9.96 -23.56
N PHE E 241 4.24 -9.16 -24.41
CA PHE E 241 5.37 -8.32 -24.01
C PHE E 241 4.88 -7.01 -23.42
N LYS E 242 5.29 -6.74 -22.18
CA LYS E 242 4.99 -5.50 -21.49
C LYS E 242 6.27 -4.67 -21.42
N PHE E 243 6.30 -3.56 -22.15
CA PHE E 243 7.41 -2.61 -22.09
C PHE E 243 6.88 -1.32 -21.48
N GLU E 244 7.48 -0.91 -20.36
CA GLU E 244 7.06 0.26 -19.57
C GLU E 244 5.60 0.18 -19.16
N GLY E 245 5.16 -1.02 -18.81
CA GLY E 245 3.78 -1.25 -18.42
C GLY E 245 2.81 -1.54 -19.55
N SER E 246 2.87 -0.74 -20.60
CA SER E 246 1.96 -0.88 -21.74
C SER E 246 2.48 -1.97 -22.68
N ALA E 247 1.82 -2.13 -23.83
CA ALA E 247 2.27 -3.11 -24.80
C ALA E 247 3.52 -2.62 -25.51
N GLY E 248 4.30 -3.57 -26.02
CA GLY E 248 5.56 -3.21 -26.63
C GLY E 248 6.04 -4.29 -27.58
N MET E 249 7.17 -4.02 -28.23
CA MET E 249 7.73 -4.90 -29.23
C MET E 249 9.18 -5.21 -28.87
N HIS E 250 9.59 -6.45 -29.11
CA HIS E 250 10.93 -6.93 -28.86
C HIS E 250 11.97 -6.15 -29.65
N SER E 251 13.22 -6.24 -29.20
CA SER E 251 14.34 -5.69 -29.95
C SER E 251 14.87 -6.67 -30.98
N GLN E 252 14.82 -7.97 -30.70
CA GLN E 252 15.30 -8.97 -31.66
C GLN E 252 14.31 -9.19 -32.80
N LYS E 253 13.04 -8.83 -32.61
CA LYS E 253 12.04 -9.00 -33.66
C LYS E 253 11.99 -7.80 -34.60
N ILE E 254 12.19 -6.60 -34.07
CA ILE E 254 12.28 -5.41 -34.92
C ILE E 254 13.62 -5.36 -35.65
N ASN E 255 14.61 -6.14 -35.20
CA ASN E 255 15.89 -6.25 -35.89
C ASN E 255 16.00 -7.52 -36.71
N ASN E 256 14.94 -8.31 -36.79
CA ASN E 256 14.89 -9.46 -37.70
C ASN E 256 14.18 -9.14 -39.01
N ALA E 257 13.27 -8.16 -38.99
CA ALA E 257 12.67 -7.71 -40.24
C ALA E 257 13.64 -6.87 -41.04
N LEU E 258 14.41 -6.01 -40.37
CA LEU E 258 15.38 -5.16 -41.06
C LEU E 258 16.58 -5.94 -41.56
N ARG E 259 16.79 -7.17 -41.10
CA ARG E 259 17.91 -8.00 -41.50
C ARG E 259 17.52 -9.04 -42.54
N THR E 260 16.38 -8.86 -43.20
CA THR E 260 15.89 -9.87 -44.15
C THR E 260 16.50 -9.74 -45.54
N ILE E 261 17.37 -8.76 -45.77
CA ILE E 261 17.88 -8.47 -47.11
C ILE E 261 19.08 -9.38 -47.38
N ASP E 262 18.80 -10.55 -47.95
CA ASP E 262 19.83 -11.47 -48.42
C ASP E 262 19.45 -12.00 -49.80
N THR E 263 19.11 -11.11 -50.72
CA THR E 263 18.80 -11.51 -52.09
C THR E 263 20.05 -11.64 -52.93
N TRP E 264 21.02 -12.42 -52.46
CA TRP E 264 22.21 -12.76 -53.23
C TRP E 264 22.61 -14.23 -53.05
N TYR E 265 21.90 -14.98 -52.23
CA TYR E 265 22.24 -16.38 -52.00
C TYR E 265 21.85 -17.23 -53.21
N PRO E 266 22.51 -18.37 -53.41
CA PRO E 266 22.13 -19.25 -54.52
C PRO E 266 20.77 -19.89 -54.29
N ASP E 267 20.20 -20.42 -55.39
CA ASP E 267 18.82 -20.92 -55.47
C ASP E 267 17.83 -19.85 -55.06
N TYR E 268 18.06 -18.62 -55.51
CA TYR E 268 17.15 -17.51 -55.27
C TYR E 268 16.15 -17.32 -56.39
N THR E 269 16.55 -17.61 -57.64
CA THR E 269 15.66 -17.42 -58.78
C THR E 269 14.49 -18.38 -58.78
N THR E 270 14.62 -19.53 -58.12
CA THR E 270 13.55 -20.52 -58.07
C THR E 270 12.61 -20.30 -56.87
N TYR E 271 13.19 -20.14 -55.67
CA TYR E 271 12.36 -19.97 -54.48
C TYR E 271 11.74 -18.58 -54.44
N GLU E 272 12.53 -17.54 -54.74
CA GLU E 272 12.09 -16.15 -54.87
C GLU E 272 11.46 -15.61 -53.57
N PHE E 273 12.25 -15.68 -52.50
CA PHE E 273 11.93 -14.91 -51.30
C PHE E 273 13.23 -14.60 -50.56
N PRO E 274 13.35 -13.40 -50.00
CA PRO E 274 14.54 -13.07 -49.21
C PRO E 274 14.54 -13.83 -47.87
N ILE E 275 15.74 -13.97 -47.32
CA ILE E 275 15.98 -14.74 -46.10
C ILE E 275 16.72 -13.82 -45.14
N PRO E 276 16.48 -13.87 -43.83
CA PRO E 276 17.32 -13.13 -42.89
C PRO E 276 18.78 -13.59 -42.94
N VAL E 277 19.69 -12.63 -42.80
CA VAL E 277 21.13 -12.88 -42.92
C VAL E 277 21.64 -13.44 -41.61
N GLU E 278 22.38 -14.55 -41.70
CA GLU E 278 22.87 -15.22 -40.50
C GLU E 278 24.14 -16.00 -40.85
N ASN E 279 24.83 -16.45 -39.80
CA ASN E 279 26.09 -17.17 -39.98
C ASN E 279 25.89 -18.51 -40.67
N TYR E 280 24.80 -19.21 -40.34
CA TYR E 280 24.44 -20.43 -41.04
C TYR E 280 23.69 -20.05 -42.33
N GLY E 281 23.07 -21.03 -42.97
CA GLY E 281 22.42 -20.76 -44.23
C GLY E 281 21.00 -20.25 -44.14
N ALA E 282 20.14 -21.03 -43.49
CA ALA E 282 18.70 -20.80 -43.55
C ALA E 282 18.15 -20.42 -42.18
N ALA E 283 17.02 -19.73 -42.20
CA ALA E 283 16.30 -19.40 -40.99
C ALA E 283 15.51 -20.61 -40.50
N ARG E 284 14.76 -20.42 -39.41
CA ARG E 284 13.96 -21.49 -38.84
C ARG E 284 12.60 -21.63 -39.50
N SER E 285 12.27 -20.77 -40.46
CA SER E 285 10.96 -20.82 -41.10
C SER E 285 10.81 -22.07 -41.96
N ILE E 286 11.83 -22.41 -42.74
CA ILE E 286 11.74 -23.56 -43.65
C ILE E 286 12.20 -24.86 -42.99
N GLY E 287 13.14 -24.78 -42.06
CA GLY E 287 13.65 -25.98 -41.39
C GLY E 287 14.87 -26.60 -42.03
N ILE E 288 14.81 -26.83 -43.33
CA ILE E 288 15.93 -27.43 -44.08
C ILE E 288 17.01 -26.35 -44.21
N PRO E 289 18.30 -26.71 -44.22
CA PRO E 289 19.33 -25.72 -44.50
C PRO E 289 19.31 -25.28 -45.96
N PHE E 290 19.77 -24.06 -46.20
CA PHE E 290 19.84 -23.51 -47.55
C PHE E 290 21.24 -23.21 -48.02
N ARG E 291 22.11 -22.69 -47.15
CA ARG E 291 23.52 -22.47 -47.47
C ARG E 291 24.40 -23.07 -46.39
N PRO E 292 24.52 -24.40 -46.34
CA PRO E 292 25.36 -25.01 -45.30
C PRO E 292 26.84 -25.04 -45.65
N ASP E 293 27.17 -25.05 -46.95
CA ASP E 293 28.55 -25.21 -47.36
C ASP E 293 28.99 -24.16 -48.38
N THR E 294 28.04 -23.70 -49.21
CA THR E 294 28.41 -22.89 -50.37
C THR E 294 28.85 -21.49 -49.97
N LYS E 295 28.08 -20.82 -49.09
CA LYS E 295 28.43 -19.47 -48.63
C LYS E 295 27.92 -19.35 -47.19
N SER E 296 28.82 -19.60 -46.25
CA SER E 296 28.53 -19.49 -44.82
C SER E 296 29.84 -19.24 -44.09
N PHE E 297 29.78 -18.43 -43.03
CA PHE E 297 30.98 -17.95 -42.35
C PHE E 297 31.77 -19.05 -41.65
N TYR E 298 31.18 -20.23 -41.46
CA TYR E 298 31.95 -21.38 -40.99
C TYR E 298 32.77 -22.04 -42.10
N LYS E 299 32.54 -21.67 -43.37
CA LYS E 299 33.22 -22.32 -44.48
C LYS E 299 34.10 -21.37 -45.29
N LEU E 300 33.57 -20.25 -45.76
CA LEU E 300 34.32 -19.44 -46.71
C LEU E 300 35.37 -18.55 -46.05
N ILE E 301 35.34 -18.41 -44.73
CA ILE E 301 36.29 -17.53 -44.05
C ILE E 301 37.68 -18.14 -43.99
N ASP E 302 37.81 -19.45 -44.23
CA ASP E 302 39.14 -20.05 -44.34
C ASP E 302 39.80 -19.69 -45.65
N ARG E 303 39.01 -19.38 -46.68
CA ARG E 303 39.53 -19.00 -47.99
C ARG E 303 39.32 -17.52 -48.29
N MET E 304 38.92 -16.72 -47.30
CA MET E 304 38.72 -15.28 -47.50
C MET E 304 39.72 -14.46 -46.71
N ILE E 305 39.82 -14.66 -45.39
CA ILE E 305 40.68 -13.82 -44.56
C ILE E 305 42.15 -14.23 -44.66
N LEU E 306 42.44 -15.44 -45.14
CA LEU E 306 43.81 -15.93 -45.18
C LEU E 306 44.42 -15.88 -46.58
N LYS E 307 43.69 -16.40 -47.58
CA LYS E 307 44.18 -16.35 -48.95
C LYS E 307 44.03 -14.97 -49.58
N ASN E 308 42.99 -14.24 -49.18
CA ASN E 308 42.64 -12.90 -49.70
C ASN E 308 42.47 -12.92 -51.22
N GLU E 309 41.89 -14.00 -51.73
CA GLU E 309 41.57 -14.09 -53.14
C GLU E 309 40.36 -13.23 -53.47
N ASP E 310 40.26 -12.84 -54.75
CA ASP E 310 39.16 -11.99 -55.17
C ASP E 310 37.86 -12.79 -55.22
N LEU E 311 36.79 -12.15 -54.78
CA LEU E 311 35.47 -12.75 -54.65
C LEU E 311 34.46 -11.88 -55.41
N PRO E 312 33.34 -12.46 -55.85
CA PRO E 312 32.29 -11.65 -56.47
C PRO E 312 31.66 -10.68 -55.46
N ILE E 313 31.04 -9.62 -56.00
CA ILE E 313 30.54 -8.55 -55.17
C ILE E 313 29.35 -8.98 -54.31
N GLU E 314 28.61 -10.02 -54.71
CA GLU E 314 27.52 -10.50 -53.89
C GLU E 314 28.03 -11.22 -52.64
N ASP E 315 29.13 -11.95 -52.78
CA ASP E 315 29.76 -12.59 -51.61
C ASP E 315 30.32 -11.55 -50.65
N LYS E 316 30.91 -10.48 -51.18
CA LYS E 316 31.38 -9.39 -50.32
C LYS E 316 30.22 -8.68 -49.66
N HIS E 317 29.09 -8.55 -50.37
CA HIS E 317 27.89 -7.99 -49.77
C HIS E 317 27.40 -8.85 -48.61
N TYR E 318 27.42 -10.18 -48.78
CA TYR E 318 27.05 -11.08 -47.70
C TYR E 318 28.02 -10.99 -46.51
N VAL E 319 29.32 -10.86 -46.80
CA VAL E 319 30.33 -10.85 -45.74
C VAL E 319 30.21 -9.58 -44.91
N MET E 320 30.10 -8.42 -45.55
CA MET E 320 29.89 -7.20 -44.78
C MET E 320 28.47 -7.07 -44.24
N ALA E 321 27.51 -7.84 -44.75
CA ALA E 321 26.21 -7.93 -44.08
C ALA E 321 26.35 -8.68 -42.76
N ILE E 322 27.17 -9.74 -42.73
CA ILE E 322 27.42 -10.46 -41.49
C ILE E 322 28.20 -9.59 -40.51
N LEU E 323 29.24 -8.90 -41.01
CA LEU E 323 30.02 -8.00 -40.16
C LEU E 323 29.22 -6.78 -39.72
N ILE E 324 28.13 -6.44 -40.42
CA ILE E 324 27.18 -5.47 -39.89
C ILE E 324 26.45 -6.06 -38.68
N ARG E 325 26.05 -7.33 -38.77
CA ARG E 325 25.31 -7.95 -37.67
C ARG E 325 26.23 -8.29 -36.51
N GLY E 326 27.40 -8.82 -36.79
CA GLY E 326 28.35 -9.13 -35.74
C GLY E 326 28.04 -10.43 -35.01
N GLY E 327 28.81 -10.65 -33.95
CA GLY E 327 28.72 -11.84 -33.13
C GLY E 327 30.08 -12.50 -32.99
N MET E 328 30.09 -13.66 -32.35
CA MET E 328 31.33 -14.42 -32.21
C MET E 328 31.72 -15.03 -33.55
N PHE E 329 33.01 -14.97 -33.87
CA PHE E 329 33.53 -15.47 -35.13
C PHE E 329 34.74 -16.37 -34.88
N SER E 330 34.61 -17.29 -33.95
CA SER E 330 35.67 -18.23 -33.64
C SER E 330 35.11 -19.57 -33.15
N ARG F 15 1.92 -34.06 -43.77
CA ARG F 15 2.17 -32.69 -43.33
C ARG F 15 3.67 -32.50 -43.15
N PRO F 16 4.16 -31.25 -43.26
CA PRO F 16 5.56 -30.98 -42.89
C PRO F 16 5.77 -30.98 -41.39
N GLU F 17 6.99 -30.67 -40.95
CA GLU F 17 7.32 -30.73 -39.54
C GLU F 17 6.70 -29.59 -38.74
N ASN F 18 6.38 -28.47 -39.39
CA ASN F 18 5.81 -27.32 -38.67
C ASN F 18 5.04 -26.47 -39.68
N LEU F 19 3.71 -26.58 -39.66
CA LEU F 19 2.85 -25.69 -40.42
C LEU F 19 1.73 -25.20 -39.52
N SER F 20 1.31 -23.96 -39.72
CA SER F 20 0.24 -23.39 -38.91
C SER F 20 -0.52 -22.35 -39.72
N PHE F 21 -1.84 -22.38 -39.61
CA PHE F 21 -2.70 -21.38 -40.23
C PHE F 21 -2.98 -20.26 -39.23
N ALA F 22 -3.94 -19.39 -39.56
CA ALA F 22 -4.27 -18.27 -38.70
C ALA F 22 -5.75 -17.95 -38.91
N ARG F 23 -6.16 -16.77 -38.45
CA ARG F 23 -7.54 -16.35 -38.60
C ARG F 23 -7.81 -15.90 -40.04
N CYS F 24 -9.09 -15.85 -40.39
CA CYS F 24 -9.50 -15.34 -41.70
C CYS F 24 -10.57 -14.27 -41.54
N LEU F 25 -11.38 -14.37 -40.50
CA LEU F 25 -12.30 -13.31 -40.11
C LEU F 25 -12.17 -13.09 -38.61
N ASN F 26 -12.13 -11.83 -38.20
CA ASN F 26 -11.89 -11.47 -36.81
C ASN F 26 -13.09 -10.69 -36.28
N THR F 27 -13.48 -10.98 -35.05
CA THR F 27 -14.56 -10.30 -34.37
C THR F 27 -14.06 -9.70 -33.07
N THR F 28 -14.64 -8.56 -32.70
CA THR F 28 -14.24 -7.89 -31.47
C THR F 28 -15.12 -8.37 -30.32
N GLU F 29 -14.80 -7.91 -29.11
CA GLU F 29 -15.62 -8.26 -27.96
C GLU F 29 -16.93 -7.50 -27.99
N ALA F 30 -17.94 -8.07 -27.34
CA ALA F 30 -19.30 -7.56 -27.39
C ALA F 30 -19.59 -6.79 -26.11
N LYS F 31 -19.45 -5.48 -26.16
CA LYS F 31 -19.77 -4.62 -25.03
C LYS F 31 -21.29 -4.51 -24.91
N PHE F 32 -21.84 -4.99 -23.80
CA PHE F 32 -23.28 -4.98 -23.60
C PHE F 32 -23.78 -3.57 -23.31
N TRP F 33 -25.00 -3.28 -23.78
CA TRP F 33 -25.68 -2.03 -23.47
C TRP F 33 -27.13 -2.36 -23.10
N GLN F 34 -27.93 -1.33 -22.88
CA GLN F 34 -29.36 -1.51 -22.67
C GLN F 34 -30.10 -0.27 -23.16
N THR F 35 -31.19 -0.50 -23.88
CA THR F 35 -32.02 0.59 -24.41
C THR F 35 -33.49 0.29 -24.13
N ASP F 36 -34.30 1.34 -24.12
CA ASP F 36 -35.74 1.17 -24.32
C ASP F 36 -36.00 0.84 -25.77
N PHE F 37 -37.03 0.03 -26.02
CA PHE F 37 -37.25 -0.45 -27.38
C PHE F 37 -37.83 0.61 -28.30
N LEU F 38 -38.55 1.60 -27.77
CA LEU F 38 -38.99 2.71 -28.59
C LEU F 38 -37.81 3.59 -29.02
N LYS F 39 -36.98 3.96 -28.05
CA LYS F 39 -35.78 4.76 -28.32
C LYS F 39 -34.54 3.86 -28.36
N ARG F 40 -34.52 2.96 -29.34
CA ARG F 40 -33.38 2.04 -29.44
C ARG F 40 -32.21 2.68 -30.17
N HIS F 41 -32.48 3.42 -31.25
CA HIS F 41 -31.45 4.00 -32.09
C HIS F 41 -31.06 5.41 -31.68
N THR F 42 -31.60 5.92 -30.57
CA THR F 42 -31.28 7.26 -30.10
C THR F 42 -30.33 7.29 -28.91
N PHE F 43 -30.38 6.29 -28.03
CA PHE F 43 -29.54 6.31 -26.84
C PHE F 43 -29.30 4.88 -26.36
N LYS F 44 -28.30 4.74 -25.50
CA LYS F 44 -27.95 3.47 -24.88
C LYS F 44 -27.33 3.75 -23.51
N LEU F 45 -27.37 2.74 -22.65
CA LEU F 45 -26.86 2.84 -21.29
C LEU F 45 -25.99 1.64 -20.97
N PRO F 46 -24.94 1.81 -20.17
CA PRO F 46 -24.03 0.69 -19.92
C PRO F 46 -24.62 -0.35 -18.98
N LEU F 47 -24.04 -1.54 -19.03
CA LEU F 47 -24.47 -2.69 -18.24
C LEU F 47 -23.30 -3.14 -17.37
N LEU F 48 -23.41 -2.93 -16.06
CA LEU F 48 -22.36 -3.32 -15.13
C LEU F 48 -22.70 -4.65 -14.48
N ILE F 49 -21.79 -5.15 -13.65
CA ILE F 49 -21.93 -6.41 -12.95
C ILE F 49 -22.05 -6.12 -11.46
N THR F 50 -23.09 -6.67 -10.83
CA THR F 50 -23.27 -6.53 -9.40
C THR F 50 -22.85 -7.80 -8.69
N ASP F 51 -22.79 -7.73 -7.36
CA ASP F 51 -22.31 -8.84 -6.56
C ASP F 51 -23.39 -9.26 -5.58
N LYS F 52 -23.28 -10.48 -5.07
CA LYS F 52 -24.33 -11.05 -4.25
C LYS F 52 -23.77 -12.12 -3.33
N ALA F 53 -24.56 -12.45 -2.31
CA ALA F 53 -24.24 -13.51 -1.36
C ALA F 53 -25.25 -14.64 -1.53
N VAL F 54 -24.76 -15.87 -1.53
CA VAL F 54 -25.60 -17.05 -1.72
C VAL F 54 -25.19 -18.10 -0.69
N LEU F 55 -26.17 -18.61 0.07
CA LEU F 55 -25.90 -19.72 0.98
C LEU F 55 -25.95 -21.02 0.20
N ALA F 56 -24.82 -21.73 0.14
CA ALA F 56 -24.69 -22.88 -0.74
C ALA F 56 -25.55 -24.04 -0.27
N SER F 57 -26.12 -24.77 -1.24
CA SER F 57 -27.02 -25.87 -0.95
C SER F 57 -26.25 -27.10 -0.43
N ASN F 75 -22.91 -23.09 4.67
CA ASN F 75 -21.83 -22.17 4.37
C ASN F 75 -22.21 -21.19 3.26
N PRO F 76 -21.85 -19.93 3.42
CA PRO F 76 -22.14 -18.93 2.38
C PRO F 76 -20.99 -18.78 1.40
N GLN F 77 -21.28 -18.06 0.31
CA GLN F 77 -20.30 -17.73 -0.70
C GLN F 77 -20.72 -16.44 -1.38
N LYS F 78 -19.77 -15.80 -2.05
CA LYS F 78 -20.01 -14.55 -2.75
C LYS F 78 -19.87 -14.76 -4.24
N SER F 79 -20.90 -14.40 -5.00
CA SER F 79 -20.97 -14.67 -6.43
C SER F 79 -21.48 -13.43 -7.16
N GLN F 80 -20.96 -13.24 -8.37
CA GLN F 80 -21.38 -12.11 -9.19
C GLN F 80 -22.67 -12.44 -9.94
N SER F 81 -23.34 -11.38 -10.42
CA SER F 81 -24.54 -11.54 -11.22
C SER F 81 -24.74 -10.29 -12.06
N CYS F 82 -25.57 -10.41 -13.09
CA CYS F 82 -25.87 -9.29 -13.99
C CYS F 82 -27.34 -9.32 -14.37
N THR F 83 -27.94 -8.14 -14.46
CA THR F 83 -29.34 -8.00 -14.85
C THR F 83 -29.56 -6.58 -15.36
N LEU F 84 -30.69 -6.38 -16.04
CA LEU F 84 -31.04 -5.04 -16.50
C LEU F 84 -31.43 -4.13 -15.34
N SER F 85 -31.57 -2.86 -15.66
CA SER F 85 -32.22 -1.94 -14.73
C SER F 85 -33.73 -2.16 -14.81
N THR F 86 -34.45 -1.48 -13.91
CA THR F 86 -35.89 -1.63 -13.87
C THR F 86 -36.62 -0.71 -14.84
N GLU F 87 -35.89 0.09 -15.62
CA GLU F 87 -36.52 1.01 -16.57
C GLU F 87 -36.41 0.52 -18.01
N CYS F 88 -35.24 0.06 -18.44
CA CYS F 88 -35.06 -0.40 -19.80
C CYS F 88 -35.67 -1.79 -19.98
N ASP F 89 -35.84 -2.19 -21.25
CA ASP F 89 -36.42 -3.49 -21.53
C ASP F 89 -35.78 -4.23 -22.70
N THR F 90 -34.72 -3.69 -23.31
CA THR F 90 -34.09 -4.31 -24.47
C THR F 90 -32.58 -4.35 -24.26
N LEU F 91 -31.98 -5.52 -24.48
CA LEU F 91 -30.54 -5.69 -24.36
C LEU F 91 -29.87 -5.52 -25.72
N ARG F 92 -28.84 -4.67 -25.78
CA ARG F 92 -28.17 -4.34 -27.02
C ARG F 92 -26.75 -4.89 -26.99
N ILE F 93 -26.41 -5.69 -28.01
CA ILE F 93 -25.10 -6.30 -28.15
C ILE F 93 -24.49 -5.80 -29.45
N ASP F 94 -23.30 -5.21 -29.37
CA ASP F 94 -22.63 -4.67 -30.55
C ASP F 94 -21.20 -5.17 -30.60
N PHE F 95 -20.72 -5.36 -31.83
CA PHE F 95 -19.39 -5.87 -32.13
C PHE F 95 -19.12 -5.57 -33.61
N GLY F 96 -18.04 -6.12 -34.15
CA GLY F 96 -17.70 -5.84 -35.53
C GLY F 96 -16.76 -6.89 -36.07
N ILE F 97 -16.83 -7.11 -37.39
CA ILE F 97 -16.12 -8.20 -38.05
C ILE F 97 -15.27 -7.63 -39.18
N LYS F 98 -13.99 -7.98 -39.20
CA LYS F 98 -13.08 -7.63 -40.28
C LYS F 98 -12.62 -8.89 -40.98
N VAL F 99 -12.68 -8.88 -42.31
CA VAL F 99 -12.38 -10.05 -43.12
C VAL F 99 -11.16 -9.77 -44.00
N LEU F 100 -10.27 -10.76 -44.10
CA LEU F 100 -9.03 -10.70 -44.84
C LEU F 100 -8.93 -11.93 -45.75
N PRO F 101 -8.20 -11.83 -46.87
CA PRO F 101 -8.13 -12.97 -47.80
C PRO F 101 -7.47 -14.20 -47.21
N VAL F 102 -7.94 -15.36 -47.68
CA VAL F 102 -7.52 -16.66 -47.15
C VAL F 102 -6.20 -17.14 -47.74
N LYS F 103 -5.85 -16.70 -48.96
CA LYS F 103 -4.64 -17.17 -49.63
C LYS F 103 -3.37 -16.77 -48.88
N GLU F 104 -3.35 -15.55 -48.34
CA GLU F 104 -2.21 -15.06 -47.59
C GLU F 104 -2.31 -15.35 -46.10
N SER F 105 -3.34 -16.07 -45.66
CA SER F 105 -3.57 -16.30 -44.25
C SER F 105 -2.73 -17.41 -43.66
N MET F 106 -1.98 -18.15 -44.48
CA MET F 106 -1.10 -19.19 -43.96
C MET F 106 0.06 -18.54 -43.22
N TYR F 107 0.06 -18.67 -41.89
CA TYR F 107 1.02 -17.96 -41.07
C TYR F 107 2.40 -18.63 -41.10
N SER F 108 2.50 -19.86 -40.63
CA SER F 108 3.77 -20.56 -40.54
C SER F 108 3.83 -21.64 -41.62
N CYS F 109 4.80 -21.52 -42.51
CA CYS F 109 5.01 -22.45 -43.61
C CYS F 109 6.45 -22.92 -43.61
N SER F 110 6.66 -24.22 -43.86
CA SER F 110 8.00 -24.79 -43.82
C SER F 110 8.37 -25.57 -45.09
N ASP F 111 7.55 -25.49 -46.14
CA ASP F 111 7.89 -26.11 -47.42
C ASP F 111 7.20 -25.35 -48.54
N TYR F 112 7.96 -25.03 -49.59
CA TYR F 112 7.39 -24.28 -50.71
C TYR F 112 6.38 -25.12 -51.48
N ASN F 113 6.70 -26.40 -51.72
CA ASN F 113 5.85 -27.23 -52.56
C ASN F 113 4.51 -27.54 -51.89
N TYR F 114 4.56 -27.87 -50.59
CA TYR F 114 3.33 -28.09 -49.82
C TYR F 114 2.47 -26.85 -49.79
N ARG F 115 3.09 -25.68 -49.59
CA ARG F 115 2.39 -24.40 -49.74
C ARG F 115 1.87 -24.24 -51.15
N THR F 116 2.66 -24.65 -52.16
CA THR F 116 2.17 -24.66 -53.53
C THR F 116 1.01 -25.64 -53.71
N ALA F 117 1.00 -26.72 -52.92
CA ALA F 117 -0.13 -27.65 -52.92
C ALA F 117 -1.41 -26.99 -52.43
N ILE F 118 -1.30 -25.88 -51.70
CA ILE F 118 -2.47 -25.08 -51.35
C ILE F 118 -2.61 -23.87 -52.27
N TYR F 119 -1.55 -23.46 -52.97
CA TYR F 119 -1.59 -22.16 -53.63
C TYR F 119 -2.27 -22.18 -54.99
N GLN F 120 -2.82 -23.31 -55.44
CA GLN F 120 -3.91 -23.30 -56.40
C GLN F 120 -5.23 -23.73 -55.81
N LYS F 121 -5.22 -24.42 -54.65
CA LYS F 121 -6.42 -25.01 -54.04
C LYS F 121 -7.53 -24.00 -53.81
N ILE F 122 -7.18 -22.76 -53.50
CA ILE F 122 -8.22 -21.73 -53.37
C ILE F 122 -8.60 -21.18 -54.74
N ASP F 123 -7.61 -20.77 -55.55
CA ASP F 123 -7.93 -19.74 -56.55
C ASP F 123 -8.67 -20.31 -57.75
N GLU F 124 -8.43 -21.59 -58.08
CA GLU F 124 -9.20 -22.24 -59.13
C GLU F 124 -10.67 -22.36 -58.75
N TYR F 125 -10.98 -22.43 -57.46
CA TYR F 125 -12.38 -22.43 -57.05
C TYR F 125 -13.02 -21.05 -57.19
N ILE F 126 -12.21 -19.98 -57.24
CA ILE F 126 -12.75 -18.68 -57.67
C ILE F 126 -13.25 -18.76 -59.10
N ALA F 127 -12.66 -19.67 -59.90
CA ALA F 127 -13.14 -19.88 -61.27
C ALA F 127 -14.52 -20.51 -61.34
N GLU F 128 -15.03 -21.12 -60.26
CA GLU F 128 -16.35 -21.76 -60.35
C GLU F 128 -17.41 -21.08 -59.51
N ASP F 129 -17.21 -20.97 -58.19
CA ASP F 129 -18.26 -20.42 -57.34
C ASP F 129 -17.81 -19.22 -56.54
N GLY F 130 -16.59 -19.23 -56.02
CA GLY F 130 -16.14 -18.16 -55.15
C GLY F 130 -16.58 -18.30 -53.71
N PHE F 131 -16.93 -19.52 -53.28
CA PHE F 131 -17.26 -19.88 -51.89
C PHE F 131 -18.50 -19.13 -51.39
N LEU F 132 -19.60 -19.28 -52.12
CA LEU F 132 -20.86 -18.67 -51.72
C LEU F 132 -21.58 -19.46 -50.63
N THR F 133 -21.30 -20.76 -50.51
CA THR F 133 -22.04 -21.62 -49.59
C THR F 133 -21.71 -21.28 -48.13
N LEU F 134 -20.43 -21.36 -47.76
CA LEU F 134 -20.03 -21.10 -46.38
C LEU F 134 -20.20 -19.64 -46.01
N ALA F 135 -19.99 -18.73 -46.96
CA ALA F 135 -20.23 -17.31 -46.71
C ALA F 135 -21.71 -17.05 -46.45
N LYS F 136 -22.59 -17.67 -47.25
CA LYS F 136 -24.02 -17.50 -47.04
C LYS F 136 -24.48 -18.12 -45.73
N ARG F 137 -23.86 -19.24 -45.33
CA ARG F 137 -24.19 -19.83 -44.03
C ARG F 137 -23.67 -18.99 -42.86
N TYR F 138 -22.52 -18.33 -43.02
CA TYR F 138 -22.02 -17.42 -41.99
C TYR F 138 -22.95 -16.22 -41.82
N VAL F 139 -23.41 -15.63 -42.93
CA VAL F 139 -24.37 -14.53 -42.79
C VAL F 139 -25.72 -15.05 -42.32
N ASN F 140 -26.03 -16.33 -42.57
CA ASN F 140 -27.23 -16.94 -42.03
C ASN F 140 -27.18 -17.03 -40.51
N ASN F 141 -26.04 -17.48 -39.96
CA ASN F 141 -25.88 -17.53 -38.51
C ASN F 141 -25.79 -16.14 -37.90
N ILE F 142 -25.32 -15.16 -38.67
CA ILE F 142 -25.40 -13.77 -38.23
C ILE F 142 -26.86 -13.32 -38.12
N ALA F 143 -27.67 -13.64 -39.15
CA ALA F 143 -29.00 -13.08 -39.28
C ALA F 143 -29.99 -13.67 -38.30
N ASN F 144 -29.86 -14.95 -37.98
CA ASN F 144 -30.81 -15.59 -37.07
C ASN F 144 -30.47 -15.36 -35.60
N ALA F 145 -29.34 -14.70 -35.33
CA ALA F 145 -28.91 -14.29 -33.98
C ALA F 145 -28.71 -15.48 -33.05
N ARG F 146 -27.92 -16.45 -33.49
CA ARG F 146 -27.58 -17.62 -32.70
C ARG F 146 -26.39 -17.34 -31.77
N PHE F 147 -25.81 -16.15 -31.84
CA PHE F 147 -24.68 -15.78 -30.99
C PHE F 147 -25.11 -15.27 -29.63
N LEU F 148 -26.41 -15.30 -29.32
CA LEU F 148 -26.93 -14.80 -28.05
C LEU F 148 -26.93 -15.83 -26.94
N TRP F 149 -27.04 -17.12 -27.31
CA TRP F 149 -27.06 -18.27 -26.40
C TRP F 149 -28.28 -18.15 -25.51
N ARG F 150 -28.12 -18.05 -24.18
CA ARG F 150 -29.27 -18.03 -23.27
C ARG F 150 -30.02 -16.72 -23.28
N ASN F 151 -29.50 -15.68 -23.95
CA ASN F 151 -30.19 -14.41 -24.02
C ASN F 151 -31.37 -14.43 -24.97
N ARG F 152 -31.45 -15.42 -25.87
CA ARG F 152 -32.57 -15.54 -26.79
C ARG F 152 -33.66 -16.47 -26.28
N LYS F 153 -33.43 -17.17 -25.18
CA LYS F 153 -34.45 -18.07 -24.63
C LYS F 153 -35.54 -17.24 -23.95
N GLY F 154 -36.54 -16.86 -24.73
CA GLY F 154 -37.62 -16.02 -24.25
C GLY F 154 -37.41 -14.60 -24.69
N ALA F 155 -38.06 -14.19 -25.78
CA ALA F 155 -37.93 -12.85 -26.32
C ALA F 155 -39.11 -12.58 -27.24
N GLU F 156 -39.36 -11.29 -27.50
CA GLU F 156 -40.41 -10.91 -28.43
C GLU F 156 -39.87 -10.76 -29.84
N ILE F 157 -38.91 -9.87 -30.04
CA ILE F 157 -38.41 -9.54 -31.37
C ILE F 157 -36.93 -9.22 -31.28
N ILE F 158 -36.15 -9.79 -32.20
CA ILE F 158 -34.70 -9.57 -32.29
C ILE F 158 -34.41 -8.93 -33.65
N GLU F 159 -33.71 -7.79 -33.63
CA GLU F 159 -33.44 -7.02 -34.84
C GLU F 159 -31.94 -6.76 -34.96
N THR F 160 -31.30 -7.42 -35.92
CA THR F 160 -29.89 -7.22 -36.21
C THR F 160 -29.72 -6.13 -37.26
N ILE F 161 -28.83 -5.18 -37.00
CA ILE F 161 -28.61 -4.02 -37.86
C ILE F 161 -27.19 -4.09 -38.39
N VAL F 162 -27.04 -4.05 -39.72
CA VAL F 162 -25.74 -4.15 -40.38
C VAL F 162 -25.44 -2.81 -41.06
N THR F 163 -24.29 -2.22 -40.73
CA THR F 163 -23.87 -0.91 -41.24
C THR F 163 -22.44 -1.01 -41.74
N ILE F 164 -22.25 -1.36 -43.01
CA ILE F 164 -20.93 -1.54 -43.59
C ILE F 164 -20.60 -0.33 -44.46
N GLU F 165 -19.43 0.29 -44.21
CA GLU F 165 -18.97 1.51 -44.89
C GLU F 165 -19.98 2.64 -44.77
N ASP F 166 -20.58 2.76 -43.58
CA ASP F 166 -21.62 3.75 -43.26
C ASP F 166 -22.81 3.66 -44.21
N LYS F 167 -23.20 2.44 -44.56
CA LYS F 167 -24.40 2.17 -45.35
C LYS F 167 -25.38 1.43 -44.44
N GLU F 168 -26.30 2.18 -43.84
CA GLU F 168 -27.29 1.59 -42.94
C GLU F 168 -28.28 0.76 -43.75
N TYR F 169 -28.16 -0.55 -43.65
CA TYR F 169 -29.03 -1.45 -44.39
C TYR F 169 -30.43 -1.45 -43.79
N PRO F 170 -31.43 -1.92 -44.54
CA PRO F 170 -32.73 -2.24 -43.92
C PRO F 170 -32.56 -3.29 -42.84
N SER F 171 -33.31 -3.12 -41.75
CA SER F 171 -33.14 -3.96 -40.57
C SER F 171 -33.58 -5.39 -40.84
N PHE F 172 -32.82 -6.33 -40.32
CA PHE F 172 -33.14 -7.74 -40.48
C PHE F 172 -34.35 -8.10 -39.61
N ASN F 173 -34.96 -9.24 -39.94
CA ASN F 173 -36.15 -9.69 -39.22
C ASN F 173 -35.79 -10.61 -38.06
N SER F 174 -34.94 -11.61 -38.32
CA SER F 174 -34.53 -12.66 -37.38
C SER F 174 -35.72 -13.46 -36.87
N LYS F 175 -35.45 -14.47 -36.04
CA LYS F 175 -36.38 -15.33 -35.27
C LYS F 175 -37.36 -16.11 -36.14
N SER F 176 -37.30 -15.93 -37.45
CA SER F 176 -38.07 -16.71 -38.43
C SER F 176 -37.18 -17.69 -39.18
N PHE F 177 -35.92 -17.34 -39.38
CA PHE F 177 -34.90 -18.30 -39.83
C PHE F 177 -34.55 -19.16 -38.63
N ASN F 178 -35.34 -20.21 -38.42
CA ASN F 178 -35.23 -21.01 -37.22
C ASN F 178 -33.98 -21.88 -37.26
N LEU F 179 -33.75 -22.57 -36.15
CA LEU F 179 -32.58 -23.44 -36.04
C LEU F 179 -32.81 -24.72 -36.85
N ASP F 180 -31.70 -25.43 -37.08
CA ASP F 180 -31.63 -26.70 -37.82
C ASP F 180 -32.09 -26.57 -39.27
N THR F 181 -32.08 -25.37 -39.83
CA THR F 181 -32.39 -25.15 -41.24
C THR F 181 -31.66 -23.90 -41.69
N PHE F 182 -31.36 -23.83 -42.98
CA PHE F 182 -30.52 -22.78 -43.53
C PHE F 182 -31.22 -22.14 -44.73
N VAL F 183 -31.12 -20.83 -44.82
CA VAL F 183 -31.80 -20.05 -45.87
C VAL F 183 -30.74 -19.62 -46.88
N GLU F 184 -31.00 -19.91 -48.16
CA GLU F 184 -30.10 -19.53 -49.24
C GLU F 184 -30.80 -18.66 -50.28
N ASP F 185 -31.98 -18.11 -49.96
CA ASP F 185 -32.73 -17.28 -50.90
C ASP F 185 -33.39 -16.12 -50.15
N ASN F 186 -32.65 -15.01 -50.05
CA ASN F 186 -33.15 -13.74 -49.53
C ASN F 186 -32.15 -12.69 -50.02
N ALA F 187 -32.65 -11.48 -50.25
CA ALA F 187 -31.88 -10.48 -50.99
C ALA F 187 -30.73 -9.91 -50.17
N THR F 188 -30.97 -9.57 -48.90
CA THR F 188 -29.96 -8.84 -48.13
C THR F 188 -28.79 -9.74 -47.73
N ILE F 189 -29.08 -10.99 -47.33
CA ILE F 189 -28.01 -11.92 -46.97
C ILE F 189 -27.17 -12.27 -48.19
N ASN F 190 -27.82 -12.43 -49.35
CA ASN F 190 -27.08 -12.69 -50.59
C ASN F 190 -26.23 -11.49 -50.98
N GLU F 191 -26.75 -10.27 -50.78
CA GLU F 191 -26.02 -9.06 -51.13
C GLU F 191 -24.77 -8.89 -50.28
N ILE F 192 -24.89 -9.11 -48.96
CA ILE F 192 -23.73 -9.00 -48.09
C ILE F 192 -22.78 -10.17 -48.30
N ALA F 193 -23.32 -11.38 -48.50
CA ALA F 193 -22.50 -12.57 -48.71
C ALA F 193 -21.77 -12.55 -50.04
N GLN F 194 -22.23 -11.77 -51.02
CA GLN F 194 -21.47 -11.56 -52.24
C GLN F 194 -20.14 -10.88 -51.94
N GLN F 195 -20.19 -9.78 -51.17
CA GLN F 195 -18.97 -9.08 -50.77
C GLN F 195 -18.11 -9.95 -49.88
N ILE F 196 -18.73 -10.70 -48.97
CA ILE F 196 -17.97 -11.54 -48.05
C ILE F 196 -17.29 -12.69 -48.79
N ALA F 197 -17.99 -13.29 -49.75
CA ALA F 197 -17.39 -14.38 -50.51
C ALA F 197 -16.35 -13.87 -51.51
N ASP F 198 -16.47 -12.62 -51.94
CA ASP F 198 -15.46 -12.06 -52.84
C ASP F 198 -14.22 -11.56 -52.12
N THR F 199 -14.33 -11.13 -50.86
CA THR F 199 -13.13 -10.60 -50.21
C THR F 199 -12.19 -11.68 -49.72
N PHE F 200 -12.60 -12.96 -49.68
CA PHE F 200 -11.57 -14.00 -49.65
C PHE F 200 -10.85 -14.08 -50.98
N ALA F 201 -11.54 -13.79 -52.08
CA ALA F 201 -11.04 -14.03 -53.43
C ALA F 201 -10.33 -12.81 -54.01
N GLY F 202 -9.43 -12.23 -53.23
CA GLY F 202 -8.55 -11.16 -53.70
C GLY F 202 -9.24 -9.92 -54.25
N LYS F 203 -10.25 -9.42 -53.56
CA LYS F 203 -10.99 -8.25 -54.04
C LYS F 203 -10.72 -7.01 -53.19
N ARG F 204 -10.99 -7.09 -51.89
CA ARG F 204 -10.75 -5.99 -50.96
C ARG F 204 -9.91 -6.52 -49.80
N GLU F 205 -9.57 -5.62 -48.87
CA GLU F 205 -8.84 -6.00 -47.66
C GLU F 205 -9.47 -5.49 -46.37
N TYR F 206 -10.32 -4.47 -46.41
CA TYR F 206 -10.78 -3.78 -45.21
C TYR F 206 -12.29 -3.58 -45.26
N LEU F 207 -12.97 -3.98 -44.18
CA LEU F 207 -14.41 -3.84 -44.04
C LEU F 207 -14.71 -3.55 -42.57
N ASN F 208 -15.30 -2.39 -42.30
CA ASN F 208 -15.38 -1.88 -40.94
C ASN F 208 -16.56 -2.49 -40.19
N ILE F 209 -16.88 -1.92 -39.02
CA ILE F 209 -17.76 -2.52 -38.03
C ILE F 209 -19.20 -2.49 -38.53
N TYR F 210 -19.81 -3.66 -38.68
CA TYR F 210 -21.07 -3.73 -39.42
C TYR F 210 -22.06 -4.72 -38.79
N VAL F 211 -22.16 -4.75 -37.46
CA VAL F 211 -23.17 -5.60 -36.82
C VAL F 211 -23.55 -5.00 -35.47
N THR F 212 -24.84 -5.04 -35.15
CA THR F 212 -25.37 -4.55 -33.88
C THR F 212 -26.70 -5.24 -33.63
N CYS F 213 -26.84 -5.89 -32.47
CA CYS F 213 -28.02 -6.67 -32.15
C CYS F 213 -28.98 -5.87 -31.27
N PHE F 214 -30.17 -6.42 -31.07
CA PHE F 214 -31.21 -5.79 -30.26
C PHE F 214 -32.11 -6.90 -29.72
N VAL F 215 -31.89 -7.30 -28.47
CA VAL F 215 -32.60 -8.42 -27.87
C VAL F 215 -33.58 -7.87 -26.85
N LYS F 216 -34.85 -8.24 -27.00
CA LYS F 216 -35.90 -7.79 -26.09
C LYS F 216 -36.24 -8.93 -25.13
N ILE F 217 -35.43 -9.04 -24.07
CA ILE F 217 -35.67 -10.06 -23.05
C ILE F 217 -36.91 -9.71 -22.23
N GLY F 218 -37.03 -8.45 -21.82
CA GLY F 218 -38.10 -8.03 -20.95
C GLY F 218 -37.60 -7.06 -19.90
N CYS F 219 -38.51 -6.39 -19.20
CA CYS F 219 -38.09 -5.38 -18.23
C CYS F 219 -37.53 -6.05 -16.98
N ALA F 220 -36.39 -5.53 -16.52
CA ALA F 220 -35.71 -5.86 -15.26
C ALA F 220 -35.22 -7.30 -15.18
N MET F 221 -35.28 -8.07 -16.26
CA MET F 221 -34.89 -9.48 -16.22
C MET F 221 -33.35 -9.57 -16.26
N GLU F 222 -32.83 -10.79 -16.41
CA GLU F 222 -31.41 -11.01 -16.29
C GLU F 222 -30.80 -11.38 -17.64
N VAL F 223 -29.49 -11.13 -17.75
CA VAL F 223 -28.69 -11.53 -18.89
C VAL F 223 -27.59 -12.46 -18.41
N TYR F 224 -26.89 -13.05 -19.38
CA TYR F 224 -25.83 -14.02 -19.09
C TYR F 224 -24.59 -13.64 -19.88
N PRO F 225 -23.72 -12.80 -19.33
CA PRO F 225 -22.38 -12.62 -19.91
C PRO F 225 -21.53 -13.85 -19.69
N SER F 226 -20.37 -13.86 -20.33
CA SER F 226 -19.43 -14.95 -20.15
C SER F 226 -18.89 -14.97 -18.73
N GLN F 227 -18.62 -16.17 -18.23
CA GLN F 227 -18.12 -16.34 -16.87
C GLN F 227 -16.68 -16.80 -16.93
N GLU F 228 -15.82 -16.13 -16.17
CA GLU F 228 -14.40 -16.41 -16.18
C GLU F 228 -14.09 -17.72 -15.45
N MET F 229 -12.88 -18.22 -15.67
CA MET F 229 -12.52 -19.53 -15.16
C MET F 229 -12.17 -19.44 -13.68
N THR F 230 -12.72 -20.37 -12.89
CA THR F 230 -12.42 -20.50 -11.47
C THR F 230 -11.44 -21.64 -11.29
N PHE F 231 -10.28 -21.35 -10.72
CA PHE F 231 -9.23 -22.34 -10.57
C PHE F 231 -9.44 -23.14 -9.28
N ASP F 232 -8.43 -23.91 -8.89
CA ASP F 232 -8.52 -24.72 -7.68
C ASP F 232 -8.57 -23.82 -6.44
N ASP F 233 -9.51 -24.14 -5.55
CA ASP F 233 -9.86 -23.35 -4.37
C ASP F 233 -10.20 -21.91 -4.74
N ASP F 234 -9.34 -20.96 -4.32
CA ASP F 234 -9.53 -19.52 -4.46
C ASP F 234 -10.85 -19.13 -3.80
N ASP F 235 -11.84 -18.64 -4.53
CA ASP F 235 -13.14 -18.31 -3.97
C ASP F 235 -14.23 -18.87 -4.88
N LYS F 236 -15.21 -19.53 -4.28
CA LYS F 236 -16.30 -20.08 -5.05
C LYS F 236 -17.26 -18.98 -5.51
N GLY F 237 -18.09 -19.30 -6.48
CA GLY F 237 -19.07 -18.37 -6.98
C GLY F 237 -18.74 -17.90 -8.39
N LYS F 238 -19.75 -17.31 -9.02
CA LYS F 238 -19.63 -16.90 -10.42
C LYS F 238 -18.72 -15.68 -10.55
N LYS F 239 -17.84 -15.71 -11.54
CA LYS F 239 -16.96 -14.60 -11.88
C LYS F 239 -17.22 -14.25 -13.34
N LEU F 240 -18.06 -13.24 -13.58
CA LEU F 240 -18.47 -12.90 -14.94
C LEU F 240 -17.36 -12.12 -15.64
N PHE F 241 -17.63 -11.73 -16.89
CA PHE F 241 -16.65 -11.07 -17.75
C PHE F 241 -16.96 -9.59 -17.86
N LYS F 242 -15.95 -8.76 -17.67
CA LYS F 242 -16.08 -7.32 -17.78
C LYS F 242 -15.21 -6.82 -18.93
N PHE F 243 -15.78 -5.97 -19.78
CA PHE F 243 -15.08 -5.40 -20.93
C PHE F 243 -15.29 -3.91 -20.91
N GLU F 244 -14.18 -3.15 -20.79
CA GLU F 244 -14.17 -1.69 -20.80
C GLU F 244 -15.07 -1.09 -19.71
N GLY F 245 -15.08 -1.72 -18.54
CA GLY F 245 -15.87 -1.24 -17.43
C GLY F 245 -17.33 -1.65 -17.42
N SER F 246 -17.77 -2.40 -18.42
CA SER F 246 -19.15 -2.86 -18.49
C SER F 246 -19.16 -4.37 -18.76
N ALA F 247 -20.34 -4.97 -18.70
CA ALA F 247 -20.47 -6.40 -18.94
C ALA F 247 -20.20 -6.71 -20.41
N GLY F 248 -19.51 -7.82 -20.65
CA GLY F 248 -19.06 -8.12 -21.99
C GLY F 248 -19.26 -9.55 -22.41
N MET F 249 -18.59 -9.94 -23.50
CA MET F 249 -18.73 -11.28 -24.04
C MET F 249 -17.45 -11.61 -24.80
N HIS F 250 -16.96 -12.83 -24.65
CA HIS F 250 -15.70 -13.23 -25.25
C HIS F 250 -15.80 -13.23 -26.77
N SER F 251 -14.65 -12.98 -27.42
CA SER F 251 -14.61 -13.08 -28.87
C SER F 251 -14.73 -14.52 -29.33
N GLN F 252 -14.27 -15.47 -28.51
CA GLN F 252 -14.39 -16.88 -28.86
C GLN F 252 -15.82 -17.39 -28.71
N LYS F 253 -16.59 -16.82 -27.79
CA LYS F 253 -17.96 -17.25 -27.56
C LYS F 253 -18.85 -16.94 -28.76
N ILE F 254 -18.67 -15.76 -29.36
CA ILE F 254 -19.41 -15.40 -30.56
C ILE F 254 -18.96 -16.25 -31.73
N ASN F 255 -17.67 -16.53 -31.83
CA ASN F 255 -17.14 -17.27 -32.98
C ASN F 255 -17.52 -18.75 -32.94
N ASN F 256 -17.63 -19.34 -31.76
CA ASN F 256 -18.11 -20.72 -31.66
C ASN F 256 -19.58 -20.83 -32.06
N ALA F 257 -20.37 -19.80 -31.76
CA ALA F 257 -21.74 -19.76 -32.27
C ALA F 257 -21.78 -19.42 -33.75
N LEU F 258 -20.79 -18.70 -34.24
CA LEU F 258 -20.69 -18.41 -35.66
C LEU F 258 -20.11 -19.58 -36.46
N ARG F 259 -19.58 -20.58 -35.78
CA ARG F 259 -19.03 -21.76 -36.45
C ARG F 259 -20.04 -22.88 -36.60
N THR F 260 -21.29 -22.68 -36.17
CA THR F 260 -22.34 -23.69 -36.31
C THR F 260 -22.86 -23.66 -37.75
N ILE F 261 -22.07 -24.26 -38.64
CA ILE F 261 -22.43 -24.35 -40.05
C ILE F 261 -22.27 -25.79 -40.51
N ASP F 262 -21.71 -26.63 -39.64
CA ASP F 262 -21.39 -28.01 -40.01
C ASP F 262 -22.66 -28.85 -40.08
N THR F 263 -22.89 -29.48 -41.23
CA THR F 263 -24.04 -30.35 -41.42
C THR F 263 -23.71 -31.66 -42.12
N TRP F 264 -22.53 -31.79 -42.72
CA TRP F 264 -22.19 -32.92 -43.57
C TRP F 264 -21.32 -33.89 -42.76
N TYR F 265 -21.97 -34.83 -42.09
CA TYR F 265 -21.29 -35.81 -41.27
C TYR F 265 -22.19 -37.04 -41.17
N PRO F 266 -21.61 -38.22 -40.93
CA PRO F 266 -22.44 -39.41 -40.73
C PRO F 266 -23.28 -39.30 -39.46
N ASP F 267 -24.41 -40.02 -39.48
CA ASP F 267 -25.44 -39.99 -38.43
C ASP F 267 -25.95 -38.58 -38.18
N TYR F 268 -26.24 -37.84 -39.26
CA TYR F 268 -26.85 -36.53 -39.16
C TYR F 268 -28.35 -36.57 -39.40
N THR F 269 -28.81 -37.39 -40.35
CA THR F 269 -30.24 -37.46 -40.66
C THR F 269 -31.04 -38.10 -39.53
N THR F 270 -30.41 -38.96 -38.72
CA THR F 270 -31.06 -39.54 -37.56
C THR F 270 -31.03 -38.62 -36.34
N TYR F 271 -30.32 -37.50 -36.40
CA TYR F 271 -30.19 -36.59 -35.28
C TYR F 271 -30.70 -35.19 -35.58
N GLU F 272 -30.30 -34.63 -36.73
CA GLU F 272 -30.78 -33.34 -37.27
C GLU F 272 -30.51 -32.17 -36.32
N PHE F 273 -29.22 -31.90 -36.09
CA PHE F 273 -28.82 -30.64 -35.50
C PHE F 273 -27.42 -30.28 -36.00
N PRO F 274 -27.17 -29.02 -36.37
CA PRO F 274 -25.86 -28.63 -36.87
C PRO F 274 -24.89 -28.29 -35.74
N ILE F 275 -23.88 -29.13 -35.57
CA ILE F 275 -22.82 -28.92 -34.59
C ILE F 275 -21.90 -27.82 -35.13
N PRO F 276 -21.09 -27.17 -34.29
CA PRO F 276 -20.03 -26.30 -34.82
C PRO F 276 -18.92 -27.12 -35.47
N VAL F 277 -18.01 -26.41 -36.12
CA VAL F 277 -16.88 -27.03 -36.80
C VAL F 277 -15.73 -27.19 -35.81
N GLU F 278 -15.23 -28.41 -35.67
CA GLU F 278 -14.11 -28.71 -34.80
C GLU F 278 -12.99 -29.35 -35.60
N ASN F 279 -11.80 -29.39 -35.00
CA ASN F 279 -10.66 -29.99 -35.67
C ASN F 279 -10.77 -31.51 -35.68
N TYR F 280 -10.74 -32.13 -34.51
CA TYR F 280 -10.90 -33.57 -34.40
C TYR F 280 -12.35 -34.02 -34.56
N GLY F 281 -13.30 -33.09 -34.51
CA GLY F 281 -14.70 -33.43 -34.62
C GLY F 281 -15.33 -33.63 -33.25
N ALA F 282 -16.25 -32.76 -32.89
CA ALA F 282 -16.93 -32.84 -31.60
C ALA F 282 -18.34 -32.31 -31.77
N ALA F 283 -19.01 -32.01 -30.67
CA ALA F 283 -20.38 -31.51 -30.71
C ALA F 283 -20.57 -30.56 -29.54
N ARG F 284 -21.82 -30.24 -29.23
CA ARG F 284 -22.16 -29.44 -28.07
C ARG F 284 -23.16 -30.21 -27.22
N SER F 285 -22.88 -30.30 -25.91
CA SER F 285 -23.78 -30.81 -24.88
C SER F 285 -24.17 -32.28 -25.05
N ILE F 286 -23.50 -33.04 -25.93
CA ILE F 286 -23.67 -34.48 -25.99
C ILE F 286 -22.28 -35.12 -25.95
N GLY F 287 -22.10 -36.08 -25.05
CA GLY F 287 -20.80 -36.68 -24.85
C GLY F 287 -20.46 -37.81 -25.82
N ILE F 288 -20.17 -37.46 -27.06
CA ILE F 288 -19.80 -38.42 -28.09
C ILE F 288 -18.97 -37.68 -29.14
N PRO F 289 -17.89 -38.28 -29.65
CA PRO F 289 -17.10 -37.60 -30.69
C PRO F 289 -17.82 -37.57 -32.03
N PHE F 290 -18.66 -36.55 -32.21
CA PHE F 290 -19.40 -36.37 -33.45
C PHE F 290 -18.47 -36.17 -34.64
N ARG F 291 -18.74 -36.91 -35.72
CA ARG F 291 -17.92 -37.04 -36.93
C ARG F 291 -16.50 -37.41 -36.51
N PRO F 292 -16.26 -38.68 -36.17
CA PRO F 292 -14.93 -39.09 -35.69
C PRO F 292 -13.87 -39.11 -36.79
N ASP F 293 -12.71 -39.68 -36.48
CA ASP F 293 -11.51 -39.58 -37.31
C ASP F 293 -11.66 -40.20 -38.69
N THR F 294 -12.70 -41.03 -38.91
CA THR F 294 -12.98 -41.53 -40.25
C THR F 294 -13.34 -40.38 -41.20
N LYS F 295 -14.13 -39.43 -40.74
CA LYS F 295 -14.52 -38.27 -41.54
C LYS F 295 -13.97 -36.96 -40.99
N SER F 296 -13.12 -36.99 -39.98
CA SER F 296 -12.48 -35.79 -39.47
C SER F 296 -11.22 -35.48 -40.29
N PHE F 297 -10.49 -34.44 -39.88
CA PHE F 297 -9.38 -33.92 -40.67
C PHE F 297 -8.18 -34.85 -40.70
N TYR F 298 -8.16 -35.91 -39.89
CA TYR F 298 -7.07 -36.88 -39.90
C TYR F 298 -6.99 -37.65 -41.21
N LYS F 299 -8.09 -37.73 -41.97
CA LYS F 299 -8.12 -38.46 -43.23
C LYS F 299 -8.46 -37.59 -44.43
N LEU F 300 -8.76 -36.31 -44.24
CA LEU F 300 -8.90 -35.36 -45.34
C LEU F 300 -7.60 -34.62 -45.63
N ILE F 301 -6.47 -35.24 -45.33
CA ILE F 301 -5.15 -34.63 -45.52
C ILE F 301 -4.28 -35.56 -46.35
N ASP F 302 -4.90 -36.33 -47.22
CA ASP F 302 -4.18 -37.29 -48.07
C ASP F 302 -4.30 -36.91 -49.53
N ARG F 303 -4.13 -35.62 -49.83
CA ARG F 303 -4.23 -35.16 -51.21
C ARG F 303 -3.13 -34.18 -51.60
N MET F 304 -2.12 -33.97 -50.77
CA MET F 304 -0.98 -33.13 -51.12
C MET F 304 0.23 -33.95 -51.57
N ILE F 305 0.71 -34.84 -50.70
CA ILE F 305 1.76 -35.79 -51.08
C ILE F 305 1.21 -37.18 -51.37
N LEU F 306 -0.03 -37.46 -50.95
CA LEU F 306 -0.70 -38.71 -51.25
C LEU F 306 -1.51 -38.53 -52.54
N LYS F 307 -2.46 -39.44 -52.80
CA LYS F 307 -3.22 -39.43 -54.04
C LYS F 307 -4.06 -38.17 -54.19
N ASN F 308 -3.97 -37.54 -55.35
CA ASN F 308 -4.69 -36.29 -55.62
C ASN F 308 -6.05 -36.63 -56.22
N GLU F 309 -6.99 -36.96 -55.33
CA GLU F 309 -8.35 -37.32 -55.71
C GLU F 309 -9.31 -36.19 -55.38
N ASP F 310 -10.54 -36.33 -55.86
CA ASP F 310 -11.59 -35.34 -55.65
C ASP F 310 -12.44 -35.73 -54.44
N LEU F 311 -13.45 -34.92 -54.17
CA LEU F 311 -14.30 -35.09 -53.01
C LEU F 311 -15.65 -34.48 -53.32
N PRO F 312 -16.69 -34.79 -52.53
CA PRO F 312 -17.93 -34.01 -52.60
C PRO F 312 -17.68 -32.54 -52.28
N ILE F 313 -18.51 -31.68 -52.87
CA ILE F 313 -18.28 -30.24 -52.84
C ILE F 313 -18.38 -29.71 -51.41
N GLU F 314 -19.42 -30.11 -50.68
CA GLU F 314 -19.53 -29.67 -49.29
C GLU F 314 -18.56 -30.41 -48.39
N ASP F 315 -18.20 -31.65 -48.72
CA ASP F 315 -17.13 -32.33 -48.01
C ASP F 315 -15.77 -31.69 -48.30
N LYS F 316 -15.61 -31.11 -49.50
CA LYS F 316 -14.43 -30.29 -49.77
C LYS F 316 -14.46 -29.01 -48.95
N HIS F 317 -15.64 -28.40 -48.79
CA HIS F 317 -15.74 -27.16 -48.05
C HIS F 317 -15.65 -27.37 -46.54
N TYR F 318 -15.82 -28.61 -46.07
CA TYR F 318 -15.55 -28.90 -44.66
C TYR F 318 -14.10 -28.62 -44.29
N VAL F 319 -13.17 -28.88 -45.20
CA VAL F 319 -11.76 -28.57 -44.98
C VAL F 319 -11.57 -27.07 -44.85
N MET F 320 -12.22 -26.29 -45.72
CA MET F 320 -12.12 -24.83 -45.63
C MET F 320 -12.83 -24.25 -44.42
N ALA F 321 -13.82 -24.95 -43.86
CA ALA F 321 -14.35 -24.56 -42.57
C ALA F 321 -13.27 -24.70 -41.48
N ILE F 322 -12.49 -25.77 -41.54
CA ILE F 322 -11.36 -25.92 -40.63
C ILE F 322 -10.25 -24.95 -40.98
N LEU F 323 -9.98 -24.76 -42.27
CA LEU F 323 -8.85 -23.94 -42.71
C LEU F 323 -9.07 -22.45 -42.48
N ILE F 324 -10.33 -21.98 -42.38
CA ILE F 324 -10.57 -20.57 -42.12
C ILE F 324 -10.17 -20.21 -40.70
N ARG F 325 -10.56 -21.03 -39.73
CA ARG F 325 -10.31 -20.70 -38.33
C ARG F 325 -8.86 -20.93 -37.92
N GLY F 326 -8.24 -21.99 -38.44
CA GLY F 326 -6.88 -22.35 -38.11
C GLY F 326 -6.81 -23.68 -37.38
N GLY F 327 -5.59 -24.03 -37.00
CA GLY F 327 -5.38 -25.29 -36.30
C GLY F 327 -3.94 -25.47 -35.89
N MET F 328 -3.70 -26.57 -35.18
CA MET F 328 -2.39 -26.97 -34.69
C MET F 328 -1.95 -28.29 -35.32
N PHE F 329 -2.16 -28.44 -36.62
CA PHE F 329 -1.79 -29.67 -37.30
C PHE F 329 -0.29 -29.64 -37.59
N SER F 330 0.43 -30.66 -37.13
CA SER F 330 1.85 -30.83 -37.39
C SER F 330 2.19 -32.29 -37.18
N LYS F 331 3.48 -32.59 -37.10
CA LYS F 331 3.92 -33.96 -36.93
C LYS F 331 3.72 -34.42 -35.48
N LYS F 332 3.70 -35.74 -35.30
CA LYS F 332 3.50 -36.35 -33.99
C LYS F 332 4.82 -36.77 -33.34
N GLN F 333 5.89 -36.02 -33.60
CA GLN F 333 7.20 -36.34 -33.03
C GLN F 333 7.30 -35.83 -31.59
N LEU G 12 -29.89 -46.11 -21.12
CA LEU G 12 -30.78 -45.99 -19.97
C LEU G 12 -30.55 -47.12 -18.98
N LYS G 13 -29.30 -47.24 -18.52
CA LYS G 13 -28.94 -48.25 -17.53
C LYS G 13 -28.32 -47.68 -16.27
N SER G 14 -27.92 -46.42 -16.27
CA SER G 14 -27.31 -45.78 -15.10
C SER G 14 -27.67 -44.30 -15.15
N ARG G 15 -26.96 -43.49 -14.38
CA ARG G 15 -27.17 -42.04 -14.40
C ARG G 15 -26.06 -41.38 -15.20
N PRO G 16 -26.38 -40.71 -16.30
CA PRO G 16 -25.36 -39.95 -17.04
C PRO G 16 -24.81 -38.79 -16.23
N GLU G 17 -23.55 -38.45 -16.52
CA GLU G 17 -22.74 -37.67 -15.59
C GLU G 17 -23.02 -36.17 -15.60
N ASN G 18 -23.69 -35.63 -16.63
CA ASN G 18 -23.91 -34.18 -16.71
C ASN G 18 -25.40 -34.06 -17.04
N LEU G 19 -26.23 -34.00 -16.01
CA LEU G 19 -27.65 -33.70 -16.10
C LEU G 19 -27.94 -32.46 -15.26
N SER G 20 -27.93 -31.31 -15.91
CA SER G 20 -28.20 -30.04 -15.26
C SER G 20 -29.49 -29.45 -15.80
N PHE G 21 -30.20 -28.72 -14.95
CA PHE G 21 -31.45 -28.09 -15.32
C PHE G 21 -31.37 -26.59 -15.08
N ALA G 22 -32.10 -25.84 -15.89
CA ALA G 22 -32.12 -24.39 -15.80
C ALA G 22 -33.36 -23.93 -15.04
N ARG G 23 -33.37 -22.65 -14.71
CA ARG G 23 -34.50 -22.04 -14.02
C ARG G 23 -35.65 -21.93 -15.00
N CYS G 24 -36.63 -22.82 -14.87
CA CYS G 24 -37.80 -22.74 -15.72
C CYS G 24 -38.74 -21.62 -15.30
N LEU G 25 -38.72 -21.24 -14.03
CA LEU G 25 -39.50 -20.14 -13.49
C LEU G 25 -38.52 -19.10 -12.93
N ASN G 26 -38.21 -18.08 -13.73
CA ASN G 26 -37.30 -17.04 -13.27
C ASN G 26 -37.98 -16.13 -12.25
N THR G 27 -37.17 -15.35 -11.55
CA THR G 27 -37.68 -14.38 -10.59
C THR G 27 -36.74 -13.18 -10.54
N THR G 28 -37.29 -12.01 -10.80
CA THR G 28 -36.53 -10.76 -10.64
C THR G 28 -36.25 -10.52 -9.16
N GLU G 29 -35.13 -9.86 -8.88
CA GLU G 29 -34.77 -9.52 -7.52
C GLU G 29 -35.75 -8.49 -6.97
N ALA G 30 -36.20 -8.70 -5.74
CA ALA G 30 -37.28 -7.91 -5.17
C ALA G 30 -36.74 -6.59 -4.66
N LYS G 31 -36.85 -5.55 -5.47
CA LYS G 31 -36.58 -4.20 -5.00
C LYS G 31 -37.63 -3.78 -3.99
N PHE G 32 -37.21 -3.13 -2.92
CA PHE G 32 -38.14 -2.70 -1.88
C PHE G 32 -38.59 -1.26 -2.13
N TRP G 33 -39.77 -0.94 -1.63
CA TRP G 33 -40.32 0.40 -1.70
C TRP G 33 -41.07 0.68 -0.40
N GLN G 34 -41.74 1.82 -0.34
CA GLN G 34 -42.56 2.15 0.82
C GLN G 34 -43.64 3.13 0.37
N THR G 35 -44.82 3.01 0.97
CA THR G 35 -45.96 3.84 0.59
C THR G 35 -46.96 3.85 1.73
N ASP G 36 -47.89 4.79 1.66
CA ASP G 36 -49.05 4.79 2.54
C ASP G 36 -50.15 3.94 1.91
N PHE G 37 -50.92 3.27 2.78
CA PHE G 37 -51.88 2.27 2.30
C PHE G 37 -53.06 2.91 1.57
N LEU G 38 -53.49 4.09 2.00
CA LEU G 38 -54.61 4.74 1.32
C LEU G 38 -54.22 5.31 -0.03
N LYS G 39 -52.93 5.57 -0.25
CA LYS G 39 -52.45 6.06 -1.52
C LYS G 39 -51.42 5.09 -2.10
N ARG G 40 -51.73 3.80 -2.06
CA ARG G 40 -50.77 2.78 -2.48
C ARG G 40 -50.56 2.72 -3.98
N HIS G 41 -51.42 3.36 -4.79
CA HIS G 41 -51.29 3.27 -6.23
C HIS G 41 -50.51 4.43 -6.84
N THR G 42 -50.46 5.58 -6.19
CA THR G 42 -49.84 6.77 -6.76
C THR G 42 -48.64 7.29 -5.99
N PHE G 43 -48.29 6.67 -4.87
CA PHE G 43 -47.23 7.17 -3.99
C PHE G 43 -46.14 6.12 -3.88
N LYS G 44 -44.89 6.54 -4.03
CA LYS G 44 -43.76 5.60 -4.00
C LYS G 44 -42.50 6.37 -3.60
N LEU G 45 -41.83 5.90 -2.56
CA LEU G 45 -40.56 6.45 -2.12
C LEU G 45 -39.52 5.34 -2.01
N PRO G 46 -38.25 5.63 -2.27
CA PRO G 46 -37.21 4.62 -2.10
C PRO G 46 -36.93 4.33 -0.64
N LEU G 47 -36.64 3.07 -0.35
CA LEU G 47 -36.35 2.59 1.00
C LEU G 47 -34.89 2.16 1.07
N LEU G 48 -34.09 2.89 1.84
CA LEU G 48 -32.65 2.74 1.86
C LEU G 48 -32.20 2.01 3.12
N ILE G 49 -30.91 1.67 3.13
CA ILE G 49 -30.29 0.94 4.23
C ILE G 49 -29.60 1.95 5.14
N THR G 50 -30.00 1.99 6.40
CA THR G 50 -29.38 2.85 7.39
C THR G 50 -28.19 2.15 8.02
N ASP G 51 -27.57 2.81 8.99
CA ASP G 51 -26.44 2.21 9.70
C ASP G 51 -26.43 2.72 11.13
N LYS G 52 -26.61 1.81 12.08
CA LYS G 52 -26.63 2.12 13.49
C LYS G 52 -25.50 1.38 14.20
N ALA G 53 -25.30 1.71 15.47
CA ALA G 53 -24.26 1.09 16.27
C ALA G 53 -24.87 0.10 17.26
N VAL G 54 -24.00 -0.74 17.82
CA VAL G 54 -24.40 -1.80 18.74
C VAL G 54 -23.23 -2.07 19.66
N LEU G 55 -23.51 -2.72 20.80
CA LEU G 55 -22.47 -3.06 21.75
C LEU G 55 -22.61 -4.50 22.22
N PRO G 76 -18.12 -3.79 19.99
CA PRO G 76 -16.88 -3.94 19.23
C PRO G 76 -17.09 -4.12 17.72
N GLN G 77 -18.33 -3.92 17.26
CA GLN G 77 -18.64 -4.01 15.84
C GLN G 77 -19.88 -3.17 15.54
N LYS G 78 -20.05 -2.86 14.26
CA LYS G 78 -21.13 -2.00 13.78
C LYS G 78 -21.92 -2.73 12.71
N SER G 79 -23.25 -2.73 12.84
CA SER G 79 -24.12 -3.49 11.97
C SER G 79 -25.10 -2.57 11.24
N GLN G 80 -25.55 -3.01 10.07
CA GLN G 80 -26.49 -2.25 9.26
C GLN G 80 -27.91 -2.70 9.57
N SER G 81 -28.82 -1.75 9.74
CA SER G 81 -30.22 -2.04 10.00
C SER G 81 -31.09 -1.18 9.11
N CYS G 82 -32.28 -1.69 8.79
CA CYS G 82 -33.21 -1.00 7.91
C CYS G 82 -34.60 -0.96 8.54
N THR G 83 -35.35 0.05 8.15
CA THR G 83 -36.71 0.26 8.64
C THR G 83 -37.44 1.16 7.65
N LEU G 84 -38.68 1.50 7.98
CA LEU G 84 -39.47 2.42 7.16
C LEU G 84 -39.10 3.85 7.51
N SER G 85 -39.87 4.80 6.99
CA SER G 85 -39.79 6.18 7.43
C SER G 85 -40.80 6.38 8.55
N THR G 86 -40.98 7.63 8.99
CA THR G 86 -41.98 7.96 9.99
C THR G 86 -43.29 8.41 9.36
N GLU G 87 -43.41 8.33 8.03
CA GLU G 87 -44.60 8.80 7.33
C GLU G 87 -45.23 7.72 6.45
N CYS G 88 -44.84 6.46 6.62
CA CYS G 88 -45.36 5.37 5.82
C CYS G 88 -45.79 4.22 6.74
N ASP G 89 -46.79 3.47 6.29
CA ASP G 89 -47.25 2.32 7.08
C ASP G 89 -47.52 1.10 6.21
N THR G 90 -46.87 0.99 5.05
CA THR G 90 -47.08 -0.13 4.15
C THR G 90 -45.80 -0.35 3.37
N LEU G 91 -45.26 -1.55 3.44
CA LEU G 91 -44.12 -1.93 2.62
C LEU G 91 -44.62 -2.44 1.28
N ARG G 92 -43.97 -1.99 0.21
CA ARG G 92 -44.33 -2.36 -1.16
C ARG G 92 -43.15 -3.10 -1.78
N ILE G 93 -43.41 -4.29 -2.30
CA ILE G 93 -42.38 -5.10 -2.94
C ILE G 93 -42.82 -5.40 -4.36
N ASP G 94 -41.99 -5.01 -5.32
CA ASP G 94 -42.23 -5.25 -6.74
C ASP G 94 -41.19 -6.22 -7.27
N PHE G 95 -41.65 -7.26 -7.97
CA PHE G 95 -40.73 -8.14 -8.67
C PHE G 95 -41.45 -8.76 -9.85
N GLY G 96 -40.68 -9.41 -10.72
CA GLY G 96 -41.22 -9.97 -11.94
C GLY G 96 -40.82 -11.42 -12.11
N ILE G 97 -41.67 -12.16 -12.81
CA ILE G 97 -41.53 -13.60 -12.99
C ILE G 97 -41.67 -13.91 -14.48
N LYS G 98 -40.62 -14.47 -15.08
CA LYS G 98 -40.67 -14.93 -16.45
C LYS G 98 -40.76 -16.45 -16.44
N VAL G 99 -41.80 -16.99 -17.07
CA VAL G 99 -41.95 -18.43 -17.15
C VAL G 99 -41.82 -18.88 -18.60
N LEU G 100 -41.23 -20.07 -18.75
CA LEU G 100 -40.78 -20.64 -20.01
C LEU G 100 -41.26 -22.09 -20.08
N PRO G 101 -41.34 -22.67 -21.28
CA PRO G 101 -41.70 -24.09 -21.39
C PRO G 101 -40.69 -25.01 -20.72
N VAL G 102 -41.23 -26.10 -20.16
CA VAL G 102 -40.41 -27.01 -19.37
C VAL G 102 -39.50 -27.85 -20.25
N LYS G 103 -39.96 -28.22 -21.46
CA LYS G 103 -39.16 -29.09 -22.33
C LYS G 103 -37.95 -28.36 -22.88
N GLU G 104 -38.12 -27.10 -23.27
CA GLU G 104 -37.04 -26.34 -23.89
C GLU G 104 -36.04 -25.79 -22.88
N SER G 105 -36.33 -25.89 -21.58
CA SER G 105 -35.44 -25.37 -20.55
C SER G 105 -34.41 -26.40 -20.10
N MET G 106 -34.38 -27.57 -20.71
CA MET G 106 -33.34 -28.55 -20.41
C MET G 106 -31.99 -28.03 -20.88
N TYR G 107 -30.95 -28.30 -20.08
CA TYR G 107 -29.63 -27.73 -20.38
C TYR G 107 -28.71 -28.69 -21.11
N SER G 108 -28.49 -29.89 -20.58
CA SER G 108 -27.52 -30.79 -21.20
C SER G 108 -27.89 -32.24 -20.93
N CYS G 109 -27.22 -33.12 -21.68
CA CYS G 109 -27.31 -34.56 -21.52
C CYS G 109 -25.96 -35.18 -21.87
N SER G 110 -25.91 -36.51 -21.85
CA SER G 110 -24.87 -37.24 -22.56
C SER G 110 -25.41 -38.50 -23.22
N ASP G 111 -26.72 -38.72 -23.19
CA ASP G 111 -27.36 -39.85 -23.85
C ASP G 111 -28.53 -39.34 -24.67
N TYR G 112 -28.76 -39.95 -25.84
CA TYR G 112 -29.77 -39.43 -26.76
C TYR G 112 -31.19 -39.75 -26.28
N ASN G 113 -31.39 -40.94 -25.72
CA ASN G 113 -32.74 -41.36 -25.37
C ASN G 113 -33.29 -40.66 -24.13
N TYR G 114 -32.42 -40.05 -23.30
CA TYR G 114 -32.87 -39.47 -22.04
C TYR G 114 -33.73 -38.24 -22.26
N ARG G 115 -33.33 -37.36 -23.18
CA ARG G 115 -34.12 -36.16 -23.46
C ARG G 115 -35.45 -36.52 -24.11
N THR G 116 -35.46 -37.55 -24.97
CA THR G 116 -36.72 -38.01 -25.55
C THR G 116 -37.64 -38.61 -24.49
N ALA G 117 -37.07 -39.34 -23.52
CA ALA G 117 -37.87 -39.89 -22.42
C ALA G 117 -38.46 -38.80 -21.54
N ILE G 118 -37.67 -37.77 -21.25
CA ILE G 118 -38.18 -36.64 -20.47
C ILE G 118 -39.26 -35.89 -21.24
N TYR G 119 -39.07 -35.74 -22.56
CA TYR G 119 -40.06 -35.06 -23.40
C TYR G 119 -41.38 -35.82 -23.44
N GLN G 120 -41.32 -37.15 -23.58
CA GLN G 120 -42.57 -37.91 -23.60
C GLN G 120 -43.20 -38.02 -22.22
N LYS G 121 -42.41 -37.92 -21.15
CA LYS G 121 -42.99 -37.86 -19.81
C LYS G 121 -43.74 -36.56 -19.60
N ILE G 122 -43.19 -35.44 -20.08
CA ILE G 122 -43.92 -34.17 -20.03
C ILE G 122 -45.14 -34.23 -20.93
N ASP G 123 -45.03 -34.91 -22.08
CA ASP G 123 -46.16 -35.05 -22.99
C ASP G 123 -47.29 -35.88 -22.39
N GLU G 124 -46.96 -36.95 -21.67
CA GLU G 124 -48.02 -37.72 -21.04
C GLU G 124 -48.56 -37.04 -19.79
N TYR G 125 -47.80 -36.14 -19.16
CA TYR G 125 -48.41 -35.28 -18.14
C TYR G 125 -49.43 -34.36 -18.81
N ILE G 126 -49.08 -33.80 -19.97
CA ILE G 126 -49.99 -32.94 -20.72
C ILE G 126 -51.25 -33.70 -21.11
N ALA G 127 -51.09 -34.98 -21.47
CA ALA G 127 -52.24 -35.85 -21.72
C ALA G 127 -53.05 -36.08 -20.45
N GLU G 128 -52.38 -36.24 -19.31
CA GLU G 128 -53.10 -36.53 -18.07
C GLU G 128 -53.73 -35.28 -17.47
N ASP G 129 -52.91 -34.31 -17.08
CA ASP G 129 -53.40 -33.14 -16.35
C ASP G 129 -53.07 -31.80 -17.00
N GLY G 130 -52.09 -31.74 -17.90
CA GLY G 130 -51.73 -30.49 -18.54
C GLY G 130 -51.09 -29.46 -17.64
N PHE G 131 -50.24 -29.90 -16.70
CA PHE G 131 -49.50 -29.05 -15.75
C PHE G 131 -50.42 -28.18 -14.92
N LEU G 132 -51.64 -28.65 -14.63
CA LEU G 132 -52.66 -27.82 -14.03
C LEU G 132 -52.56 -27.76 -12.51
N THR G 133 -52.25 -28.87 -11.86
CA THR G 133 -52.22 -28.90 -10.39
C THR G 133 -51.04 -28.11 -9.85
N LEU G 134 -49.85 -28.30 -10.43
CA LEU G 134 -48.65 -27.63 -9.95
C LEU G 134 -48.71 -26.13 -10.22
N ALA G 135 -49.30 -25.73 -11.35
CA ALA G 135 -49.50 -24.31 -11.62
C ALA G 135 -50.44 -23.69 -10.59
N LYS G 136 -51.49 -24.44 -10.21
CA LYS G 136 -52.40 -23.99 -9.17
C LYS G 136 -51.68 -23.83 -7.83
N ARG G 137 -50.79 -24.77 -7.50
CA ARG G 137 -50.07 -24.69 -6.23
C ARG G 137 -49.06 -23.55 -6.22
N TYR G 138 -48.34 -23.35 -7.34
CA TYR G 138 -47.36 -22.26 -7.42
C TYR G 138 -48.04 -20.90 -7.34
N VAL G 139 -49.13 -20.71 -8.09
CA VAL G 139 -49.84 -19.45 -8.01
C VAL G 139 -50.64 -19.31 -6.71
N ASN G 140 -50.91 -20.41 -6.01
CA ASN G 140 -51.52 -20.33 -4.69
C ASN G 140 -50.52 -19.85 -3.64
N ASN G 141 -49.29 -20.37 -3.69
CA ASN G 141 -48.24 -19.86 -2.82
C ASN G 141 -47.87 -18.43 -3.16
N ILE G 142 -48.03 -18.06 -4.43
CA ILE G 142 -47.97 -16.65 -4.82
C ILE G 142 -49.12 -15.88 -4.17
N ALA G 143 -50.30 -16.51 -4.09
CA ALA G 143 -51.52 -15.80 -3.69
C ALA G 143 -51.54 -15.48 -2.20
N ASN G 144 -51.04 -16.38 -1.36
CA ASN G 144 -51.10 -16.16 0.08
C ASN G 144 -49.91 -15.36 0.61
N ALA G 145 -49.02 -14.90 -0.28
CA ALA G 145 -47.89 -14.03 0.03
C ALA G 145 -46.92 -14.67 1.02
N ARG G 146 -46.48 -15.89 0.69
CA ARG G 146 -45.53 -16.58 1.54
C ARG G 146 -44.09 -16.20 1.25
N PHE G 147 -43.84 -15.39 0.22
CA PHE G 147 -42.47 -14.93 -0.04
C PHE G 147 -42.01 -13.88 0.96
N LEU G 148 -42.92 -13.30 1.72
CA LEU G 148 -42.58 -12.45 2.86
C LEU G 148 -42.24 -13.35 4.03
N TRP G 149 -40.95 -13.44 4.37
CA TRP G 149 -40.55 -14.38 5.41
C TRP G 149 -40.86 -13.83 6.80
N ARG G 150 -40.21 -12.74 7.17
CA ARG G 150 -40.43 -12.14 8.47
C ARG G 150 -41.04 -10.74 8.37
N ASN G 151 -41.47 -10.33 7.19
CA ASN G 151 -42.18 -9.07 7.02
C ASN G 151 -43.69 -9.24 7.05
N ARG G 152 -44.18 -10.47 7.15
CA ARG G 152 -45.61 -10.71 7.20
C ARG G 152 -46.12 -10.97 8.61
N LYS G 153 -45.25 -11.32 9.54
CA LYS G 153 -45.64 -11.54 10.93
C LYS G 153 -46.02 -10.19 11.55
N GLY G 154 -47.27 -10.08 11.97
CA GLY G 154 -47.75 -8.81 12.47
C GLY G 154 -48.07 -7.83 11.37
N ALA G 155 -49.02 -8.18 10.51
CA ALA G 155 -49.45 -7.32 9.42
C ALA G 155 -50.96 -7.29 9.36
N GLU G 156 -51.52 -6.10 9.19
CA GLU G 156 -52.98 -5.95 9.16
C GLU G 156 -53.56 -6.46 7.85
N ILE G 157 -53.19 -5.82 6.74
CA ILE G 157 -53.67 -6.18 5.41
C ILE G 157 -52.47 -6.49 4.54
N ILE G 158 -52.45 -7.68 3.96
CA ILE G 158 -51.45 -8.08 2.99
C ILE G 158 -52.19 -8.37 1.69
N GLU G 159 -52.03 -7.52 0.68
CA GLU G 159 -52.71 -7.78 -0.57
C GLU G 159 -51.75 -7.67 -1.74
N THR G 160 -51.98 -8.53 -2.72
CA THR G 160 -51.02 -8.78 -3.80
C THR G 160 -51.70 -8.54 -5.14
N ILE G 161 -51.06 -7.77 -6.01
CA ILE G 161 -51.56 -7.47 -7.34
C ILE G 161 -50.65 -8.13 -8.36
N VAL G 162 -51.25 -8.91 -9.25
CA VAL G 162 -50.53 -9.63 -10.29
C VAL G 162 -50.99 -9.06 -11.63
N THR G 163 -50.03 -8.64 -12.46
CA THR G 163 -50.37 -8.14 -13.79
C THR G 163 -49.60 -8.90 -14.87
N ILE G 164 -50.33 -9.31 -15.89
CA ILE G 164 -49.80 -9.95 -17.10
C ILE G 164 -50.25 -9.06 -18.25
N GLU G 165 -49.39 -8.92 -19.28
CA GLU G 165 -49.54 -7.84 -20.26
C GLU G 165 -50.80 -7.95 -21.11
N ASP G 166 -51.51 -9.08 -21.09
CA ASP G 166 -52.81 -9.12 -21.74
C ASP G 166 -53.85 -8.31 -20.96
N LYS G 167 -53.94 -8.51 -19.65
CA LYS G 167 -54.93 -7.82 -18.83
C LYS G 167 -54.50 -7.83 -17.37
N GLU G 168 -54.88 -6.77 -16.66
CA GLU G 168 -54.64 -6.68 -15.22
C GLU G 168 -55.61 -7.59 -14.48
N TYR G 169 -55.08 -8.40 -13.54
CA TYR G 169 -55.83 -9.42 -12.82
C TYR G 169 -56.26 -8.89 -11.45
N PRO G 170 -57.37 -9.41 -10.90
CA PRO G 170 -57.88 -8.87 -9.63
C PRO G 170 -56.97 -9.17 -8.45
N SER G 171 -57.12 -8.34 -7.42
CA SER G 171 -56.29 -8.43 -6.23
C SER G 171 -56.64 -9.63 -5.39
N PHE G 172 -55.63 -10.20 -4.74
CA PHE G 172 -55.81 -11.34 -3.84
C PHE G 172 -56.12 -10.85 -2.43
N ASN G 173 -56.21 -11.76 -1.49
CA ASN G 173 -56.47 -11.42 -0.09
C ASN G 173 -55.36 -11.85 0.86
N SER G 174 -54.74 -13.00 0.60
CA SER G 174 -53.53 -13.51 1.27
C SER G 174 -53.71 -13.75 2.78
N LYS G 175 -54.91 -13.66 3.30
CA LYS G 175 -55.16 -13.90 4.71
C LYS G 175 -56.24 -14.94 4.94
N SER G 176 -57.27 -14.96 4.09
CA SER G 176 -58.26 -16.02 4.16
C SER G 176 -57.69 -17.35 3.68
N PHE G 177 -56.64 -17.32 2.86
CA PHE G 177 -55.97 -18.55 2.44
C PHE G 177 -55.05 -18.99 3.56
N ASN G 178 -55.40 -20.11 4.21
CA ASN G 178 -54.62 -20.61 5.32
C ASN G 178 -53.30 -21.16 4.83
N LEU G 179 -52.26 -21.06 5.67
CA LEU G 179 -50.89 -21.37 5.29
C LEU G 179 -50.65 -22.85 5.03
N ASP G 180 -51.58 -23.74 5.38
CA ASP G 180 -51.41 -25.16 5.14
C ASP G 180 -52.51 -25.76 4.27
N THR G 181 -53.47 -24.96 3.81
CA THR G 181 -54.52 -25.42 2.92
C THR G 181 -54.41 -24.72 1.58
N PHE G 182 -54.76 -25.44 0.52
CA PHE G 182 -54.68 -24.92 -0.85
C PHE G 182 -56.07 -24.77 -1.44
N VAL G 183 -56.24 -23.71 -2.22
CA VAL G 183 -57.55 -23.30 -2.73
C VAL G 183 -57.66 -23.67 -4.20
N GLU G 184 -58.80 -24.23 -4.58
CA GLU G 184 -59.11 -24.60 -5.96
C GLU G 184 -60.52 -24.16 -6.33
N ASP G 185 -60.91 -22.97 -5.90
CA ASP G 185 -62.28 -22.54 -6.11
C ASP G 185 -62.42 -21.20 -6.81
N ASN G 186 -61.53 -20.24 -6.54
CA ASN G 186 -61.69 -18.91 -7.11
C ASN G 186 -61.26 -18.89 -8.57
N ALA G 187 -61.75 -17.87 -9.29
CA ALA G 187 -61.56 -17.80 -10.73
C ALA G 187 -60.29 -17.07 -11.14
N THR G 188 -59.82 -16.11 -10.32
CA THR G 188 -58.58 -15.41 -10.64
C THR G 188 -57.38 -16.34 -10.57
N ILE G 189 -57.28 -17.10 -9.47
CA ILE G 189 -56.21 -18.07 -9.29
C ILE G 189 -56.28 -19.16 -10.35
N ASN G 190 -57.49 -19.58 -10.71
CA ASN G 190 -57.66 -20.61 -11.73
C ASN G 190 -57.27 -20.10 -13.12
N GLU G 191 -57.59 -18.84 -13.43
CA GLU G 191 -57.24 -18.29 -14.74
C GLU G 191 -55.74 -18.10 -14.88
N ILE G 192 -55.09 -17.55 -13.85
CA ILE G 192 -53.64 -17.37 -13.92
C ILE G 192 -52.92 -18.72 -13.92
N ALA G 193 -53.44 -19.69 -13.17
CA ALA G 193 -52.87 -21.03 -13.19
C ALA G 193 -53.06 -21.70 -14.55
N GLN G 194 -54.19 -21.43 -15.20
CA GLN G 194 -54.42 -21.95 -16.56
C GLN G 194 -53.42 -21.36 -17.54
N GLN G 195 -53.14 -20.06 -17.43
CA GLN G 195 -52.15 -19.43 -18.30
C GLN G 195 -50.75 -20.00 -18.07
N ILE G 196 -50.36 -20.15 -16.79
CA ILE G 196 -49.03 -20.67 -16.47
C ILE G 196 -48.90 -22.13 -16.92
N ALA G 197 -49.98 -22.91 -16.78
CA ALA G 197 -49.98 -24.28 -17.27
C ALA G 197 -49.92 -24.33 -18.80
N ASP G 198 -50.53 -23.35 -19.47
CA ASP G 198 -50.44 -23.28 -20.92
C ASP G 198 -49.02 -23.03 -21.39
N THR G 199 -48.30 -22.14 -20.70
CA THR G 199 -46.89 -21.97 -21.05
C THR G 199 -46.03 -23.16 -20.62
N PHE G 200 -46.40 -23.85 -19.54
CA PHE G 200 -45.67 -25.05 -19.14
C PHE G 200 -45.85 -26.16 -20.16
N ALA G 201 -47.01 -26.20 -20.84
CA ALA G 201 -47.26 -27.22 -21.84
C ALA G 201 -46.38 -27.06 -23.07
N GLY G 202 -45.96 -25.83 -23.37
CA GLY G 202 -45.22 -25.54 -24.58
C GLY G 202 -46.05 -24.93 -25.69
N LYS G 203 -47.33 -24.64 -25.43
CA LYS G 203 -48.14 -23.96 -26.44
C LYS G 203 -47.72 -22.51 -26.61
N ARG G 204 -47.27 -21.87 -25.53
CA ARG G 204 -46.69 -20.54 -25.59
C ARG G 204 -45.17 -20.62 -25.50
N GLU G 205 -44.51 -19.52 -25.83
CA GLU G 205 -43.05 -19.47 -25.83
C GLU G 205 -42.47 -18.77 -24.61
N TYR G 206 -43.19 -17.79 -24.05
CA TYR G 206 -42.73 -17.07 -22.88
C TYR G 206 -43.94 -16.44 -22.21
N LEU G 207 -43.78 -16.08 -20.94
CA LEU G 207 -44.82 -15.34 -20.25
C LEU G 207 -44.21 -14.45 -19.18
N ASN G 208 -44.71 -13.22 -19.10
CA ASN G 208 -44.26 -12.23 -18.13
C ASN G 208 -45.37 -11.97 -17.12
N ILE G 209 -45.05 -12.15 -15.85
CA ILE G 209 -45.93 -11.83 -14.72
C ILE G 209 -45.22 -10.77 -13.89
N TYR G 210 -45.96 -9.83 -13.35
CA TYR G 210 -45.36 -8.82 -12.47
C TYR G 210 -46.17 -8.77 -11.19
N VAL G 211 -45.50 -9.07 -10.07
CA VAL G 211 -46.12 -9.26 -8.78
C VAL G 211 -45.72 -8.09 -7.89
N THR G 212 -46.72 -7.37 -7.38
CA THR G 212 -46.48 -6.24 -6.48
C THR G 212 -47.35 -6.42 -5.26
N CYS G 213 -46.73 -6.54 -4.09
CA CYS G 213 -47.47 -6.78 -2.86
C CYS G 213 -47.34 -5.58 -1.93
N PHE G 214 -48.42 -5.29 -1.23
CA PHE G 214 -48.48 -4.24 -0.22
C PHE G 214 -48.82 -4.89 1.11
N VAL G 215 -47.97 -4.67 2.12
CA VAL G 215 -48.21 -5.18 3.46
C VAL G 215 -48.34 -3.99 4.42
N LYS G 216 -49.31 -4.08 5.33
CA LYS G 216 -49.57 -3.01 6.29
C LYS G 216 -48.97 -3.41 7.63
N ILE G 217 -47.64 -3.27 7.72
CA ILE G 217 -46.94 -3.60 8.95
C ILE G 217 -47.22 -2.55 10.02
N GLY G 218 -46.83 -1.32 9.74
CA GLY G 218 -46.96 -0.22 10.69
C GLY G 218 -45.89 0.81 10.45
N CYS G 219 -46.02 1.92 11.17
CA CYS G 219 -45.12 3.04 10.96
C CYS G 219 -43.74 2.75 11.56
N ALA G 220 -42.71 2.90 10.72
CA ALA G 220 -41.29 2.85 11.12
C ALA G 220 -40.88 1.51 11.72
N MET G 221 -41.54 0.43 11.33
CA MET G 221 -41.17 -0.88 11.85
C MET G 221 -39.96 -1.42 11.11
N GLU G 222 -39.37 -2.48 11.67
CA GLU G 222 -38.10 -3.01 11.19
C GLU G 222 -38.37 -4.12 10.19
N VAL G 223 -38.31 -3.78 8.90
CA VAL G 223 -38.39 -4.81 7.87
C VAL G 223 -37.05 -5.52 7.77
N TYR G 224 -37.07 -6.71 7.18
CA TYR G 224 -35.91 -7.58 7.14
C TYR G 224 -35.56 -7.89 5.70
N PRO G 225 -34.65 -7.14 5.08
CA PRO G 225 -34.20 -7.48 3.73
C PRO G 225 -33.28 -8.69 3.72
N SER G 226 -32.78 -9.06 2.55
CA SER G 226 -31.80 -10.13 2.48
C SER G 226 -30.51 -9.68 3.14
N GLN G 227 -29.81 -10.63 3.74
CA GLN G 227 -28.68 -10.36 4.61
C GLN G 227 -27.40 -10.80 3.92
N GLU G 228 -26.43 -9.90 3.83
CA GLU G 228 -25.18 -10.15 3.13
C GLU G 228 -24.21 -10.93 4.04
N MET G 229 -22.95 -11.00 3.64
CA MET G 229 -21.93 -11.67 4.44
C MET G 229 -20.63 -10.90 4.33
N THR G 230 -19.72 -11.19 5.27
CA THR G 230 -18.36 -10.65 5.24
C THR G 230 -17.40 -11.79 5.57
N PHE G 231 -16.56 -12.14 4.60
CA PHE G 231 -15.69 -13.32 4.76
C PHE G 231 -14.34 -12.97 5.37
N ASP G 232 -14.35 -12.23 6.47
CA ASP G 232 -13.16 -11.93 7.25
C ASP G 232 -13.62 -11.44 8.62
N ASP G 233 -12.66 -11.24 9.52
CA ASP G 233 -12.94 -10.93 10.92
C ASP G 233 -12.73 -9.46 11.24
N ASP G 234 -13.07 -8.57 10.31
CA ASP G 234 -13.00 -7.14 10.60
C ASP G 234 -14.15 -6.70 11.50
N ASP G 235 -15.34 -7.24 11.27
CA ASP G 235 -16.54 -6.74 11.93
C ASP G 235 -17.54 -7.87 12.05
N LYS G 236 -18.03 -8.09 13.28
CA LYS G 236 -19.07 -9.09 13.53
C LYS G 236 -20.46 -8.47 13.47
N GLY G 237 -20.74 -7.76 12.38
CA GLY G 237 -22.01 -7.06 12.25
C GLY G 237 -22.68 -7.43 10.94
N LYS G 238 -24.01 -7.30 10.94
CA LYS G 238 -24.80 -7.70 9.80
C LYS G 238 -24.78 -6.63 8.71
N LYS G 239 -24.92 -7.08 7.47
CA LYS G 239 -25.07 -6.21 6.31
C LYS G 239 -26.32 -6.62 5.55
N LEU G 240 -26.95 -5.64 4.90
CA LEU G 240 -28.21 -5.87 4.23
C LEU G 240 -28.06 -5.66 2.73
N PHE G 241 -28.92 -6.31 1.96
CA PHE G 241 -28.80 -6.33 0.51
C PHE G 241 -29.24 -5.00 -0.08
N LYS G 242 -28.39 -4.43 -0.92
CA LYS G 242 -28.68 -3.17 -1.61
C LYS G 242 -28.86 -3.43 -3.10
N PHE G 243 -29.98 -2.99 -3.64
CA PHE G 243 -30.31 -3.18 -5.05
C PHE G 243 -30.65 -1.83 -5.65
N GLU G 244 -29.78 -1.35 -6.54
CA GLU G 244 -29.92 -0.07 -7.25
C GLU G 244 -30.04 1.11 -6.29
N GLY G 245 -29.26 1.08 -5.21
CA GLY G 245 -29.28 2.15 -4.24
C GLY G 245 -30.38 2.07 -3.21
N SER G 246 -31.23 1.06 -3.29
CA SER G 246 -32.29 0.84 -2.31
C SER G 246 -32.16 -0.56 -1.75
N ALA G 247 -32.81 -0.79 -0.61
CA ALA G 247 -32.79 -2.12 0.00
C ALA G 247 -33.60 -3.09 -0.86
N GLY G 248 -33.29 -4.37 -0.70
CA GLY G 248 -33.99 -5.37 -1.50
C GLY G 248 -33.78 -6.76 -0.96
N MET G 249 -34.60 -7.66 -1.48
CA MET G 249 -34.48 -9.09 -1.18
C MET G 249 -33.80 -9.79 -2.35
N HIS G 250 -33.13 -10.89 -2.05
CA HIS G 250 -32.46 -11.66 -3.09
C HIS G 250 -33.49 -12.35 -3.98
N SER G 251 -33.04 -12.73 -5.18
CA SER G 251 -33.92 -13.43 -6.10
C SER G 251 -34.14 -14.88 -5.66
N GLN G 252 -33.11 -15.51 -5.10
CA GLN G 252 -33.19 -16.92 -4.72
C GLN G 252 -33.91 -17.14 -3.39
N LYS G 253 -34.09 -16.10 -2.59
CA LYS G 253 -34.82 -16.26 -1.34
C LYS G 253 -36.31 -16.44 -1.59
N ILE G 254 -36.84 -15.75 -2.61
CA ILE G 254 -38.25 -15.86 -2.96
C ILE G 254 -38.55 -17.23 -3.54
N ASN G 255 -37.63 -17.78 -4.34
CA ASN G 255 -37.84 -19.06 -5.00
C ASN G 255 -37.94 -20.21 -4.00
N ASN G 256 -37.30 -20.08 -2.83
CA ASN G 256 -37.56 -21.04 -1.76
C ASN G 256 -39.00 -20.96 -1.27
N ALA G 257 -39.54 -19.76 -1.15
CA ALA G 257 -40.87 -19.62 -0.57
C ALA G 257 -41.98 -19.83 -1.58
N LEU G 258 -41.69 -19.77 -2.88
CA LEU G 258 -42.68 -20.16 -3.87
C LEU G 258 -42.71 -21.66 -4.10
N ARG G 259 -41.67 -22.37 -3.66
CA ARG G 259 -41.58 -23.82 -3.86
C ARG G 259 -42.08 -24.61 -2.66
N THR G 260 -42.91 -24.01 -1.80
CA THR G 260 -43.44 -24.72 -0.64
C THR G 260 -44.78 -25.36 -0.99
N ILE G 261 -44.70 -26.36 -1.87
CA ILE G 261 -45.85 -27.10 -2.34
C ILE G 261 -45.76 -28.58 -1.99
N ASP G 262 -44.73 -28.98 -1.24
CA ASP G 262 -44.51 -30.38 -0.92
C ASP G 262 -45.36 -30.77 0.27
N THR G 263 -46.40 -31.58 0.01
CA THR G 263 -47.23 -32.13 1.08
C THR G 263 -47.29 -33.64 1.06
N TRP G 264 -46.82 -34.29 0.01
CA TRP G 264 -46.91 -35.74 -0.14
C TRP G 264 -45.61 -36.41 0.30
N TYR G 265 -45.22 -36.15 1.55
CA TYR G 265 -44.08 -36.80 2.16
C TYR G 265 -44.54 -37.75 3.25
N PRO G 266 -43.75 -38.78 3.58
CA PRO G 266 -44.15 -39.69 4.66
C PRO G 266 -44.22 -39.01 6.01
N ASP G 267 -45.13 -39.52 6.85
CA ASP G 267 -45.49 -38.92 8.14
C ASP G 267 -45.93 -37.47 7.99
N TYR G 268 -46.70 -37.19 6.95
CA TYR G 268 -47.28 -35.87 6.78
C TYR G 268 -48.39 -35.61 7.80
N THR G 269 -49.11 -36.67 8.20
CA THR G 269 -50.26 -36.53 9.08
C THR G 269 -49.89 -36.12 10.50
N THR G 270 -48.62 -36.21 10.89
CA THR G 270 -48.20 -35.77 12.21
C THR G 270 -47.67 -34.34 12.21
N TYR G 271 -46.94 -33.95 11.16
CA TYR G 271 -46.38 -32.61 11.07
C TYR G 271 -47.38 -31.61 10.49
N GLU G 272 -47.95 -31.94 9.33
CA GLU G 272 -49.03 -31.20 8.67
C GLU G 272 -48.64 -29.75 8.34
N PHE G 273 -47.57 -29.63 7.54
CA PHE G 273 -47.25 -28.34 6.92
C PHE G 273 -46.62 -28.59 5.55
N PRO G 274 -46.79 -27.68 4.60
CA PRO G 274 -46.09 -27.82 3.32
C PRO G 274 -44.64 -27.34 3.42
N ILE G 275 -43.71 -28.24 3.17
CA ILE G 275 -42.28 -27.92 3.22
C ILE G 275 -41.85 -27.44 1.83
N PRO G 276 -40.75 -26.70 1.71
CA PRO G 276 -40.22 -26.39 0.37
C PRO G 276 -39.70 -27.63 -0.32
N VAL G 277 -39.76 -27.62 -1.65
CA VAL G 277 -39.39 -28.78 -2.46
C VAL G 277 -37.88 -28.75 -2.69
N GLU G 278 -37.16 -29.60 -1.97
CA GLU G 278 -35.75 -29.84 -2.24
C GLU G 278 -35.55 -31.27 -2.74
N ASN G 279 -34.30 -31.61 -3.01
CA ASN G 279 -33.97 -32.95 -3.51
C ASN G 279 -34.23 -34.01 -2.44
N TYR G 280 -33.73 -33.78 -1.23
CA TYR G 280 -33.93 -34.68 -0.11
C TYR G 280 -34.99 -34.18 0.85
N GLY G 281 -35.77 -33.18 0.45
CA GLY G 281 -36.80 -32.61 1.32
C GLY G 281 -36.26 -31.87 2.52
N ALA G 282 -35.17 -31.13 2.35
CA ALA G 282 -34.55 -30.42 3.45
C ALA G 282 -35.40 -29.21 3.86
N ALA G 283 -35.13 -28.71 5.06
CA ALA G 283 -35.81 -27.54 5.59
C ALA G 283 -34.90 -26.89 6.62
N ARG G 284 -34.60 -25.61 6.42
CA ARG G 284 -33.73 -24.90 7.35
C ARG G 284 -34.49 -24.31 8.54
N SER G 285 -35.82 -24.37 8.54
CA SER G 285 -36.57 -23.97 9.72
C SER G 285 -36.56 -25.07 10.78
N ILE G 286 -37.09 -26.23 10.44
CA ILE G 286 -36.98 -27.43 11.26
C ILE G 286 -36.01 -28.35 10.55
N GLY G 287 -34.85 -28.59 11.15
CA GLY G 287 -33.82 -29.32 10.45
C GLY G 287 -33.96 -30.81 10.59
N ILE G 288 -34.63 -31.43 9.61
CA ILE G 288 -34.91 -32.87 9.58
C ILE G 288 -34.91 -33.29 8.12
N PRO G 289 -34.23 -34.39 7.75
CA PRO G 289 -34.32 -34.89 6.38
C PRO G 289 -35.66 -35.57 6.14
N PHE G 290 -36.66 -34.79 5.69
CA PHE G 290 -38.02 -35.28 5.52
C PHE G 290 -38.10 -36.46 4.56
N ARG G 291 -37.29 -36.46 3.51
CA ARG G 291 -37.24 -37.56 2.55
C ARG G 291 -35.79 -37.98 2.36
N PRO G 292 -35.21 -38.70 3.34
CA PRO G 292 -33.80 -39.08 3.24
C PRO G 292 -33.51 -40.12 2.17
N ASP G 293 -34.23 -41.25 2.21
CA ASP G 293 -34.02 -42.31 1.25
C ASP G 293 -35.32 -42.97 0.80
N THR G 294 -36.47 -42.50 1.25
CA THR G 294 -37.75 -43.09 0.87
C THR G 294 -38.35 -42.36 -0.33
N LYS G 295 -38.59 -41.07 -0.19
CA LYS G 295 -39.22 -40.27 -1.24
C LYS G 295 -38.30 -39.14 -1.71
N SER G 296 -36.99 -39.37 -1.67
CA SER G 296 -36.04 -38.46 -2.29
C SER G 296 -36.10 -38.60 -3.80
N PHE G 297 -35.62 -37.55 -4.51
CA PHE G 297 -35.82 -37.47 -5.95
C PHE G 297 -35.04 -38.55 -6.70
N TYR G 298 -33.80 -38.79 -6.32
CA TYR G 298 -32.99 -39.79 -7.01
C TYR G 298 -33.54 -41.19 -6.79
N LYS G 299 -34.12 -41.43 -5.60
CA LYS G 299 -34.62 -42.76 -5.26
C LYS G 299 -35.82 -43.16 -6.11
N LEU G 300 -36.69 -42.21 -6.40
CA LEU G 300 -37.83 -42.51 -7.24
C LEU G 300 -37.41 -42.49 -8.71
N ILE G 301 -36.49 -41.60 -9.09
CA ILE G 301 -36.00 -41.65 -10.46
C ILE G 301 -35.45 -43.03 -10.78
N ASP G 302 -34.78 -43.66 -9.81
CA ASP G 302 -34.21 -45.00 -10.00
C ASP G 302 -35.26 -46.08 -10.25
N ARG G 303 -36.52 -45.84 -9.91
CA ARG G 303 -37.61 -46.73 -10.31
C ARG G 303 -38.52 -46.13 -11.38
N MET G 304 -38.41 -44.83 -11.65
CA MET G 304 -39.21 -44.18 -12.67
C MET G 304 -38.60 -44.35 -14.06
N ILE G 305 -37.39 -43.83 -14.25
CA ILE G 305 -36.82 -43.71 -15.58
C ILE G 305 -36.01 -44.94 -15.96
N LEU G 306 -35.16 -45.40 -15.05
CA LEU G 306 -34.28 -46.54 -15.33
C LEU G 306 -34.98 -47.88 -15.22
N LYS G 307 -36.26 -47.91 -14.84
CA LYS G 307 -37.04 -49.13 -14.85
C LYS G 307 -38.34 -49.04 -15.64
N ASN G 308 -38.72 -47.84 -16.11
CA ASN G 308 -39.91 -47.59 -16.95
C ASN G 308 -41.19 -48.06 -16.27
N GLU G 309 -41.49 -47.43 -15.14
CA GLU G 309 -42.62 -47.80 -14.30
C GLU G 309 -43.54 -46.61 -14.08
N ASP G 310 -44.84 -46.87 -14.06
CA ASP G 310 -45.82 -45.84 -13.72
C ASP G 310 -45.74 -45.52 -12.23
N LEU G 311 -46.23 -44.33 -11.89
CA LEU G 311 -46.08 -43.79 -10.55
C LEU G 311 -47.37 -43.12 -10.12
N PRO G 312 -47.62 -43.01 -8.81
CA PRO G 312 -48.80 -42.28 -8.33
C PRO G 312 -48.70 -40.79 -8.63
N ILE G 313 -49.88 -40.15 -8.67
CA ILE G 313 -49.99 -38.77 -9.14
C ILE G 313 -49.30 -37.78 -8.20
N GLU G 314 -49.27 -38.08 -6.90
CA GLU G 314 -48.60 -37.21 -5.95
C GLU G 314 -47.08 -37.18 -6.19
N ASP G 315 -46.50 -38.35 -6.48
CA ASP G 315 -45.09 -38.41 -6.80
C ASP G 315 -44.78 -37.77 -8.14
N LYS G 316 -45.73 -37.86 -9.09
CA LYS G 316 -45.59 -37.15 -10.35
C LYS G 316 -45.57 -35.64 -10.14
N HIS G 317 -46.43 -35.14 -9.24
CA HIS G 317 -46.42 -33.73 -8.88
C HIS G 317 -45.10 -33.33 -8.23
N TYR G 318 -44.55 -34.20 -7.37
CA TYR G 318 -43.27 -33.90 -6.74
C TYR G 318 -42.13 -33.84 -7.75
N VAL G 319 -42.05 -34.84 -8.65
CA VAL G 319 -40.93 -34.87 -9.59
C VAL G 319 -41.05 -33.75 -10.61
N MET G 320 -42.27 -33.32 -10.97
CA MET G 320 -42.34 -32.18 -11.86
C MET G 320 -42.13 -30.86 -11.12
N ALA G 321 -42.39 -30.81 -9.81
CA ALA G 321 -42.02 -29.63 -9.03
C ALA G 321 -40.51 -29.46 -8.97
N ILE G 322 -39.78 -30.56 -8.74
CA ILE G 322 -38.32 -30.45 -8.75
C ILE G 322 -37.78 -30.34 -10.17
N LEU G 323 -38.58 -30.69 -11.18
CA LEU G 323 -38.20 -30.39 -12.56
C LEU G 323 -38.31 -28.89 -12.84
N ILE G 324 -39.33 -28.25 -12.28
CA ILE G 324 -39.48 -26.80 -12.40
C ILE G 324 -38.34 -26.10 -11.69
N ARG G 325 -37.98 -26.58 -10.49
CA ARG G 325 -36.95 -25.90 -9.68
C ARG G 325 -35.58 -25.93 -10.34
N GLY G 326 -35.10 -27.10 -10.73
CA GLY G 326 -33.80 -27.22 -11.34
C GLY G 326 -32.95 -28.23 -10.60
N GLY G 327 -31.64 -28.11 -10.76
CA GLY G 327 -30.72 -28.98 -10.08
C GLY G 327 -29.44 -29.14 -10.89
N MET G 328 -28.50 -29.87 -10.30
CA MET G 328 -27.21 -30.16 -10.89
C MET G 328 -26.88 -31.64 -10.73
N PHE G 329 -27.81 -32.49 -11.15
CA PHE G 329 -27.76 -33.93 -10.94
C PHE G 329 -26.59 -34.58 -11.68
N SER G 330 -25.57 -35.01 -10.94
CA SER G 330 -24.43 -35.70 -11.51
C SER G 330 -24.72 -37.20 -11.54
N LYS G 331 -23.70 -38.00 -11.84
CA LYS G 331 -23.85 -39.45 -11.88
C LYS G 331 -23.85 -40.03 -10.47
N ASN H 18 -28.09 -24.31 17.82
CA ASN H 18 -29.07 -24.73 16.83
C ASN H 18 -30.42 -24.08 17.09
N LEU H 19 -30.79 -24.01 18.37
CA LEU H 19 -32.02 -23.32 18.75
C LEU H 19 -31.84 -21.82 18.63
N SER H 20 -32.90 -21.14 18.21
CA SER H 20 -32.88 -19.69 18.08
C SER H 20 -34.23 -19.16 18.56
N PHE H 21 -34.26 -17.87 18.88
CA PHE H 21 -35.48 -17.25 19.35
C PHE H 21 -35.51 -15.80 18.91
N ALA H 22 -36.49 -15.46 18.08
CA ALA H 22 -36.66 -14.09 17.63
C ALA H 22 -37.25 -13.24 18.75
N ARG H 23 -37.28 -11.93 18.55
CA ARG H 23 -37.80 -11.04 19.59
C ARG H 23 -39.33 -11.11 19.73
N CYS H 24 -39.81 -11.43 20.92
CA CYS H 24 -41.25 -11.48 21.14
C CYS H 24 -41.85 -10.10 21.03
N LEU H 25 -40.99 -9.07 21.07
CA LEU H 25 -41.46 -7.70 20.94
C LEU H 25 -40.41 -6.86 20.23
N ASN H 26 -40.82 -6.12 19.22
CA ASN H 26 -39.88 -5.32 18.45
C ASN H 26 -40.12 -3.83 18.62
N THR H 27 -39.16 -3.13 19.24
CA THR H 27 -39.30 -1.69 19.38
C THR H 27 -38.79 -0.96 18.13
N THR H 28 -38.82 0.36 18.21
CA THR H 28 -38.49 1.24 17.10
C THR H 28 -37.33 2.15 17.50
N GLU H 29 -36.33 2.23 16.62
CA GLU H 29 -35.23 3.19 16.81
C GLU H 29 -35.78 4.61 16.84
N ALA H 30 -35.48 5.32 17.91
CA ALA H 30 -36.24 6.50 18.27
C ALA H 30 -35.77 7.74 17.51
N LYS H 31 -36.44 8.86 17.78
CA LYS H 31 -36.08 10.17 17.28
C LYS H 31 -36.23 11.17 18.42
N PHE H 32 -35.71 12.37 18.22
CA PHE H 32 -35.88 13.45 19.17
C PHE H 32 -36.49 14.64 18.47
N TRP H 33 -37.42 15.30 19.16
CA TRP H 33 -38.12 16.48 18.67
C TRP H 33 -38.27 17.45 19.84
N GLN H 34 -38.48 18.72 19.53
CA GLN H 34 -38.50 19.77 20.54
C GLN H 34 -39.89 20.36 20.64
N THR H 35 -40.50 20.26 21.82
CA THR H 35 -41.76 20.95 22.09
C THR H 35 -41.66 21.82 23.34
N ASP H 36 -42.80 22.33 23.78
CA ASP H 36 -42.92 23.12 25.01
C ASP H 36 -43.89 22.41 25.95
N PHE H 37 -44.13 23.03 27.10
CA PHE H 37 -45.09 22.48 28.05
C PHE H 37 -46.52 22.64 27.55
N LEU H 38 -46.86 23.83 27.03
CA LEU H 38 -48.20 24.10 26.54
C LEU H 38 -48.40 23.71 25.09
N LYS H 39 -47.35 23.71 24.28
CA LYS H 39 -47.40 23.29 22.89
C LYS H 39 -46.87 21.86 22.74
N ARG H 40 -47.13 21.02 23.75
CA ARG H 40 -46.65 19.65 23.79
C ARG H 40 -47.23 18.78 22.67
N HIS H 41 -48.51 18.94 22.36
CA HIS H 41 -49.15 18.16 21.30
C HIS H 41 -49.29 18.90 19.99
N THR H 42 -49.07 20.22 19.96
CA THR H 42 -49.32 21.03 18.77
C THR H 42 -48.06 21.34 17.99
N PHE H 43 -47.08 21.99 18.63
CA PHE H 43 -45.90 22.49 17.95
C PHE H 43 -44.74 21.52 18.12
N LYS H 44 -44.10 21.16 17.02
CA LYS H 44 -42.96 20.26 17.02
C LYS H 44 -41.86 20.83 16.13
N LEU H 45 -40.62 20.42 16.42
CA LEU H 45 -39.45 20.93 15.71
C LEU H 45 -38.37 19.88 15.76
N PRO H 46 -37.56 19.75 14.71
CA PRO H 46 -36.47 18.76 14.75
C PRO H 46 -35.31 19.22 15.63
N LEU H 47 -34.55 18.23 16.09
CA LEU H 47 -33.40 18.44 16.96
C LEU H 47 -32.16 17.91 16.25
N LEU H 48 -31.28 18.81 15.82
CA LEU H 48 -30.16 18.48 14.97
C LEU H 48 -28.88 18.34 15.79
N ILE H 49 -27.99 17.46 15.31
CA ILE H 49 -26.68 17.29 15.93
C ILE H 49 -25.80 18.48 15.56
N THR H 50 -25.19 19.10 16.56
CA THR H 50 -24.26 20.21 16.35
C THR H 50 -22.86 19.77 16.76
N ASP H 51 -21.89 19.94 15.87
CA ASP H 51 -20.53 19.52 16.15
C ASP H 51 -19.85 20.49 17.10
N LYS H 52 -18.79 20.02 17.74
CA LYS H 52 -18.08 20.78 18.75
C LYS H 52 -16.59 20.48 18.64
N ALA H 53 -15.78 21.39 19.18
CA ALA H 53 -14.33 21.26 19.20
C ALA H 53 -13.86 21.11 20.64
N VAL H 54 -12.82 20.30 20.83
CA VAL H 54 -12.30 20.00 22.17
C VAL H 54 -10.81 20.36 22.21
N LEU H 55 -10.28 20.40 23.43
CA LEU H 55 -8.87 20.62 23.74
C LEU H 55 -8.31 21.91 23.16
N PRO H 76 -5.96 18.75 17.78
CA PRO H 76 -6.51 17.70 18.63
C PRO H 76 -7.67 16.95 17.98
N GLN H 77 -8.89 17.10 18.52
CA GLN H 77 -10.02 16.30 18.10
C GLN H 77 -11.28 17.17 17.99
N LYS H 78 -12.31 16.58 17.39
CA LYS H 78 -13.63 17.20 17.28
C LYS H 78 -14.67 16.20 17.73
N SER H 79 -15.58 16.63 18.61
CA SER H 79 -16.60 15.78 19.17
C SER H 79 -17.97 16.28 18.72
N GLN H 80 -18.82 15.36 18.25
CA GLN H 80 -20.14 15.72 17.75
C GLN H 80 -21.18 15.68 18.87
N SER H 81 -20.97 16.50 19.89
CA SER H 81 -21.83 16.52 21.06
C SER H 81 -23.16 17.15 20.71
N CYS H 82 -24.19 16.31 20.57
CA CYS H 82 -25.54 16.80 20.31
C CYS H 82 -26.09 17.51 21.54
N THR H 83 -26.96 18.50 21.31
CA THR H 83 -27.54 19.24 22.44
C THR H 83 -28.93 19.77 22.12
N LEU H 84 -29.78 19.85 23.14
CA LEU H 84 -31.12 20.40 22.94
C LEU H 84 -31.01 21.83 22.46
N SER H 85 -31.84 22.21 21.50
CA SER H 85 -31.74 23.56 20.93
C SER H 85 -32.33 24.63 21.84
N THR H 86 -32.08 25.89 21.50
CA THR H 86 -32.61 27.00 22.28
C THR H 86 -34.11 27.16 21.99
N GLU H 87 -34.79 27.93 22.86
CA GLU H 87 -36.21 28.28 22.74
C GLU H 87 -37.11 27.04 22.80
N CYS H 88 -36.81 26.14 23.73
CA CYS H 88 -37.63 24.97 24.02
C CYS H 88 -37.90 24.94 25.52
N ASP H 89 -38.70 23.95 25.95
CA ASP H 89 -38.94 23.75 27.37
C ASP H 89 -38.76 22.29 27.75
N THR H 90 -38.94 21.40 26.80
CA THR H 90 -38.95 19.97 27.08
C THR H 90 -38.39 19.25 25.86
N LEU H 91 -38.67 17.96 25.75
CA LEU H 91 -38.09 17.10 24.73
C LEU H 91 -39.08 16.01 24.35
N ARG H 92 -39.35 15.88 23.05
CA ARG H 92 -40.15 14.78 22.52
C ARG H 92 -39.25 13.60 22.18
N ILE H 93 -39.77 12.41 22.40
CA ILE H 93 -39.23 11.21 21.77
C ILE H 93 -40.36 10.21 21.57
N ASP H 94 -40.68 9.91 20.31
CA ASP H 94 -41.75 8.97 20.00
C ASP H 94 -41.16 7.78 19.25
N PHE H 95 -41.49 6.58 19.73
CA PHE H 95 -41.18 5.35 19.01
C PHE H 95 -42.40 4.47 19.09
N GLY H 96 -42.29 3.26 18.59
CA GLY H 96 -43.41 2.33 18.59
C GLY H 96 -42.97 0.95 19.01
N ILE H 97 -43.87 0.25 19.70
CA ILE H 97 -43.61 -1.11 20.17
C ILE H 97 -44.63 -2.05 19.55
N LYS H 98 -44.14 -3.19 19.07
CA LYS H 98 -44.95 -4.22 18.45
C LYS H 98 -44.89 -5.47 19.31
N VAL H 99 -46.05 -6.01 19.65
CA VAL H 99 -46.20 -7.20 20.47
C VAL H 99 -46.78 -8.30 19.60
N LEU H 100 -46.17 -9.48 19.65
CA LEU H 100 -46.60 -10.63 18.88
C LEU H 100 -46.65 -11.85 19.79
N PRO H 101 -47.46 -12.86 19.43
CA PRO H 101 -47.53 -14.08 20.24
C PRO H 101 -46.21 -14.82 20.36
N VAL H 102 -45.98 -15.36 21.55
CA VAL H 102 -44.68 -15.94 21.90
C VAL H 102 -44.49 -17.35 21.37
N LYS H 103 -45.55 -17.99 20.91
CA LYS H 103 -45.40 -19.27 20.22
C LYS H 103 -45.18 -19.09 18.72
N GLU H 104 -45.63 -17.97 18.15
CA GLU H 104 -45.41 -17.70 16.75
C GLU H 104 -44.00 -17.22 16.47
N SER H 105 -43.39 -16.53 17.44
CA SER H 105 -42.03 -16.02 17.31
C SER H 105 -40.98 -17.06 17.65
N MET H 106 -41.37 -18.31 17.88
CA MET H 106 -40.42 -19.35 18.24
C MET H 106 -39.68 -19.73 16.95
N TYR H 107 -38.41 -19.35 16.87
CA TYR H 107 -37.66 -19.40 15.62
C TYR H 107 -37.16 -20.80 15.27
N SER H 108 -36.18 -20.88 14.37
CA SER H 108 -35.65 -22.14 13.87
C SER H 108 -35.11 -23.04 14.98
N CYS H 109 -35.79 -24.16 15.19
CA CYS H 109 -35.42 -25.17 16.16
C CYS H 109 -34.76 -26.35 15.46
N SER H 110 -34.52 -27.43 16.21
CA SER H 110 -34.00 -28.65 15.63
C SER H 110 -34.72 -29.89 16.13
N ASP H 111 -35.87 -29.75 16.79
CA ASP H 111 -36.59 -30.90 17.31
C ASP H 111 -38.06 -30.54 17.45
N TYR H 112 -38.94 -31.42 16.96
CA TYR H 112 -40.37 -31.25 17.15
C TYR H 112 -40.76 -31.50 18.60
N ASN H 113 -40.04 -32.40 19.27
CA ASN H 113 -40.28 -32.66 20.69
C ASN H 113 -39.95 -31.44 21.54
N TYR H 114 -38.93 -30.66 21.14
CA TYR H 114 -38.62 -29.42 21.82
C TYR H 114 -39.75 -28.41 21.68
N ARG H 115 -40.35 -28.33 20.48
CA ARG H 115 -41.48 -27.44 20.27
C ARG H 115 -42.69 -27.86 21.10
N THR H 116 -42.96 -29.16 21.17
CA THR H 116 -44.07 -29.64 22.01
C THR H 116 -43.82 -29.38 23.49
N ALA H 117 -42.57 -29.56 23.96
CA ALA H 117 -42.26 -29.30 25.35
C ALA H 117 -42.41 -27.82 25.70
N ILE H 118 -41.93 -26.94 24.80
CA ILE H 118 -42.05 -25.49 25.04
C ILE H 118 -43.52 -25.07 24.99
N TYR H 119 -44.30 -25.62 24.06
CA TYR H 119 -45.72 -25.29 23.98
C TYR H 119 -46.48 -25.85 25.18
N GLN H 120 -46.08 -27.01 25.69
CA GLN H 120 -46.69 -27.57 26.88
C GLN H 120 -46.44 -26.70 28.11
N LYS H 121 -45.19 -26.22 28.26
CA LYS H 121 -44.89 -25.27 29.34
C LYS H 121 -45.63 -23.96 29.14
N ILE H 122 -45.83 -23.55 27.89
CA ILE H 122 -46.55 -22.31 27.61
C ILE H 122 -48.02 -22.44 28.01
N ASP H 123 -48.67 -23.55 27.65
CA ASP H 123 -50.08 -23.69 28.01
C ASP H 123 -50.25 -23.96 29.50
N GLU H 124 -49.26 -24.60 30.13
CA GLU H 124 -49.28 -24.72 31.59
C GLU H 124 -49.18 -23.34 32.26
N TYR H 125 -48.31 -22.47 31.74
CA TYR H 125 -48.18 -21.12 32.25
C TYR H 125 -49.44 -20.29 32.00
N ILE H 126 -50.15 -20.58 30.91
CA ILE H 126 -51.44 -19.94 30.67
C ILE H 126 -52.47 -20.43 31.68
N ALA H 127 -52.48 -21.75 31.95
CA ALA H 127 -53.50 -22.33 32.82
C ALA H 127 -53.31 -21.92 34.27
N GLU H 128 -52.07 -21.85 34.75
CA GLU H 128 -51.85 -21.55 36.16
C GLU H 128 -51.68 -20.06 36.44
N ASP H 129 -51.10 -19.29 35.51
CA ASP H 129 -50.93 -17.85 35.70
C ASP H 129 -51.65 -17.05 34.63
N GLY H 130 -51.37 -17.30 33.36
CA GLY H 130 -52.00 -16.61 32.27
C GLY H 130 -51.17 -15.62 31.48
N PHE H 131 -49.83 -15.69 31.60
CA PHE H 131 -48.88 -14.79 30.91
C PHE H 131 -49.13 -13.31 31.20
N LEU H 132 -49.70 -13.00 32.37
CA LEU H 132 -50.08 -11.62 32.66
C LEU H 132 -49.21 -10.95 33.72
N THR H 133 -48.51 -11.73 34.55
CA THR H 133 -47.58 -11.11 35.49
C THR H 133 -46.38 -10.50 34.77
N LEU H 134 -45.89 -11.18 33.73
CA LEU H 134 -44.83 -10.63 32.91
C LEU H 134 -45.30 -9.38 32.16
N ALA H 135 -46.55 -9.39 31.70
CA ALA H 135 -47.13 -8.20 31.06
C ALA H 135 -47.24 -7.05 32.04
N LYS H 136 -47.65 -7.34 33.28
CA LYS H 136 -47.73 -6.31 34.32
C LYS H 136 -46.35 -5.74 34.62
N ARG H 137 -45.33 -6.59 34.67
CA ARG H 137 -43.99 -6.11 34.98
C ARG H 137 -43.38 -5.32 33.82
N TYR H 138 -43.62 -5.75 32.57
CA TYR H 138 -43.14 -5.00 31.42
C TYR H 138 -43.85 -3.65 31.29
N VAL H 139 -45.16 -3.62 31.56
CA VAL H 139 -45.87 -2.35 31.50
C VAL H 139 -45.54 -1.47 32.69
N ASN H 140 -45.06 -2.05 33.81
CA ASN H 140 -44.52 -1.23 34.89
C ASN H 140 -43.13 -0.71 34.55
N ASN H 141 -42.36 -1.49 33.78
CA ASN H 141 -41.05 -1.03 33.31
C ASN H 141 -41.20 0.14 32.35
N ILE H 142 -42.21 0.08 31.48
CA ILE H 142 -42.59 1.25 30.71
C ILE H 142 -43.11 2.36 31.63
N ALA H 143 -43.79 1.98 32.70
CA ALA H 143 -44.39 2.95 33.61
C ALA H 143 -43.40 3.65 34.52
N ASN H 144 -42.19 3.12 34.70
CA ASN H 144 -41.13 3.92 35.29
C ASN H 144 -40.24 4.57 34.25
N ALA H 145 -40.39 4.16 32.98
CA ALA H 145 -39.73 4.76 31.81
C ALA H 145 -38.21 4.80 31.97
N ARG H 146 -37.65 3.65 32.32
CA ARG H 146 -36.21 3.55 32.53
C ARG H 146 -35.47 3.20 31.25
N PHE H 147 -36.05 3.48 30.09
CA PHE H 147 -35.33 3.35 28.82
C PHE H 147 -34.58 4.62 28.44
N LEU H 148 -34.81 5.73 29.13
CA LEU H 148 -34.12 6.97 28.84
C LEU H 148 -32.67 6.98 29.30
N TRP H 149 -32.29 6.08 30.21
CA TRP H 149 -30.95 5.96 30.77
C TRP H 149 -30.44 7.28 31.37
N ARG H 150 -29.55 7.95 30.66
CA ARG H 150 -28.94 9.17 31.20
C ARG H 150 -29.87 10.37 31.18
N ASN H 151 -30.84 10.42 30.26
CA ASN H 151 -31.78 11.53 30.27
C ASN H 151 -32.80 11.43 31.40
N ARG H 152 -32.89 10.29 32.07
CA ARG H 152 -33.70 10.22 33.29
C ARG H 152 -33.05 10.99 34.43
N LYS H 153 -31.71 10.99 34.48
CA LYS H 153 -31.00 11.67 35.57
C LYS H 153 -31.12 13.18 35.39
N GLY H 154 -31.67 13.85 36.39
CA GLY H 154 -31.89 15.28 36.31
C GLY H 154 -33.15 15.69 35.58
N ALA H 155 -33.97 14.73 35.14
CA ALA H 155 -35.19 15.06 34.42
C ALA H 155 -36.24 15.64 35.37
N GLU H 156 -37.02 16.58 34.86
CA GLU H 156 -38.07 17.20 35.66
C GLU H 156 -39.30 16.29 35.76
N ILE H 157 -39.91 16.00 34.62
CA ILE H 157 -41.09 15.15 34.56
C ILE H 157 -41.00 14.26 33.32
N ILE H 158 -41.45 13.02 33.47
CA ILE H 158 -41.57 12.08 32.35
C ILE H 158 -43.05 11.86 32.10
N GLU H 159 -43.43 11.85 30.82
CA GLU H 159 -44.82 11.57 30.45
C GLU H 159 -44.80 10.58 29.29
N THR H 160 -45.06 9.31 29.58
CA THR H 160 -45.12 8.29 28.54
C THR H 160 -46.58 8.13 28.12
N ILE H 161 -46.87 8.44 26.86
CA ILE H 161 -48.21 8.28 26.29
C ILE H 161 -48.18 7.04 25.41
N VAL H 162 -49.11 6.12 25.65
CA VAL H 162 -49.24 4.91 24.85
C VAL H 162 -50.66 4.85 24.30
N THR H 163 -50.78 4.41 23.04
CA THR H 163 -52.05 4.41 22.32
C THR H 163 -52.35 2.98 21.87
N ILE H 164 -53.09 2.25 22.71
CA ILE H 164 -53.63 0.96 22.28
C ILE H 164 -54.68 1.17 21.19
N GLU H 165 -55.57 2.15 21.37
CA GLU H 165 -56.38 2.76 20.34
C GLU H 165 -56.54 4.25 20.52
N ASP H 166 -56.36 4.76 21.74
CA ASP H 166 -56.55 6.15 22.12
C ASP H 166 -55.59 6.41 23.27
N LYS H 167 -55.66 7.62 23.85
CA LYS H 167 -54.84 7.91 25.02
C LYS H 167 -55.67 7.64 26.28
N GLU H 168 -55.26 6.62 27.03
CA GLU H 168 -56.00 6.26 28.24
C GLU H 168 -55.82 7.34 29.29
N TYR H 169 -54.63 7.40 29.89
CA TYR H 169 -54.36 8.41 30.89
C TYR H 169 -52.88 8.74 30.96
N PRO H 170 -52.55 9.99 31.30
CA PRO H 170 -51.14 10.36 31.46
C PRO H 170 -50.56 9.68 32.69
N SER H 171 -51.39 8.91 33.39
CA SER H 171 -50.93 8.24 34.61
C SER H 171 -49.59 7.56 34.37
N PHE H 172 -49.41 7.01 33.18
CA PHE H 172 -48.13 6.38 32.87
C PHE H 172 -47.01 7.38 33.11
N ASN H 173 -46.18 7.11 34.11
CA ASN H 173 -45.06 7.99 34.43
C ASN H 173 -45.51 9.34 34.99
N SER H 174 -46.81 9.51 35.22
CA SER H 174 -47.28 10.73 35.85
C SER H 174 -46.79 10.71 37.28
N LYS H 175 -47.44 9.92 38.13
CA LYS H 175 -46.98 9.77 39.49
C LYS H 175 -45.63 9.08 39.44
N SER H 176 -44.68 9.58 40.22
CA SER H 176 -43.31 9.08 40.16
C SER H 176 -43.23 7.65 40.69
N PHE H 177 -42.45 6.83 40.01
CA PHE H 177 -42.29 5.44 40.39
C PHE H 177 -41.05 5.27 41.26
N ASN H 178 -40.71 4.01 41.56
CA ASN H 178 -39.52 3.69 42.32
C ASN H 178 -39.07 2.30 41.92
N LEU H 179 -37.75 2.09 41.94
CA LEU H 179 -37.21 0.76 41.66
C LEU H 179 -37.03 -0.05 42.94
N ASP H 180 -38.09 -0.08 43.75
CA ASP H 180 -38.19 -0.98 44.90
C ASP H 180 -39.53 -1.65 45.01
N THR H 181 -40.60 -1.11 44.43
CA THR H 181 -41.91 -1.72 44.43
C THR H 181 -42.53 -1.57 43.04
N PHE H 182 -43.38 -2.52 42.67
CA PHE H 182 -44.08 -2.48 41.40
C PHE H 182 -45.53 -2.06 41.65
N VAL H 183 -45.97 -1.04 40.93
CA VAL H 183 -47.26 -0.39 41.21
C VAL H 183 -48.37 -1.28 40.65
N GLU H 184 -49.13 -1.89 41.55
CA GLU H 184 -50.32 -2.64 41.20
C GLU H 184 -51.50 -1.68 41.13
N ASP H 185 -52.71 -2.22 41.01
CA ASP H 185 -54.02 -1.52 40.99
C ASP H 185 -54.02 -0.54 39.81
N ASN H 186 -54.60 0.65 39.98
CA ASN H 186 -54.95 1.61 38.92
C ASN H 186 -55.88 0.95 37.90
N ALA H 187 -55.91 1.48 36.69
CA ALA H 187 -56.73 0.88 35.64
C ALA H 187 -55.97 0.66 34.33
N THR H 188 -55.11 1.60 33.95
CA THR H 188 -54.38 1.51 32.69
C THR H 188 -53.41 0.34 32.70
N ILE H 189 -52.75 0.11 33.85
CA ILE H 189 -51.86 -1.02 34.00
C ILE H 189 -52.62 -2.33 33.81
N ASN H 190 -53.81 -2.43 34.39
CA ASN H 190 -54.62 -3.65 34.27
C ASN H 190 -55.06 -3.89 32.84
N GLU H 191 -55.61 -2.86 32.17
CA GLU H 191 -56.15 -3.08 30.83
C GLU H 191 -55.05 -3.33 29.80
N ILE H 192 -53.94 -2.58 29.88
CA ILE H 192 -52.86 -2.78 28.92
C ILE H 192 -52.14 -4.10 29.20
N ALA H 193 -51.97 -4.48 30.47
CA ALA H 193 -51.37 -5.77 30.78
C ALA H 193 -52.26 -6.92 30.34
N GLN H 194 -53.59 -6.76 30.46
CA GLN H 194 -54.49 -7.81 30.01
C GLN H 194 -54.46 -7.96 28.50
N GLN H 195 -54.45 -6.84 27.75
CA GLN H 195 -54.36 -6.96 26.30
C GLN H 195 -53.01 -7.50 25.86
N ILE H 196 -51.93 -7.10 26.54
CA ILE H 196 -50.61 -7.60 26.18
C ILE H 196 -50.49 -9.09 26.51
N ALA H 197 -51.14 -9.55 27.58
CA ALA H 197 -51.18 -10.97 27.88
C ALA H 197 -52.02 -11.74 26.85
N ASP H 198 -53.12 -11.14 26.39
CA ASP H 198 -53.93 -11.77 25.34
C ASP H 198 -53.15 -11.90 24.04
N THR H 199 -52.42 -10.85 23.67
CA THR H 199 -51.53 -10.94 22.51
C THR H 199 -50.37 -11.88 22.78
N PHE H 200 -49.97 -12.02 24.05
CA PHE H 200 -48.86 -12.89 24.42
C PHE H 200 -49.19 -14.35 24.18
N ALA H 201 -50.33 -14.82 24.71
CA ALA H 201 -50.49 -16.26 24.82
C ALA H 201 -50.97 -16.90 23.53
N GLY H 202 -52.24 -16.71 23.17
CA GLY H 202 -52.71 -17.18 21.88
C GLY H 202 -53.89 -16.43 21.31
N LYS H 203 -54.34 -15.37 21.99
CA LYS H 203 -55.64 -14.81 21.71
C LYS H 203 -55.63 -13.73 20.63
N ARG H 204 -54.45 -13.33 20.15
CA ARG H 204 -54.35 -12.34 19.10
C ARG H 204 -53.25 -12.78 18.14
N GLU H 205 -52.89 -11.88 17.22
CA GLU H 205 -51.80 -12.10 16.29
C GLU H 205 -50.81 -10.96 16.22
N TYR H 206 -51.21 -9.73 16.56
CA TYR H 206 -50.32 -8.58 16.56
C TYR H 206 -50.94 -7.49 17.41
N LEU H 207 -50.08 -6.62 17.94
CA LEU H 207 -50.55 -5.39 18.56
C LEU H 207 -49.48 -4.35 18.30
N ASN H 208 -49.88 -3.15 17.89
CA ASN H 208 -48.93 -2.09 17.53
C ASN H 208 -49.32 -0.83 18.28
N ILE H 209 -48.65 -0.55 19.40
CA ILE H 209 -48.93 0.66 20.16
C ILE H 209 -47.67 1.52 20.17
N TYR H 210 -47.83 2.77 20.57
CA TYR H 210 -46.81 3.79 20.31
C TYR H 210 -46.36 4.42 21.62
N VAL H 211 -45.07 4.31 21.91
CA VAL H 211 -44.49 4.88 23.12
C VAL H 211 -43.97 6.27 22.74
N THR H 212 -44.81 7.27 22.91
CA THR H 212 -44.44 8.66 22.63
C THR H 212 -44.22 9.35 23.97
N CYS H 213 -43.00 9.26 24.49
CA CYS H 213 -42.71 9.80 25.81
C CYS H 213 -42.05 11.18 25.71
N PHE H 214 -42.23 11.95 26.78
CA PHE H 214 -41.92 13.36 26.82
C PHE H 214 -41.04 13.60 28.03
N VAL H 215 -39.80 14.01 27.80
CA VAL H 215 -38.79 14.20 28.84
C VAL H 215 -38.49 15.69 28.93
N LYS H 216 -38.82 16.30 30.07
CA LYS H 216 -38.56 17.71 30.29
C LYS H 216 -37.17 17.87 30.91
N ILE H 217 -36.16 17.78 30.06
CA ILE H 217 -34.77 17.91 30.52
C ILE H 217 -34.50 19.35 30.95
N GLY H 218 -34.86 20.31 30.10
CA GLY H 218 -34.67 21.71 30.43
C GLY H 218 -34.43 22.53 29.18
N CYS H 219 -34.38 23.84 29.38
CA CYS H 219 -34.22 24.78 28.27
C CYS H 219 -32.77 24.78 27.81
N ALA H 220 -32.54 24.25 26.60
CA ALA H 220 -31.22 24.18 25.95
C ALA H 220 -30.19 23.41 26.77
N MET H 221 -30.63 22.40 27.51
CA MET H 221 -29.71 21.53 28.23
C MET H 221 -29.12 20.46 27.32
N GLU H 222 -28.19 19.70 27.89
CA GLU H 222 -27.49 18.65 27.15
C GLU H 222 -28.38 17.42 27.05
N VAL H 223 -28.59 16.94 25.84
CA VAL H 223 -29.31 15.71 25.58
C VAL H 223 -28.28 14.64 25.25
N TYR H 224 -28.42 13.45 25.83
CA TYR H 224 -27.56 12.33 25.51
C TYR H 224 -28.28 11.41 24.53
N PRO H 225 -27.92 11.41 23.25
CA PRO H 225 -28.40 10.37 22.35
C PRO H 225 -27.53 9.14 22.48
N SER H 226 -27.88 8.10 21.74
CA SER H 226 -27.00 6.95 21.65
C SER H 226 -25.75 7.33 20.87
N GLN H 227 -24.61 6.85 21.34
CA GLN H 227 -23.33 7.19 20.74
C GLN H 227 -22.91 6.11 19.76
N GLU H 228 -22.57 6.53 18.55
CA GLU H 228 -22.09 5.58 17.55
C GLU H 228 -20.70 5.10 17.91
N MET H 229 -20.42 3.84 17.61
CA MET H 229 -19.11 3.28 17.87
C MET H 229 -18.11 3.84 16.85
N THR H 230 -17.17 4.64 17.33
CA THR H 230 -16.20 5.29 16.45
C THR H 230 -15.18 4.27 15.97
N PHE H 231 -15.04 4.14 14.65
CA PHE H 231 -14.13 3.16 14.06
C PHE H 231 -13.14 3.84 13.12
N ASP H 232 -12.83 5.11 13.37
CA ASP H 232 -11.85 5.83 12.56
C ASP H 232 -11.10 6.81 13.46
N ASP H 233 -9.80 6.95 13.20
CA ASP H 233 -8.93 7.76 14.04
C ASP H 233 -8.70 9.17 13.49
N ASP H 234 -9.32 9.52 12.35
CA ASP H 234 -9.17 10.86 11.81
C ASP H 234 -9.91 11.87 12.68
N ASP H 235 -11.17 11.59 13.01
CA ASP H 235 -11.97 12.37 13.95
C ASP H 235 -12.53 11.37 14.96
N LYS H 236 -11.75 11.07 16.00
CA LYS H 236 -12.09 10.04 16.97
C LYS H 236 -12.90 10.57 18.15
N GLY H 237 -13.66 11.64 17.95
CA GLY H 237 -14.47 12.21 19.00
C GLY H 237 -15.77 11.45 19.18
N LYS H 238 -16.72 12.12 19.84
CA LYS H 238 -18.00 11.53 20.18
C LYS H 238 -18.88 11.50 18.93
N LYS H 239 -18.79 10.41 18.18
CA LYS H 239 -19.68 10.19 17.03
C LYS H 239 -21.04 9.72 17.53
N LEU H 240 -22.09 10.46 17.21
CA LEU H 240 -23.41 10.17 17.74
C LEU H 240 -24.36 9.67 16.65
N PHE H 241 -25.55 9.29 17.08
CA PHE H 241 -26.56 8.66 16.25
C PHE H 241 -27.68 9.67 16.00
N LYS H 242 -27.89 10.03 14.74
CA LYS H 242 -28.93 10.96 14.34
C LYS H 242 -29.98 10.24 13.50
N PHE H 243 -31.23 10.69 13.65
CA PHE H 243 -32.30 10.17 12.82
C PHE H 243 -32.34 10.94 11.50
N GLU H 244 -33.33 10.60 10.67
CA GLU H 244 -33.47 11.23 9.36
C GLU H 244 -34.00 12.64 9.54
N GLY H 245 -33.08 13.55 9.81
CA GLY H 245 -33.41 14.94 10.05
C GLY H 245 -33.57 15.32 11.51
N SER H 246 -33.15 14.47 12.43
CA SER H 246 -33.30 14.75 13.85
C SER H 246 -32.27 13.94 14.63
N ALA H 247 -32.24 14.15 15.95
CA ALA H 247 -31.42 13.34 16.83
C ALA H 247 -32.12 12.03 17.17
N GLY H 248 -31.39 10.93 17.11
CA GLY H 248 -31.95 9.61 17.34
C GLY H 248 -31.44 8.94 18.59
N MET H 249 -31.95 7.73 18.81
CA MET H 249 -31.44 6.85 19.86
C MET H 249 -31.74 5.41 19.45
N HIS H 250 -30.84 4.49 19.77
CA HIS H 250 -30.88 3.12 19.29
C HIS H 250 -32.06 2.37 19.90
N SER H 251 -32.39 1.23 19.28
CA SER H 251 -33.45 0.37 19.79
C SER H 251 -32.98 -0.39 21.02
N GLN H 252 -31.73 -0.87 21.01
CA GLN H 252 -31.18 -1.61 22.14
C GLN H 252 -30.97 -0.72 23.36
N LYS H 253 -30.91 0.59 23.18
CA LYS H 253 -30.91 1.51 24.31
C LYS H 253 -32.23 1.43 25.08
N ILE H 254 -33.33 1.11 24.39
CA ILE H 254 -34.63 0.97 25.02
C ILE H 254 -34.94 -0.49 25.36
N ASN H 255 -34.65 -1.41 24.44
CA ASN H 255 -35.04 -2.82 24.62
C ASN H 255 -34.29 -3.48 25.77
N ASN H 256 -32.96 -3.26 25.84
CA ASN H 256 -32.18 -3.79 26.96
C ASN H 256 -32.48 -3.07 28.27
N ALA H 257 -33.11 -1.89 28.19
CA ALA H 257 -33.56 -1.17 29.38
C ALA H 257 -35.01 -1.43 29.70
N LEU H 258 -35.68 -2.32 28.96
CA LEU H 258 -37.04 -2.73 29.27
C LEU H 258 -37.11 -4.09 29.93
N ARG H 259 -36.02 -4.86 29.94
CA ARG H 259 -35.95 -6.13 30.63
C ARG H 259 -35.38 -6.00 32.04
N THR H 260 -35.56 -4.83 32.68
CA THR H 260 -35.02 -4.55 34.00
C THR H 260 -35.72 -5.37 35.09
N ILE H 261 -36.86 -5.97 34.77
CA ILE H 261 -37.62 -6.77 35.73
C ILE H 261 -36.85 -8.04 36.11
N ASP H 262 -36.48 -8.13 37.40
CA ASP H 262 -35.94 -9.37 37.97
C ASP H 262 -36.10 -9.27 39.49
N THR H 263 -37.12 -9.93 40.03
CA THR H 263 -37.27 -10.03 41.48
C THR H 263 -37.19 -11.49 41.94
N TRP H 264 -36.62 -12.36 41.11
CA TRP H 264 -36.54 -13.80 41.35
C TRP H 264 -35.14 -14.30 41.10
N TYR H 265 -34.15 -13.60 41.68
CA TYR H 265 -32.75 -13.92 41.53
C TYR H 265 -32.09 -14.05 42.89
N PRO H 266 -31.01 -14.84 43.03
CA PRO H 266 -30.38 -15.03 44.33
C PRO H 266 -29.79 -13.74 44.89
N ASP H 267 -29.76 -13.69 46.23
CA ASP H 267 -29.30 -12.53 47.01
C ASP H 267 -30.11 -11.27 46.70
N TYR H 268 -31.40 -11.42 46.42
CA TYR H 268 -32.25 -10.25 46.25
C TYR H 268 -32.51 -9.54 47.57
N THR H 269 -32.49 -10.28 48.68
CA THR H 269 -32.84 -9.70 49.98
C THR H 269 -31.79 -8.71 50.47
N THR H 270 -30.54 -8.84 50.02
CA THR H 270 -29.49 -7.92 50.40
C THR H 270 -29.04 -6.99 49.28
N TYR H 271 -29.47 -7.23 48.04
CA TYR H 271 -29.19 -6.30 46.95
C TYR H 271 -30.35 -5.33 46.74
N GLU H 272 -31.58 -5.84 46.78
CA GLU H 272 -32.82 -5.06 46.83
C GLU H 272 -32.99 -4.14 45.62
N PHE H 273 -32.61 -4.62 44.44
CA PHE H 273 -32.85 -3.88 43.20
C PHE H 273 -32.95 -4.87 42.05
N PRO H 274 -33.84 -4.62 41.07
CA PRO H 274 -34.00 -5.58 39.97
C PRO H 274 -33.01 -5.37 38.83
N ILE H 275 -32.16 -6.35 38.60
CA ILE H 275 -31.15 -6.27 37.54
C ILE H 275 -31.82 -6.57 36.21
N PRO H 276 -31.25 -6.11 35.08
CA PRO H 276 -31.82 -6.48 33.78
C PRO H 276 -31.63 -7.96 33.48
N VAL H 277 -32.34 -8.43 32.45
CA VAL H 277 -32.35 -9.86 32.13
C VAL H 277 -31.33 -10.12 31.02
N GLU H 278 -30.35 -10.98 31.31
CA GLU H 278 -29.49 -11.49 30.26
C GLU H 278 -29.48 -13.01 30.28
N ASN H 279 -28.62 -13.61 29.44
CA ASN H 279 -28.54 -15.06 29.35
C ASN H 279 -27.89 -15.65 30.60
N TYR H 280 -26.64 -15.27 30.88
CA TYR H 280 -25.98 -15.67 32.12
C TYR H 280 -26.39 -14.80 33.29
N GLY H 281 -27.16 -13.75 33.07
CA GLY H 281 -27.51 -12.82 34.13
C GLY H 281 -26.44 -11.82 34.49
N ALA H 282 -25.36 -11.76 33.71
CA ALA H 282 -24.25 -10.87 34.02
C ALA H 282 -24.64 -9.43 33.74
N ALA H 283 -24.60 -8.59 34.77
CA ALA H 283 -24.86 -7.17 34.65
C ALA H 283 -23.54 -6.43 34.66
N ARG H 284 -23.24 -5.73 33.57
CA ARG H 284 -21.98 -5.00 33.45
C ARG H 284 -22.00 -3.67 34.20
N SER H 285 -23.17 -3.23 34.68
CA SER H 285 -23.23 -1.99 35.45
C SER H 285 -22.56 -2.16 36.81
N ILE H 286 -22.77 -3.29 37.47
CA ILE H 286 -22.18 -3.55 38.78
C ILE H 286 -20.84 -4.26 38.64
N GLY H 287 -20.78 -5.28 37.79
CA GLY H 287 -19.58 -6.05 37.58
C GLY H 287 -19.58 -7.41 38.24
N ILE H 288 -20.50 -7.65 39.17
CA ILE H 288 -20.64 -8.93 39.84
C ILE H 288 -21.81 -9.68 39.18
N PRO H 289 -21.58 -10.87 38.62
CA PRO H 289 -22.69 -11.61 38.01
C PRO H 289 -23.69 -12.13 39.04
N PHE H 290 -24.88 -11.55 39.06
CA PHE H 290 -25.86 -11.84 40.09
C PHE H 290 -26.43 -13.25 39.95
N ARG H 291 -26.85 -13.60 38.74
CA ARG H 291 -27.56 -14.85 38.49
C ARG H 291 -26.72 -16.14 38.52
N PRO H 292 -25.61 -16.29 37.74
CA PRO H 292 -25.16 -17.65 37.40
C PRO H 292 -24.41 -18.35 38.54
N ASP H 293 -25.11 -18.54 39.65
CA ASP H 293 -24.64 -19.44 40.70
C ASP H 293 -25.29 -20.82 40.53
N THR H 294 -26.61 -20.88 40.58
CA THR H 294 -27.34 -22.09 40.24
C THR H 294 -28.65 -21.81 39.51
N LYS H 295 -28.97 -20.56 39.20
CA LYS H 295 -30.27 -20.20 38.63
C LYS H 295 -30.15 -19.56 37.25
N SER H 296 -29.05 -19.79 36.54
CA SER H 296 -28.87 -19.26 35.21
C SER H 296 -29.69 -20.08 34.20
N PHE H 297 -29.65 -19.65 32.94
CA PHE H 297 -30.43 -20.34 31.90
C PHE H 297 -29.86 -21.71 31.56
N TYR H 298 -28.56 -21.92 31.79
CA TYR H 298 -27.96 -23.22 31.53
C TYR H 298 -28.50 -24.28 32.50
N LYS H 299 -28.65 -23.91 33.78
CA LYS H 299 -29.21 -24.84 34.76
C LYS H 299 -30.68 -25.16 34.46
N LEU H 300 -31.43 -24.16 33.99
CA LEU H 300 -32.83 -24.39 33.64
C LEU H 300 -32.95 -25.25 32.40
N ILE H 301 -32.05 -25.07 31.41
CA ILE H 301 -32.09 -25.89 30.22
C ILE H 301 -31.53 -27.29 30.47
N ASP H 302 -30.78 -27.49 31.54
CA ASP H 302 -30.31 -28.83 31.90
C ASP H 302 -31.26 -29.56 32.82
N ARG H 303 -32.10 -28.84 33.59
CA ARG H 303 -33.11 -29.46 34.43
C ARG H 303 -34.52 -29.26 33.90
N MET H 304 -34.64 -28.87 32.63
CA MET H 304 -35.93 -28.75 31.96
C MET H 304 -35.82 -29.41 30.60
N ILE H 305 -36.98 -29.74 30.02
CA ILE H 305 -37.17 -30.18 28.64
C ILE H 305 -36.47 -31.51 28.37
N LEU H 306 -35.14 -31.53 28.43
CA LEU H 306 -34.40 -32.78 28.27
C LEU H 306 -34.72 -33.76 29.39
N LYS H 307 -34.77 -33.27 30.62
CA LYS H 307 -35.26 -34.04 31.76
C LYS H 307 -36.43 -33.29 32.39
N ASN H 308 -37.49 -34.03 32.71
CA ASN H 308 -38.72 -33.42 33.21
C ASN H 308 -38.58 -33.15 34.70
N GLU H 309 -38.64 -31.88 35.08
CA GLU H 309 -38.64 -31.47 36.49
C GLU H 309 -39.55 -30.27 36.65
N ASP H 310 -40.08 -30.13 37.87
CA ASP H 310 -40.99 -29.03 38.20
C ASP H 310 -40.27 -28.02 39.09
N LEU H 311 -40.37 -26.75 38.71
CA LEU H 311 -39.71 -25.65 39.40
C LEU H 311 -40.75 -24.59 39.77
N PRO H 312 -40.51 -23.83 40.85
CA PRO H 312 -41.55 -22.89 41.33
C PRO H 312 -41.78 -21.69 40.43
N ILE H 313 -42.65 -20.79 40.89
CA ILE H 313 -43.01 -19.59 40.13
C ILE H 313 -41.81 -18.66 40.00
N GLU H 314 -40.98 -18.58 41.05
CA GLU H 314 -39.76 -17.77 40.98
C GLU H 314 -38.76 -18.33 39.98
N ASP H 315 -38.68 -19.66 39.87
CA ASP H 315 -37.76 -20.29 38.94
C ASP H 315 -38.39 -20.51 37.56
N LYS H 316 -39.60 -20.02 37.34
CA LYS H 316 -40.25 -20.07 36.04
C LYS H 316 -40.48 -18.71 35.41
N HIS H 317 -40.66 -17.66 36.22
CA HIS H 317 -40.86 -16.33 35.67
C HIS H 317 -39.59 -15.79 35.02
N TYR H 318 -38.41 -16.15 35.54
CA TYR H 318 -37.17 -15.78 34.87
C TYR H 318 -37.03 -16.51 33.54
N VAL H 319 -37.33 -17.81 33.51
CA VAL H 319 -37.13 -18.58 32.28
C VAL H 319 -38.21 -18.28 31.26
N MET H 320 -39.34 -17.68 31.67
CA MET H 320 -40.31 -17.18 30.71
C MET H 320 -40.08 -15.72 30.35
N ALA H 321 -39.31 -14.99 31.16
CA ALA H 321 -38.87 -13.65 30.78
C ALA H 321 -37.66 -13.69 29.86
N ILE H 322 -36.99 -14.82 29.75
CA ILE H 322 -35.94 -14.99 28.75
C ILE H 322 -36.55 -15.06 27.35
N LEU H 323 -37.67 -15.76 27.20
CA LEU H 323 -38.27 -16.00 25.89
C LEU H 323 -38.83 -14.72 25.27
N ILE H 324 -39.27 -13.76 26.09
CA ILE H 324 -39.70 -12.48 25.54
C ILE H 324 -38.50 -11.70 25.01
N ARG H 325 -37.33 -11.86 25.62
CA ARG H 325 -36.13 -11.18 25.12
C ARG H 325 -35.62 -11.84 23.84
N GLY H 326 -35.61 -13.17 23.80
CA GLY H 326 -35.09 -13.88 22.65
C GLY H 326 -33.57 -13.93 22.65
N GLY H 327 -33.04 -14.55 21.61
CA GLY H 327 -31.60 -14.67 21.45
C GLY H 327 -31.27 -15.94 20.69
N MET H 328 -30.04 -16.40 20.88
CA MET H 328 -29.56 -17.65 20.29
C MET H 328 -29.21 -18.59 21.42
N PHE H 329 -30.06 -19.60 21.63
CA PHE H 329 -29.87 -20.57 22.70
C PHE H 329 -29.28 -21.87 22.15
N SER H 330 -28.06 -21.77 21.64
CA SER H 330 -27.39 -22.94 21.09
C SER H 330 -26.81 -23.79 22.22
N LYS H 331 -26.13 -24.87 21.83
CA LYS H 331 -25.49 -25.86 22.72
C LYS H 331 -26.47 -26.46 23.73
N ASN I 18 -11.49 -0.73 36.24
CA ASN I 18 -12.09 0.16 35.26
C ASN I 18 -13.02 1.16 35.93
N LEU I 19 -12.55 1.78 37.01
CA LEU I 19 -13.34 2.77 37.71
C LEU I 19 -13.44 4.04 36.89
N SER I 20 -14.66 4.58 36.79
CA SER I 20 -14.89 5.82 36.04
C SER I 20 -16.15 6.48 36.55
N PHE I 21 -16.05 7.75 36.89
CA PHE I 21 -17.19 8.54 37.34
C PHE I 21 -17.83 9.25 36.14
N ALA I 22 -18.76 10.16 36.43
CA ALA I 22 -19.35 11.02 35.42
C ALA I 22 -19.53 12.40 36.02
N ARG I 23 -19.78 13.37 35.15
CA ARG I 23 -19.88 14.77 35.57
C ARG I 23 -21.10 14.98 36.45
N CYS I 24 -20.90 15.63 37.58
CA CYS I 24 -21.98 16.15 38.39
C CYS I 24 -22.29 17.60 38.06
N LEU I 25 -21.56 18.18 37.10
CA LEU I 25 -21.79 19.53 36.61
C LEU I 25 -21.80 19.46 35.09
N ASN I 26 -22.99 19.54 34.50
CA ASN I 26 -23.17 19.43 33.06
C ASN I 26 -23.30 20.82 32.46
N THR I 27 -22.58 21.05 31.35
CA THR I 27 -22.45 22.37 30.75
C THR I 27 -23.16 22.44 29.41
N THR I 28 -23.78 23.58 29.14
CA THR I 28 -24.40 23.88 27.86
C THR I 28 -23.61 25.00 27.20
N GLU I 29 -23.57 24.99 25.85
CA GLU I 29 -22.75 25.91 25.10
C GLU I 29 -23.25 27.34 25.24
N ALA I 30 -22.33 28.26 25.52
CA ALA I 30 -22.68 29.68 25.61
C ALA I 30 -22.94 30.25 24.22
N LYS I 31 -23.85 31.22 24.17
CA LYS I 31 -24.23 31.85 22.91
C LYS I 31 -24.05 33.36 23.01
N PHE I 32 -23.50 33.95 21.95
CA PHE I 32 -23.29 35.39 21.89
C PHE I 32 -24.51 36.06 21.27
N TRP I 33 -25.01 37.09 21.95
CA TRP I 33 -26.12 37.87 21.43
C TRP I 33 -25.80 39.35 21.56
N GLN I 34 -25.96 40.09 20.47
CA GLN I 34 -25.76 41.53 20.50
C GLN I 34 -26.92 42.19 21.25
N THR I 35 -26.60 43.22 22.02
CA THR I 35 -27.56 43.84 22.92
C THR I 35 -27.17 45.29 23.12
N ASP I 36 -28.17 46.18 23.18
CA ASP I 36 -27.94 47.60 23.41
C ASP I 36 -27.63 47.87 24.88
N PHE I 37 -27.58 49.16 25.25
CA PHE I 37 -27.11 49.55 26.57
C PHE I 37 -28.15 49.28 27.64
N LEU I 38 -29.30 49.97 27.57
CA LEU I 38 -30.23 49.96 28.69
C LEU I 38 -31.13 48.74 28.68
N LYS I 39 -31.67 48.38 27.52
CA LYS I 39 -32.56 47.22 27.42
C LYS I 39 -31.72 45.96 27.29
N ARG I 40 -31.19 45.52 28.44
CA ARG I 40 -30.37 44.32 28.47
C ARG I 40 -31.21 43.05 28.38
N HIS I 41 -32.43 43.08 28.94
CA HIS I 41 -33.26 41.88 28.97
C HIS I 41 -33.88 41.58 27.61
N THR I 42 -34.34 42.60 26.90
CA THR I 42 -35.01 42.44 25.62
C THR I 42 -34.09 42.91 24.49
N PHE I 43 -34.60 42.76 23.27
CA PHE I 43 -33.92 43.13 22.02
C PHE I 43 -32.57 42.43 21.91
N LYS I 44 -32.62 41.11 21.89
CA LYS I 44 -31.43 40.30 21.64
C LYS I 44 -31.36 40.01 20.14
N LEU I 45 -30.17 40.18 19.57
CA LEU I 45 -29.99 39.91 18.15
C LEU I 45 -28.85 38.93 17.94
N PRO I 46 -28.90 38.15 16.86
CA PRO I 46 -27.86 37.16 16.59
C PRO I 46 -26.53 37.82 16.26
N LEU I 47 -25.44 37.07 16.40
CA LEU I 47 -24.11 37.63 16.13
C LEU I 47 -23.42 36.87 15.02
N LEU I 48 -23.41 37.43 13.81
CA LEU I 48 -22.80 36.74 12.69
C LEU I 48 -21.31 37.06 12.66
N ILE I 49 -20.57 36.27 11.90
CA ILE I 49 -19.12 36.35 11.87
C ILE I 49 -18.68 36.78 10.48
N THR I 50 -17.91 37.86 10.41
CA THR I 50 -17.40 38.36 9.14
C THR I 50 -16.19 37.55 8.71
N ASP I 51 -16.25 36.98 7.51
CA ASP I 51 -15.17 36.19 6.95
C ASP I 51 -14.23 37.12 6.18
N LYS I 52 -13.09 37.44 6.78
CA LYS I 52 -12.13 38.37 6.21
C LYS I 52 -10.84 37.65 5.87
N ALA I 53 -10.17 38.13 4.82
CA ALA I 53 -8.91 37.57 4.39
C ALA I 53 -7.74 38.33 4.99
N SER I 79 -8.92 34.86 7.83
CA SER I 79 -8.93 35.28 9.23
C SER I 79 -10.31 35.78 9.64
N GLN I 80 -11.15 34.87 10.13
CA GLN I 80 -12.49 35.24 10.57
C GLN I 80 -12.43 35.99 11.89
N SER I 81 -13.15 37.10 11.96
CA SER I 81 -13.24 37.90 13.18
C SER I 81 -14.52 38.70 13.13
N CYS I 82 -14.93 39.23 14.28
CA CYS I 82 -16.13 40.04 14.34
C CYS I 82 -15.96 41.13 15.38
N THR I 83 -16.91 42.06 15.37
CA THR I 83 -16.91 43.19 16.27
C THR I 83 -18.35 43.66 16.48
N LEU I 84 -18.54 44.48 17.50
CA LEU I 84 -19.85 45.04 17.77
C LEU I 84 -20.10 46.25 16.88
N SER I 85 -21.37 46.47 16.55
CA SER I 85 -21.76 47.55 15.65
C SER I 85 -21.80 48.87 16.41
N THR I 86 -22.25 49.92 15.74
CA THR I 86 -22.30 51.25 16.34
C THR I 86 -23.55 51.48 17.18
N GLU I 87 -24.47 50.52 17.21
CA GLU I 87 -25.69 50.63 18.00
C GLU I 87 -25.67 49.79 19.27
N CYS I 88 -25.39 48.50 19.15
CA CYS I 88 -25.41 47.60 20.29
C CYS I 88 -24.04 47.57 20.96
N ASP I 89 -24.02 47.75 22.28
CA ASP I 89 -22.78 47.82 23.05
C ASP I 89 -22.87 46.97 24.31
N THR I 90 -23.46 45.78 24.19
CA THR I 90 -23.52 44.82 25.29
C THR I 90 -23.53 43.42 24.68
N LEU I 91 -22.66 42.55 25.20
CA LEU I 91 -22.51 41.19 24.68
C LEU I 91 -22.99 40.21 25.75
N ARG I 92 -23.95 39.36 25.39
CA ARG I 92 -24.58 38.46 26.32
C ARG I 92 -24.05 37.04 26.17
N ILE I 93 -23.99 36.34 27.31
CA ILE I 93 -23.59 34.93 27.37
C ILE I 93 -24.68 34.19 28.14
N ASP I 94 -25.24 33.15 27.53
CA ASP I 94 -26.29 32.34 28.14
C ASP I 94 -25.85 30.88 28.12
N PHE I 95 -25.79 30.26 29.30
CA PHE I 95 -25.45 28.85 29.36
C PHE I 95 -26.15 28.21 30.57
N GLY I 96 -26.04 26.90 30.67
CA GLY I 96 -26.75 26.16 31.69
C GLY I 96 -25.85 25.14 32.36
N ILE I 97 -26.13 24.92 33.64
CA ILE I 97 -25.43 23.93 34.47
C ILE I 97 -26.47 22.98 35.04
N LYS I 98 -26.29 21.69 34.78
CA LYS I 98 -27.15 20.66 35.34
C LYS I 98 -26.41 19.94 36.45
N VAL I 99 -27.02 19.86 37.63
CA VAL I 99 -26.39 19.29 38.82
C VAL I 99 -27.15 18.02 39.21
N LEU I 100 -26.40 16.93 39.34
CA LEU I 100 -26.88 15.60 39.66
C LEU I 100 -25.98 15.03 40.75
N PRO I 101 -26.48 14.17 41.63
CA PRO I 101 -25.71 13.78 42.81
C PRO I 101 -24.54 12.85 42.48
N VAL I 102 -23.58 12.84 43.40
CA VAL I 102 -22.25 12.31 43.11
C VAL I 102 -22.22 10.79 43.11
N LYS I 103 -22.79 10.17 44.14
CA LYS I 103 -22.80 8.71 44.18
C LYS I 103 -23.77 8.11 43.18
N GLU I 104 -24.79 8.86 42.76
CA GLU I 104 -25.62 8.46 41.65
C GLU I 104 -24.96 8.72 40.30
N SER I 105 -23.87 9.47 40.26
CA SER I 105 -23.13 9.73 39.03
C SER I 105 -22.05 8.69 38.76
N MET I 106 -21.98 7.65 39.58
CA MET I 106 -20.98 6.60 39.41
C MET I 106 -21.32 5.77 38.17
N TYR I 107 -20.36 5.58 37.27
CA TYR I 107 -20.65 4.96 36.00
C TYR I 107 -20.06 3.55 35.86
N SER I 108 -18.76 3.38 36.02
CA SER I 108 -18.14 2.09 35.74
C SER I 108 -17.27 1.63 36.90
N CYS I 109 -17.43 0.36 37.28
CA CYS I 109 -16.60 -0.29 38.28
C CYS I 109 -16.71 -1.79 38.07
N SER I 110 -15.59 -2.50 38.24
CA SER I 110 -15.57 -3.95 38.20
C SER I 110 -15.37 -4.55 39.58
N ASP I 111 -15.64 -3.79 40.63
CA ASP I 111 -15.46 -4.25 42.00
C ASP I 111 -16.56 -3.66 42.88
N TYR I 112 -17.23 -4.54 43.64
CA TYR I 112 -18.25 -4.08 44.57
C TYR I 112 -17.65 -3.42 45.80
N ASN I 113 -16.49 -3.90 46.25
CA ASN I 113 -15.88 -3.37 47.47
C ASN I 113 -15.35 -1.95 47.28
N TYR I 114 -14.89 -1.63 46.07
CA TYR I 114 -14.51 -0.25 45.78
C TYR I 114 -15.71 0.68 45.82
N ARG I 115 -16.85 0.21 45.32
CA ARG I 115 -18.09 0.99 45.40
C ARG I 115 -18.52 1.17 46.85
N THR I 116 -18.39 0.12 47.66
CA THR I 116 -18.75 0.21 49.08
C THR I 116 -17.81 1.17 49.83
N ALA I 117 -16.52 1.13 49.53
CA ALA I 117 -15.57 2.03 50.16
C ALA I 117 -15.81 3.47 49.74
N ILE I 118 -16.13 3.70 48.46
CA ILE I 118 -16.46 5.03 47.97
C ILE I 118 -17.72 5.56 48.64
N TYR I 119 -18.72 4.69 48.80
CA TYR I 119 -19.95 5.06 49.49
C TYR I 119 -19.70 5.40 50.95
N GLN I 120 -18.83 4.64 51.61
CA GLN I 120 -18.49 4.92 53.00
C GLN I 120 -17.73 6.23 53.15
N LYS I 121 -16.81 6.51 52.23
CA LYS I 121 -16.07 7.78 52.27
C LYS I 121 -17.00 8.96 52.02
N ILE I 122 -17.94 8.82 51.08
CA ILE I 122 -18.90 9.89 50.81
C ILE I 122 -19.84 10.09 52.01
N ASP I 123 -20.24 9.00 52.67
CA ASP I 123 -21.07 9.10 53.87
C ASP I 123 -20.33 9.80 55.01
N GLU I 124 -19.04 9.48 55.18
CA GLU I 124 -18.23 10.15 56.18
C GLU I 124 -18.02 11.62 55.84
N TYR I 125 -17.92 11.96 54.56
CA TYR I 125 -17.78 13.35 54.16
C TYR I 125 -19.08 14.13 54.39
N ILE I 126 -20.23 13.48 54.17
CA ILE I 126 -21.51 14.11 54.45
C ILE I 126 -21.69 14.33 55.95
N ALA I 127 -21.34 13.32 56.76
CA ALA I 127 -21.44 13.46 58.21
C ALA I 127 -20.35 14.34 58.80
N GLU I 128 -19.30 14.67 58.05
CA GLU I 128 -18.21 15.50 58.53
C GLU I 128 -18.34 16.95 58.07
N ASP I 129 -18.39 17.17 56.76
CA ASP I 129 -18.44 18.52 56.20
C ASP I 129 -19.80 18.88 55.63
N GLY I 130 -20.36 18.05 54.76
CA GLY I 130 -21.65 18.31 54.18
C GLY I 130 -21.64 18.86 52.77
N PHE I 131 -20.48 18.82 52.08
CA PHE I 131 -20.31 19.26 50.69
C PHE I 131 -20.71 20.72 50.49
N LEU I 132 -20.39 21.57 51.46
CA LEU I 132 -20.77 22.97 51.39
C LEU I 132 -19.66 23.88 50.87
N THR I 133 -18.40 23.55 51.15
CA THR I 133 -17.30 24.44 50.77
C THR I 133 -17.01 24.39 49.28
N LEU I 134 -17.09 23.20 48.66
CA LEU I 134 -16.93 23.11 47.20
C LEU I 134 -18.06 23.82 46.48
N ALA I 135 -19.28 23.71 47.02
CA ALA I 135 -20.42 24.44 46.48
C ALA I 135 -20.22 25.94 46.63
N LYS I 136 -19.65 26.37 47.76
CA LYS I 136 -19.35 27.78 47.96
C LYS I 136 -18.29 28.28 46.98
N ARG I 137 -17.31 27.42 46.66
CA ARG I 137 -16.27 27.81 45.71
C ARG I 137 -16.82 27.91 44.28
N TYR I 138 -17.73 26.99 43.90
CA TYR I 138 -18.38 27.11 42.59
C TYR I 138 -19.33 28.31 42.54
N VAL I 139 -19.96 28.64 43.68
CA VAL I 139 -20.73 29.88 43.80
C VAL I 139 -19.84 31.09 43.56
N ASN I 140 -18.64 31.10 44.16
CA ASN I 140 -17.73 32.23 43.97
C ASN I 140 -17.21 32.31 42.54
N ASN I 141 -16.97 31.15 41.91
CA ASN I 141 -16.41 31.16 40.56
C ASN I 141 -17.46 31.52 39.50
N ILE I 142 -18.72 31.17 39.71
CA ILE I 142 -19.76 31.66 38.81
C ILE I 142 -20.12 33.11 39.16
N ALA I 143 -19.91 33.50 40.42
CA ALA I 143 -20.32 34.81 40.89
C ALA I 143 -19.42 35.92 40.37
N ASN I 144 -18.11 35.68 40.35
CA ASN I 144 -17.14 36.73 40.04
C ASN I 144 -16.94 36.95 38.54
N ALA I 145 -17.70 36.22 37.71
CA ALA I 145 -17.61 36.27 36.25
C ALA I 145 -16.20 35.95 35.76
N ARG I 146 -15.70 34.79 36.17
CA ARG I 146 -14.41 34.28 35.74
C ARG I 146 -14.51 33.47 34.45
N PHE I 147 -15.70 33.35 33.87
CA PHE I 147 -15.91 32.48 32.72
C PHE I 147 -15.65 33.16 31.38
N LEU I 148 -15.63 34.49 31.32
CA LEU I 148 -15.45 35.17 30.05
C LEU I 148 -14.01 35.18 29.57
N TRP I 149 -13.05 34.92 30.46
CA TRP I 149 -11.61 34.94 30.19
C TRP I 149 -11.15 36.26 29.57
N ARG I 150 -11.01 36.28 28.24
CA ARG I 150 -10.41 37.43 27.57
C ARG I 150 -11.34 38.64 27.52
N ASN I 151 -12.65 38.45 27.74
CA ASN I 151 -13.55 39.59 27.80
C ASN I 151 -13.49 40.30 29.14
N ARG I 152 -12.86 39.69 30.15
CA ARG I 152 -12.74 40.34 31.45
C ARG I 152 -11.71 41.46 31.44
N LYS I 153 -10.58 41.25 30.77
CA LYS I 153 -9.55 42.27 30.70
C LYS I 153 -9.98 43.41 29.77
N GLY I 154 -9.71 44.64 30.20
CA GLY I 154 -10.13 45.81 29.46
C GLY I 154 -11.56 46.21 29.66
N ALA I 155 -12.30 45.53 30.53
CA ALA I 155 -13.70 45.81 30.76
C ALA I 155 -13.95 46.02 32.25
N GLU I 156 -14.95 46.83 32.56
CA GLU I 156 -15.34 47.12 33.93
C GLU I 156 -16.74 46.66 34.26
N ILE I 157 -17.73 47.01 33.44
CA ILE I 157 -19.12 46.70 33.74
C ILE I 157 -19.45 45.27 33.28
N ILE I 158 -19.21 44.31 34.16
CA ILE I 158 -19.60 42.92 33.95
C ILE I 158 -20.64 42.56 35.00
N GLU I 159 -21.77 42.01 34.56
CA GLU I 159 -22.85 41.69 35.48
C GLU I 159 -23.47 40.35 35.10
N THR I 160 -23.66 39.49 36.10
CA THR I 160 -24.26 38.17 35.90
C THR I 160 -25.49 38.02 36.79
N ILE I 161 -26.42 37.18 36.34
CA ILE I 161 -27.62 36.85 37.11
C ILE I 161 -27.80 35.34 37.03
N VAL I 162 -27.86 34.69 38.20
CA VAL I 162 -28.00 33.25 38.30
C VAL I 162 -29.43 32.94 38.72
N THR I 163 -30.14 32.14 37.92
CA THR I 163 -31.53 31.83 38.19
C THR I 163 -31.77 30.33 38.27
N ILE I 164 -32.54 29.93 39.27
CA ILE I 164 -33.03 28.57 39.48
C ILE I 164 -34.29 28.48 38.59
N GLU I 165 -34.85 27.27 38.45
CA GLU I 165 -35.96 27.01 37.52
C GLU I 165 -37.19 27.87 37.79
N ASP I 166 -37.41 28.31 39.03
CA ASP I 166 -38.54 29.18 39.34
C ASP I 166 -38.16 30.49 40.01
N LYS I 167 -36.90 30.68 40.40
CA LYS I 167 -36.48 31.89 41.09
C LYS I 167 -35.16 32.40 40.51
N GLU I 168 -34.95 33.70 40.63
CA GLU I 168 -33.75 34.37 40.16
C GLU I 168 -33.02 35.01 41.35
N TYR I 169 -31.95 35.73 41.04
CA TYR I 169 -31.14 36.41 42.03
C TYR I 169 -30.87 37.85 41.59
N PRO I 170 -30.63 38.78 42.54
CA PRO I 170 -30.39 40.18 42.16
C PRO I 170 -29.08 40.41 41.40
N SER I 171 -28.82 41.67 41.04
CA SER I 171 -27.70 42.02 40.19
C SER I 171 -26.37 41.82 40.91
N PHE I 172 -25.31 41.69 40.12
CA PHE I 172 -24.00 41.34 40.62
C PHE I 172 -22.98 42.41 40.25
N ASN I 173 -22.03 42.63 41.16
CA ASN I 173 -20.85 43.47 40.90
C ASN I 173 -19.65 42.52 40.89
N SER I 174 -19.37 41.94 39.72
CA SER I 174 -18.33 40.92 39.61
C SER I 174 -16.92 41.50 39.59
N LYS I 175 -16.78 42.83 39.54
CA LYS I 175 -15.46 43.43 39.68
C LYS I 175 -15.00 43.41 41.13
N SER I 176 -15.93 43.53 42.08
CA SER I 176 -15.59 43.65 43.49
C SER I 176 -14.94 42.40 44.08
N PHE I 177 -15.13 41.25 43.45
CA PHE I 177 -14.45 40.04 43.91
C PHE I 177 -13.00 40.03 43.45
N ASN I 178 -12.19 39.24 44.14
CA ASN I 178 -10.79 39.05 43.79
C ASN I 178 -10.66 37.87 42.84
N LEU I 179 -9.44 37.40 42.64
CA LEU I 179 -9.18 36.26 41.75
C LEU I 179 -8.51 35.09 42.46
N ASP I 180 -7.58 35.36 43.38
CA ASP I 180 -6.86 34.30 44.08
C ASP I 180 -7.47 33.93 45.42
N THR I 181 -8.59 34.55 45.80
CA THR I 181 -9.25 34.27 47.07
C THR I 181 -10.63 33.69 46.82
N PHE I 182 -11.27 33.26 47.91
CA PHE I 182 -12.63 32.72 47.89
C PHE I 182 -13.39 33.36 49.04
N VAL I 183 -14.22 34.36 48.73
CA VAL I 183 -15.02 35.02 49.76
C VAL I 183 -16.15 34.09 50.17
N GLU I 184 -16.22 33.76 51.46
CA GLU I 184 -17.17 32.78 51.97
C GLU I 184 -18.10 33.37 53.03
N ASP I 185 -18.31 34.68 53.02
CA ASP I 185 -19.21 35.31 53.98
C ASP I 185 -19.85 36.53 53.31
N ASN I 186 -21.03 36.30 52.73
CA ASN I 186 -21.80 37.34 52.07
C ASN I 186 -23.26 37.17 52.48
N ALA I 187 -24.16 37.86 51.76
CA ALA I 187 -25.56 37.85 52.12
C ALA I 187 -26.28 36.60 51.62
N THR I 188 -26.31 36.40 50.32
CA THR I 188 -27.10 35.34 49.70
C THR I 188 -26.26 34.12 49.31
N ILE I 189 -25.00 34.07 49.74
CA ILE I 189 -24.11 32.99 49.32
C ILE I 189 -24.54 31.66 49.92
N ASN I 190 -25.05 31.68 51.16
CA ASN I 190 -25.56 30.46 51.78
C ASN I 190 -26.82 29.98 51.08
N GLU I 191 -27.70 30.92 50.70
CA GLU I 191 -28.95 30.55 50.03
C GLU I 191 -28.69 29.98 48.64
N ILE I 192 -27.68 30.49 47.95
CA ILE I 192 -27.41 29.94 46.62
C ILE I 192 -26.56 28.66 46.71
N ALA I 193 -25.75 28.50 47.77
CA ALA I 193 -24.89 27.34 47.84
C ALA I 193 -25.54 26.13 48.49
N GLN I 194 -26.57 26.33 49.32
CA GLN I 194 -27.19 25.21 50.03
C GLN I 194 -27.93 24.28 49.08
N GLN I 195 -28.59 24.83 48.06
CA GLN I 195 -29.28 24.00 47.08
C GLN I 195 -28.31 23.13 46.28
N ILE I 196 -27.17 23.71 45.88
CA ILE I 196 -26.16 22.94 45.16
C ILE I 196 -25.54 21.90 46.08
N ALA I 197 -25.34 22.24 47.35
CA ALA I 197 -24.79 21.28 48.31
C ALA I 197 -25.74 20.11 48.55
N ASP I 198 -27.03 20.38 48.65
CA ASP I 198 -28.02 19.31 48.82
C ASP I 198 -28.17 18.47 47.57
N THR I 199 -28.08 19.08 46.38
CA THR I 199 -28.13 18.32 45.15
C THR I 199 -26.89 17.44 44.97
N PHE I 200 -25.73 17.92 45.41
CA PHE I 200 -24.54 17.08 45.46
C PHE I 200 -24.73 15.94 46.46
N ALA I 201 -25.32 16.23 47.61
CA ALA I 201 -25.44 15.23 48.67
C ALA I 201 -26.47 14.16 48.32
N GLY I 202 -27.65 14.56 47.87
CA GLY I 202 -28.68 13.60 47.54
C GLY I 202 -30.06 13.98 48.03
N LYS I 203 -30.17 15.13 48.69
CA LYS I 203 -31.47 15.62 49.14
C LYS I 203 -32.35 16.02 47.95
N ARG I 204 -31.77 16.73 46.99
CA ARG I 204 -32.45 17.11 45.76
C ARG I 204 -31.91 16.29 44.62
N GLU I 205 -32.80 15.67 43.84
CA GLU I 205 -32.37 14.79 42.76
C GLU I 205 -31.82 15.59 41.59
N TYR I 206 -32.31 16.80 41.36
CA TYR I 206 -31.91 17.58 40.20
C TYR I 206 -31.69 19.03 40.59
N LEU I 207 -30.79 19.69 39.87
CA LEU I 207 -30.74 21.14 39.90
C LEU I 207 -30.42 21.66 38.50
N ASN I 208 -31.09 22.75 38.10
CA ASN I 208 -30.87 23.36 36.81
C ASN I 208 -30.56 24.84 37.02
N ILE I 209 -29.43 25.27 36.48
CA ILE I 209 -28.94 26.63 36.65
C ILE I 209 -28.86 27.26 35.26
N TYR I 210 -29.49 28.41 35.10
CA TYR I 210 -29.33 29.23 33.90
C TYR I 210 -28.50 30.44 34.28
N VAL I 211 -27.36 30.63 33.61
CA VAL I 211 -26.48 31.76 33.87
C VAL I 211 -26.46 32.62 32.61
N THR I 212 -26.86 33.88 32.77
CA THR I 212 -26.77 34.89 31.72
C THR I 212 -25.95 36.05 32.26
N CYS I 213 -24.87 36.37 31.57
CA CYS I 213 -23.93 37.40 31.99
C CYS I 213 -23.63 38.31 30.83
N PHE I 214 -23.25 39.55 31.13
CA PHE I 214 -22.98 40.50 30.06
C PHE I 214 -21.97 41.56 30.49
N VAL I 215 -21.09 41.91 29.53
CA VAL I 215 -20.19 43.06 29.62
C VAL I 215 -20.84 44.21 28.86
N LYS I 216 -20.64 45.44 29.37
CA LYS I 216 -21.40 46.58 28.88
C LYS I 216 -20.58 47.83 28.56
N ILE I 217 -19.35 47.95 29.07
CA ILE I 217 -18.67 49.24 29.08
C ILE I 217 -18.25 49.66 27.67
N GLY I 218 -17.72 48.73 26.88
CA GLY I 218 -17.23 49.09 25.56
C GLY I 218 -18.35 49.32 24.56
N CYS I 219 -18.06 50.19 23.59
CA CYS I 219 -18.97 50.45 22.48
C CYS I 219 -18.22 50.24 21.19
N ALA I 220 -18.82 49.44 20.28
CA ALA I 220 -18.24 49.05 18.99
C ALA I 220 -16.87 48.38 19.14
N MET I 221 -16.70 47.65 20.23
CA MET I 221 -15.44 46.94 20.44
C MET I 221 -15.57 45.54 19.87
N GLU I 222 -14.55 44.72 20.05
CA GLU I 222 -14.59 43.36 19.51
C GLU I 222 -14.43 42.31 20.58
N VAL I 223 -15.10 41.17 20.41
CA VAL I 223 -14.99 40.08 21.37
C VAL I 223 -15.03 38.81 20.56
N TYR I 224 -13.98 37.99 20.63
CA TYR I 224 -13.95 36.84 19.77
C TYR I 224 -14.22 35.56 20.55
N PRO I 225 -15.06 34.67 20.01
CA PRO I 225 -15.27 33.38 20.63
C PRO I 225 -14.07 32.45 20.44
N SER I 226 -14.11 31.34 21.15
CA SER I 226 -13.09 30.31 20.97
C SER I 226 -13.24 29.69 19.59
N GLN I 227 -12.10 29.48 18.92
CA GLN I 227 -12.15 29.04 17.54
C GLN I 227 -12.48 27.55 17.46
N GLU I 228 -12.79 27.11 16.25
CA GLU I 228 -13.19 25.72 15.99
C GLU I 228 -12.02 24.89 15.52
N MET I 229 -10.84 25.14 16.11
CA MET I 229 -9.61 24.35 15.95
C MET I 229 -9.14 24.40 14.50
N THR I 230 -8.24 23.49 14.10
CA THR I 230 -7.78 23.38 12.73
C THR I 230 -8.55 22.25 12.06
N PHE I 231 -9.81 22.53 11.74
CA PHE I 231 -10.68 21.50 11.16
C PHE I 231 -10.29 21.22 9.71
N ASP I 232 -10.40 22.23 8.85
CA ASP I 232 -10.00 22.13 7.46
C ASP I 232 -9.05 23.28 7.15
N ASP I 233 -7.91 22.96 6.52
CA ASP I 233 -6.88 23.95 6.25
C ASP I 233 -7.06 24.63 4.89
N ASP I 234 -8.28 24.64 4.35
CA ASP I 234 -8.57 25.42 3.16
C ASP I 234 -8.46 26.91 3.45
N ASP I 235 -8.96 27.34 4.60
CA ASP I 235 -8.78 28.70 5.10
C ASP I 235 -7.70 28.67 6.17
N LYS I 236 -6.54 29.27 5.87
CA LYS I 236 -5.45 29.28 6.82
C LYS I 236 -5.69 30.24 7.98
N GLY I 237 -6.64 31.16 7.85
CA GLY I 237 -6.90 32.11 8.89
C GLY I 237 -7.63 31.50 10.07
N LYS I 238 -7.71 32.29 11.14
CA LYS I 238 -8.34 31.86 12.38
C LYS I 238 -9.86 31.87 12.22
N LYS I 239 -10.48 30.72 12.45
CA LYS I 239 -11.93 30.61 12.40
C LYS I 239 -12.53 31.05 13.73
N LEU I 240 -13.84 30.92 13.87
CA LEU I 240 -14.54 31.31 15.08
C LEU I 240 -15.60 30.26 15.39
N PHE I 241 -16.36 30.50 16.45
CA PHE I 241 -17.41 29.58 16.88
C PHE I 241 -18.73 29.97 16.24
N LYS I 242 -19.39 28.99 15.61
CA LYS I 242 -20.66 29.23 14.95
C LYS I 242 -21.60 28.07 15.23
N PHE I 243 -22.69 28.35 15.92
CA PHE I 243 -23.75 27.37 16.12
C PHE I 243 -25.07 28.13 16.32
N GLU I 244 -26.14 27.59 15.73
CA GLU I 244 -27.49 28.17 15.75
C GLU I 244 -27.51 29.60 15.20
N GLY I 245 -26.68 29.84 14.19
CA GLY I 245 -26.63 31.14 13.54
C GLY I 245 -26.12 32.28 14.39
N SER I 246 -25.13 32.00 15.24
CA SER I 246 -24.56 33.03 16.12
C SER I 246 -23.18 32.56 16.57
N ALA I 247 -22.47 33.45 17.23
CA ALA I 247 -21.21 33.12 17.89
C ALA I 247 -21.51 32.69 19.33
N GLY I 248 -20.48 32.60 20.16
CA GLY I 248 -20.70 32.19 21.53
C GLY I 248 -19.44 31.88 22.30
N MET I 249 -19.42 30.71 22.93
CA MET I 249 -18.25 30.23 23.65
C MET I 249 -18.39 28.72 23.81
N HIS I 250 -17.27 28.01 23.64
CA HIS I 250 -17.22 26.62 24.04
C HIS I 250 -17.41 26.53 25.55
N SER I 251 -18.23 25.60 25.99
CA SER I 251 -18.47 25.46 27.42
C SER I 251 -17.43 24.60 28.11
N GLN I 252 -16.49 24.02 27.38
CA GLN I 252 -15.29 23.49 28.02
C GLN I 252 -14.45 24.61 28.61
N LYS I 253 -14.46 25.78 27.97
CA LYS I 253 -13.82 26.96 28.54
C LYS I 253 -14.51 27.39 29.83
N ILE I 254 -15.84 27.37 29.85
CA ILE I 254 -16.57 27.70 31.07
C ILE I 254 -16.34 26.64 32.15
N ASN I 255 -16.24 25.37 31.74
CA ASN I 255 -15.98 24.27 32.68
C ASN I 255 -14.61 24.40 33.34
N ASN I 256 -13.58 24.72 32.55
CA ASN I 256 -12.26 24.94 33.13
C ASN I 256 -12.15 26.28 33.82
N ALA I 257 -13.07 27.21 33.56
CA ALA I 257 -13.15 28.41 34.37
C ALA I 257 -13.69 28.08 35.76
N LEU I 258 -14.78 27.32 35.84
CA LEU I 258 -15.35 26.99 37.14
C LEU I 258 -14.55 25.96 37.91
N ARG I 259 -13.71 25.18 37.22
CA ARG I 259 -12.93 24.13 37.86
C ARG I 259 -11.66 24.67 38.52
N THR I 260 -11.38 25.97 38.44
CA THR I 260 -10.13 26.53 38.94
C THR I 260 -10.34 27.06 40.35
N ILE I 261 -10.29 26.14 41.32
CA ILE I 261 -10.46 26.51 42.72
C ILE I 261 -9.43 25.85 43.63
N ASP I 262 -8.56 25.01 43.06
CA ASP I 262 -7.63 24.20 43.85
C ASP I 262 -6.52 25.09 44.40
N THR I 263 -6.46 25.22 45.73
CA THR I 263 -5.36 25.88 46.44
C THR I 263 -4.75 24.94 47.47
N TRP I 264 -4.79 23.63 47.21
CA TRP I 264 -4.28 22.62 48.14
C TRP I 264 -3.07 21.88 47.57
N TYR I 265 -2.47 22.39 46.49
CA TYR I 265 -1.32 21.75 45.87
C TYR I 265 -0.07 21.97 46.72
N PRO I 266 0.96 21.15 46.52
CA PRO I 266 2.26 21.44 47.17
C PRO I 266 2.87 22.72 46.64
N ASP I 267 3.78 23.27 47.46
CA ASP I 267 4.39 24.61 47.33
C ASP I 267 3.38 25.67 46.90
N TYR I 268 2.35 25.84 47.74
CA TYR I 268 1.32 26.84 47.48
C TYR I 268 1.86 28.26 47.67
N THR I 269 2.76 28.44 48.63
CA THR I 269 3.27 29.78 48.93
C THR I 269 4.22 30.29 47.85
N THR I 270 4.78 29.41 47.02
CA THR I 270 5.70 29.85 45.98
C THR I 270 4.97 30.48 44.80
N TYR I 271 3.79 29.97 44.45
CA TYR I 271 3.09 30.36 43.23
C TYR I 271 1.82 31.16 43.48
N GLU I 272 0.99 30.73 44.42
CA GLU I 272 -0.10 31.51 45.02
C GLU I 272 -1.18 31.92 44.01
N PHE I 273 -1.77 30.91 43.36
CA PHE I 273 -2.97 31.12 42.56
C PHE I 273 -3.77 29.82 42.49
N PRO I 274 -5.08 29.89 42.25
CA PRO I 274 -5.85 28.66 42.00
C PRO I 274 -5.47 28.00 40.68
N ILE I 275 -5.62 26.68 40.64
CA ILE I 275 -5.27 25.87 39.49
C ILE I 275 -6.48 24.98 39.20
N PRO I 276 -6.80 24.67 37.94
CA PRO I 276 -7.92 23.77 37.67
C PRO I 276 -7.68 22.36 38.22
N VAL I 277 -8.75 21.75 38.72
CA VAL I 277 -8.63 20.46 39.40
C VAL I 277 -8.51 19.36 38.36
N GLU I 278 -7.28 19.02 38.00
CA GLU I 278 -7.01 18.03 36.97
C GLU I 278 -6.45 16.76 37.61
N ASN I 279 -6.17 15.77 36.75
CA ASN I 279 -5.68 14.47 37.22
C ASN I 279 -4.30 14.59 37.85
N TYR I 280 -3.41 15.38 37.25
CA TYR I 280 -2.12 15.70 37.83
C TYR I 280 -2.04 17.14 38.30
N GLY I 281 -3.09 17.93 38.13
CA GLY I 281 -3.02 19.34 38.43
C GLY I 281 -2.19 20.14 37.46
N ALA I 282 -1.91 19.58 36.29
CA ALA I 282 -0.96 20.18 35.34
C ALA I 282 -1.54 21.43 34.69
N ALA I 283 -0.65 22.36 34.36
CA ALA I 283 -0.99 23.56 33.64
C ALA I 283 -0.01 23.74 32.50
N ARG I 284 -0.52 24.00 31.30
CA ARG I 284 0.29 24.17 30.11
C ARG I 284 0.78 25.60 29.91
N SER I 285 0.44 26.50 30.83
CA SER I 285 0.85 27.91 30.73
C SER I 285 2.18 28.14 31.43
N ILE I 286 2.26 27.82 32.73
CA ILE I 286 3.50 27.97 33.47
C ILE I 286 4.52 26.93 33.01
N GLY I 287 4.06 25.71 32.73
CA GLY I 287 4.90 24.67 32.20
C GLY I 287 5.35 23.63 33.20
N ILE I 288 5.07 23.83 34.48
CA ILE I 288 5.46 22.91 35.55
C ILE I 288 4.23 22.15 36.03
N PRO I 289 4.25 20.81 36.01
CA PRO I 289 3.14 20.07 36.63
C PRO I 289 3.16 20.24 38.14
N PHE I 290 2.00 20.61 38.69
CA PHE I 290 1.95 21.02 40.09
C PHE I 290 2.02 19.84 41.04
N ARG I 291 1.48 18.69 40.65
CA ARG I 291 1.47 17.49 41.49
C ARG I 291 2.05 16.31 40.71
N PRO I 292 3.37 16.22 40.59
CA PRO I 292 4.00 15.00 40.09
C PRO I 292 4.40 14.02 41.19
N ASP I 293 3.89 14.22 42.40
CA ASP I 293 4.34 13.57 43.62
C ASP I 293 3.21 12.73 44.19
N THR I 294 3.39 12.29 45.45
CA THR I 294 2.37 11.52 46.16
C THR I 294 1.08 12.30 46.36
N LYS I 295 1.11 13.63 46.26
CA LYS I 295 -0.11 14.43 46.34
C LYS I 295 -0.98 14.33 45.10
N SER I 296 -0.49 13.71 44.02
CA SER I 296 -1.31 13.50 42.84
C SER I 296 -2.38 12.45 43.13
N PHE I 297 -3.39 12.40 42.24
CA PHE I 297 -4.65 11.71 42.52
C PHE I 297 -4.47 10.20 42.66
N TYR I 298 -3.52 9.60 41.93
CA TYR I 298 -3.40 8.15 41.89
C TYR I 298 -2.93 7.59 43.24
N LYS I 299 -1.78 8.07 43.72
CA LYS I 299 -1.29 7.63 45.03
C LYS I 299 -2.19 8.13 46.17
N LEU I 300 -2.84 9.27 45.98
CA LEU I 300 -3.78 9.78 46.97
C LEU I 300 -4.96 8.84 47.16
N ILE I 301 -5.58 8.41 46.05
CA ILE I 301 -6.72 7.51 46.18
C ILE I 301 -6.26 6.11 46.57
N ASP I 302 -5.01 5.75 46.24
CA ASP I 302 -4.49 4.45 46.68
C ASP I 302 -4.31 4.41 48.19
N ARG I 303 -3.75 5.47 48.77
CA ARG I 303 -3.62 5.54 50.22
C ARG I 303 -4.94 5.86 50.92
N MET I 304 -5.93 6.38 50.20
CA MET I 304 -7.23 6.65 50.81
C MET I 304 -8.09 5.39 50.86
N ILE I 305 -8.07 4.57 49.82
CA ILE I 305 -8.94 3.40 49.72
C ILE I 305 -8.20 2.12 50.12
N LEU I 306 -7.06 1.85 49.50
CA LEU I 306 -6.35 0.61 49.76
C LEU I 306 -5.58 0.59 51.08
N LYS I 307 -5.46 1.74 51.74
CA LYS I 307 -4.81 1.83 53.04
C LYS I 307 -5.70 2.33 54.16
N ASN I 308 -6.79 3.04 53.84
CA ASN I 308 -7.72 3.66 54.78
C ASN I 308 -6.94 4.61 55.72
N GLU I 309 -6.34 5.62 55.12
CA GLU I 309 -5.59 6.62 55.86
C GLU I 309 -6.51 7.79 56.23
N ASP I 310 -6.17 8.47 57.32
CA ASP I 310 -6.90 9.65 57.76
C ASP I 310 -6.20 10.89 57.20
N LEU I 311 -6.47 11.14 55.91
CA LEU I 311 -5.90 12.29 55.24
C LEU I 311 -6.58 13.57 55.73
N PRO I 312 -5.85 14.71 55.76
CA PRO I 312 -6.44 15.94 56.33
C PRO I 312 -7.52 16.57 55.46
N ILE I 313 -8.03 17.72 55.91
CA ILE I 313 -9.27 18.27 55.38
C ILE I 313 -9.07 18.80 53.95
N GLU I 314 -7.94 19.44 53.68
CA GLU I 314 -7.68 19.95 52.33
C GLU I 314 -7.44 18.83 51.33
N ASP I 315 -6.83 17.73 51.77
CA ASP I 315 -6.58 16.59 50.90
C ASP I 315 -7.87 15.90 50.48
N LYS I 316 -8.78 15.67 51.43
CA LYS I 316 -10.07 15.10 51.07
C LYS I 316 -10.94 16.10 50.33
N HIS I 317 -10.73 17.40 50.55
CA HIS I 317 -11.36 18.42 49.71
C HIS I 317 -10.93 18.28 48.25
N TYR I 318 -9.63 18.06 48.02
CA TYR I 318 -9.15 17.84 46.66
C TYR I 318 -9.72 16.57 46.06
N VAL I 319 -9.83 15.50 46.87
CA VAL I 319 -10.33 14.26 46.28
C VAL I 319 -11.82 14.34 45.98
N MET I 320 -12.61 15.10 46.77
CA MET I 320 -14.00 15.28 46.39
C MET I 320 -14.18 16.27 45.25
N ALA I 321 -13.26 17.23 45.10
CA ALA I 321 -13.30 18.09 43.92
C ALA I 321 -13.02 17.31 42.64
N ILE I 322 -12.04 16.41 42.65
CA ILE I 322 -11.75 15.66 41.43
C ILE I 322 -12.81 14.57 41.23
N LEU I 323 -13.47 14.13 42.30
CA LEU I 323 -14.63 13.23 42.13
C LEU I 323 -15.82 13.98 41.53
N ILE I 324 -16.01 15.25 41.89
CA ILE I 324 -17.09 16.05 41.32
C ILE I 324 -16.83 16.31 39.84
N ARG I 325 -15.56 16.59 39.47
CA ARG I 325 -15.23 16.87 38.08
C ARG I 325 -15.48 15.68 37.17
N GLY I 326 -15.10 14.49 37.61
CA GLY I 326 -15.40 13.28 36.88
C GLY I 326 -14.45 13.04 35.72
N GLY I 327 -14.41 11.80 35.28
CA GLY I 327 -13.54 11.43 34.18
C GLY I 327 -13.21 9.95 34.26
N MET I 328 -12.22 9.57 33.47
CA MET I 328 -11.72 8.19 33.46
C MET I 328 -10.69 8.03 34.57
N PHE I 329 -11.08 7.37 35.66
CA PHE I 329 -10.23 7.22 36.84
C PHE I 329 -9.68 5.80 36.97
N SER I 330 -9.62 5.05 35.87
CA SER I 330 -9.20 3.66 35.92
C SER I 330 -7.71 3.53 36.16
N LYS I 331 -7.31 2.39 36.73
CA LYS I 331 -5.91 2.09 36.93
C LYS I 331 -5.24 1.76 35.60
N LYS I 332 -3.92 1.89 35.57
CA LYS I 332 -3.17 1.61 34.36
C LYS I 332 -3.10 0.11 34.11
N GLN I 333 -3.42 -0.30 32.89
CA GLN I 333 -3.28 -1.70 32.51
C GLN I 333 -1.80 -2.08 32.39
N GLU I 334 -1.52 -3.36 32.61
CA GLU I 334 -0.14 -3.84 32.54
C GLU I 334 0.33 -3.91 31.09
N LYS I 335 0.99 -2.85 30.63
CA LYS I 335 1.46 -2.78 29.25
C LYS I 335 2.99 -2.77 29.20
N HIS J 35 43.95 -36.15 -0.99
CA HIS J 35 43.51 -37.53 -1.10
C HIS J 35 42.25 -37.78 -0.28
N LEU J 36 42.43 -38.26 0.95
CA LEU J 36 41.30 -38.56 1.82
C LEU J 36 41.50 -38.05 3.24
N ALA J 37 42.58 -37.33 3.51
CA ALA J 37 42.86 -36.86 4.86
C ALA J 37 41.94 -35.69 5.23
N THR J 38 41.76 -35.51 6.54
CA THR J 38 40.84 -34.49 7.02
C THR J 38 41.41 -33.08 6.86
N HIS J 39 42.71 -32.91 7.01
CA HIS J 39 43.37 -31.60 6.94
C HIS J 39 44.30 -31.64 5.73
N VAL J 40 43.76 -31.31 4.55
CA VAL J 40 44.53 -31.27 3.32
C VAL J 40 44.64 -29.83 2.85
N ALA J 41 45.79 -29.49 2.25
CA ALA J 41 46.02 -28.15 1.76
C ALA J 41 45.40 -27.99 0.36
N LYS J 42 45.69 -26.86 -0.29
CA LYS J 42 45.22 -26.51 -1.63
C LYS J 42 43.69 -26.50 -1.73
N PHE J 43 43.01 -26.10 -0.66
CA PHE J 43 41.57 -25.96 -0.65
C PHE J 43 41.13 -24.51 -0.50
N THR J 44 41.76 -23.75 0.40
CA THR J 44 41.41 -22.34 0.54
C THR J 44 42.07 -21.47 -0.52
N GLU J 45 43.17 -21.94 -1.12
CA GLU J 45 43.89 -21.22 -2.16
C GLU J 45 44.57 -22.24 -3.07
N THR J 46 45.53 -21.78 -3.86
CA THR J 46 46.26 -22.65 -4.78
C THR J 46 47.70 -22.17 -4.88
N ASN J 47 48.44 -22.79 -5.81
CA ASN J 47 49.86 -22.51 -6.08
C ASN J 47 50.72 -22.66 -4.83
N SER J 48 50.42 -23.69 -4.03
CA SER J 48 51.17 -24.01 -2.82
C SER J 48 51.71 -25.43 -2.97
N PRO J 49 52.95 -25.59 -3.45
CA PRO J 49 53.49 -26.95 -3.62
C PRO J 49 53.84 -27.58 -2.29
N GLY J 50 53.01 -28.53 -1.84
CA GLY J 50 53.24 -29.18 -0.57
C GLY J 50 52.35 -30.38 -0.41
N ASN J 51 52.73 -31.23 0.55
CA ASN J 51 51.98 -32.44 0.87
C ASN J 51 51.42 -32.31 2.27
N ILE J 52 50.84 -31.16 2.58
CA ILE J 52 50.43 -30.82 3.95
C ILE J 52 49.19 -31.63 4.34
N GLY J 53 49.41 -32.70 5.09
CA GLY J 53 48.34 -33.50 5.63
C GLY J 53 48.53 -33.74 7.11
N ALA J 54 47.62 -33.25 7.94
CA ALA J 54 47.79 -33.31 9.39
C ALA J 54 47.07 -34.48 10.04
N TYR J 55 46.07 -35.06 9.38
CA TYR J 55 45.27 -36.21 9.83
C TYR J 55 44.58 -35.95 11.17
N ASP J 56 44.06 -37.01 11.78
CA ASP J 56 43.35 -36.88 13.05
C ASP J 56 43.43 -38.20 13.79
N ILE J 57 44.32 -38.27 14.77
CA ILE J 57 44.42 -39.44 15.65
C ILE J 57 43.82 -39.17 17.02
N LEU J 58 43.20 -38.00 17.22
CA LEU J 58 42.60 -37.62 18.48
C LEU J 58 41.09 -37.62 18.34
N SER J 59 40.40 -38.23 19.30
CA SER J 59 38.93 -38.31 19.31
C SER J 59 38.45 -37.94 20.71
N SER J 60 38.20 -36.65 20.93
CA SER J 60 37.64 -36.15 22.18
C SER J 60 36.26 -35.59 21.86
N ASP J 61 35.25 -36.46 21.93
CA ASP J 61 33.90 -36.15 21.46
C ASP J 61 32.96 -35.78 22.60
N MET J 62 33.45 -35.07 23.61
CA MET J 62 32.61 -34.68 24.72
C MET J 62 31.69 -33.52 24.31
N ASN J 63 30.65 -33.31 25.13
CA ASN J 63 29.71 -32.20 24.91
C ASN J 63 30.26 -30.95 25.58
N CYS J 64 31.18 -30.30 24.87
CA CYS J 64 31.77 -29.05 25.32
C CYS J 64 30.92 -27.88 24.84
N GLY J 65 31.46 -26.67 24.93
CA GLY J 65 30.78 -25.50 24.41
C GLY J 65 31.16 -25.18 22.98
N TYR J 66 31.73 -26.16 22.27
CA TYR J 66 32.17 -25.98 20.91
C TYR J 66 32.17 -27.34 20.21
N LEU J 67 32.67 -27.37 18.98
CA LEU J 67 32.89 -28.60 18.25
C LEU J 67 34.07 -28.41 17.33
N ASP J 68 34.69 -29.50 16.94
CA ASP J 68 35.77 -29.47 15.97
C ASP J 68 35.53 -30.58 14.96
N THR J 69 36.56 -30.88 14.16
CA THR J 69 36.47 -31.97 13.21
C THR J 69 36.39 -33.34 13.88
N ALA J 70 36.91 -33.47 15.11
CA ALA J 70 36.79 -34.72 15.84
C ALA J 70 35.46 -34.83 16.57
N ASN J 71 34.88 -33.70 16.97
CA ASN J 71 33.55 -33.67 17.58
C ASN J 71 32.43 -33.94 16.58
N ALA J 72 32.74 -33.92 15.29
CA ALA J 72 31.73 -34.07 14.25
C ALA J 72 31.41 -35.55 14.05
N GLY J 73 30.62 -35.85 13.02
CA GLY J 73 30.37 -37.24 12.67
C GLY J 73 31.60 -37.95 12.18
N TRP J 74 32.38 -37.29 11.32
CA TRP J 74 33.72 -37.70 10.87
C TRP J 74 33.68 -39.08 10.20
N LYS J 75 32.95 -39.13 9.08
CA LYS J 75 32.84 -40.39 8.34
C LYS J 75 34.09 -40.72 7.55
N GLU J 76 34.94 -39.74 7.27
CA GLU J 76 36.18 -39.98 6.55
C GLU J 76 37.35 -39.30 7.24
N TYR J 141 53.26 -32.21 7.77
CA TYR J 141 52.81 -30.96 8.35
C TYR J 141 53.98 -30.10 8.81
N ARG J 142 54.82 -29.67 7.85
CA ARG J 142 55.96 -28.82 8.15
C ARG J 142 55.97 -27.65 7.18
N THR J 143 56.34 -26.47 7.70
CA THR J 143 56.41 -25.18 7.01
C THR J 143 55.08 -24.74 6.39
N ASN J 144 55.06 -23.56 5.79
CA ASN J 144 53.84 -23.06 5.16
C ASN J 144 54.19 -21.99 4.12
N GLN J 145 53.47 -22.03 3.01
CA GLN J 145 53.52 -20.99 1.98
C GLN J 145 52.22 -21.04 1.20
N PHE J 146 51.62 -19.87 0.97
CA PHE J 146 50.33 -19.70 0.29
C PHE J 146 49.20 -20.42 1.03
N ILE J 147 49.28 -20.48 2.35
CA ILE J 147 48.16 -20.83 3.22
C ILE J 147 47.98 -19.65 4.16
N LYS J 148 46.75 -19.47 4.65
CA LYS J 148 46.43 -18.30 5.47
C LYS J 148 47.15 -18.36 6.81
N GLN J 149 47.86 -17.28 7.13
CA GLN J 149 48.59 -17.13 8.37
C GLN J 149 48.05 -15.95 9.15
N VAL J 150 47.76 -16.16 10.43
CA VAL J 150 47.14 -15.14 11.27
C VAL J 150 47.95 -14.99 12.55
N PHE J 151 47.62 -13.94 13.31
CA PHE J 151 48.26 -13.66 14.58
C PHE J 151 47.21 -13.68 15.68
N PHE J 152 47.52 -14.33 16.80
CA PHE J 152 46.59 -14.45 17.91
C PHE J 152 47.32 -14.10 19.21
N PRO J 153 46.78 -13.21 20.03
CA PRO J 153 47.41 -12.91 21.32
C PRO J 153 47.17 -14.03 22.32
N VAL J 154 48.21 -14.41 23.05
CA VAL J 154 48.09 -15.46 24.04
C VAL J 154 47.95 -14.88 25.45
N GLY J 155 47.56 -13.63 25.56
CA GLY J 155 47.57 -12.90 26.83
C GLY J 155 48.86 -12.13 26.98
N GLY J 156 49.97 -12.75 26.62
CA GLY J 156 51.27 -12.11 26.58
C GLY J 156 51.66 -11.77 25.16
N SER J 157 52.48 -12.62 24.55
CA SER J 157 52.98 -12.40 23.21
C SER J 157 51.93 -12.81 22.17
N TYR J 158 52.37 -12.91 20.92
CA TYR J 158 51.51 -13.34 19.81
C TYR J 158 52.00 -14.67 19.26
N HIS J 159 51.06 -15.44 18.72
CA HIS J 159 51.34 -16.70 18.06
C HIS J 159 50.88 -16.62 16.61
N LEU J 160 51.70 -17.13 15.70
CA LEU J 160 51.37 -17.12 14.28
C LEU J 160 50.81 -18.48 13.91
N LEU J 161 49.57 -18.50 13.43
CA LEU J 161 48.81 -19.73 13.25
C LEU J 161 48.45 -19.90 11.79
N SER J 162 48.72 -21.09 11.25
CA SER J 162 48.31 -21.45 9.91
C SER J 162 46.98 -22.20 9.98
N ILE J 163 46.06 -21.83 9.10
CA ILE J 163 44.70 -22.34 9.13
C ILE J 163 44.52 -23.37 8.01
N LEU J 164 44.14 -24.58 8.39
CA LEU J 164 43.86 -25.70 7.50
C LEU J 164 42.36 -25.97 7.47
N PRO J 165 41.80 -26.40 6.35
CA PRO J 165 40.35 -26.56 6.24
C PRO J 165 39.88 -27.86 6.89
N SER J 166 38.57 -28.08 6.79
CA SER J 166 37.84 -29.17 7.44
C SER J 166 37.02 -29.94 6.41
N THR J 167 37.71 -30.41 5.35
CA THR J 167 37.04 -30.92 4.15
C THR J 167 36.16 -32.13 4.42
N VAL J 168 36.45 -32.92 5.45
CA VAL J 168 35.55 -34.02 5.81
C VAL J 168 34.24 -33.48 6.36
N LEU J 169 34.30 -32.39 7.13
CA LEU J 169 33.07 -31.72 7.55
C LEU J 169 32.38 -31.07 6.36
N ASN J 170 33.15 -30.59 5.37
CA ASN J 170 32.55 -30.02 4.17
C ASN J 170 31.80 -31.07 3.37
N TYR J 171 32.30 -32.31 3.35
CA TYR J 171 31.56 -33.39 2.70
C TYR J 171 30.35 -33.80 3.52
N GLU J 172 30.48 -33.81 4.85
CA GLU J 172 29.39 -34.33 5.69
C GLU J 172 28.22 -33.35 5.80
N VAL J 173 28.49 -32.04 5.80
CA VAL J 173 27.43 -31.04 5.86
C VAL J 173 26.52 -31.12 4.65
N SER J 174 27.05 -31.45 3.47
CA SER J 174 26.24 -31.57 2.27
C SER J 174 25.20 -32.68 2.39
N ASP J 175 25.61 -33.86 2.86
CA ASP J 175 24.64 -34.94 2.99
C ASP J 175 23.73 -34.76 4.20
N ARG J 176 24.20 -34.06 5.24
CA ARG J 176 23.30 -33.76 6.37
C ARG J 176 22.25 -32.73 5.98
N LEU J 177 22.60 -31.78 5.11
CA LEU J 177 21.71 -30.72 4.67
C LEU J 177 20.89 -31.11 3.44
N TYR J 178 21.19 -32.24 2.82
CA TYR J 178 20.41 -32.72 1.67
C TYR J 178 18.96 -32.96 2.06
N ARG J 179 18.72 -33.51 3.25
CA ARG J 179 17.37 -33.81 3.71
C ARG J 179 16.90 -32.85 4.80
N SER J 180 17.73 -31.92 5.23
CA SER J 180 17.33 -31.01 6.29
C SER J 180 16.44 -29.89 5.75
N LYS J 181 15.70 -29.25 6.66
CA LYS J 181 14.73 -28.24 6.30
C LYS J 181 15.17 -26.82 6.65
N ILE J 182 16.33 -26.65 7.27
CA ILE J 182 16.85 -25.33 7.58
C ILE J 182 17.40 -24.74 6.28
N PRO J 183 17.50 -23.41 6.15
CA PRO J 183 18.00 -22.83 4.89
C PRO J 183 19.45 -23.18 4.62
N LYS J 184 19.78 -23.24 3.33
CA LYS J 184 21.09 -23.67 2.87
C LYS J 184 21.40 -22.97 1.54
N ILE J 185 22.68 -22.71 1.31
CA ILE J 185 23.12 -21.96 0.14
C ILE J 185 24.05 -22.84 -0.67
N ARG J 186 23.71 -23.04 -1.95
CA ARG J 186 24.59 -23.77 -2.85
C ARG J 186 25.78 -22.89 -3.25
N LEU J 187 26.87 -23.56 -3.65
CA LEU J 187 28.08 -22.87 -4.10
C LEU J 187 28.63 -23.61 -5.33
N ARG J 188 28.22 -23.16 -6.50
CA ARG J 188 28.68 -23.74 -7.76
C ARG J 188 29.88 -22.98 -8.34
N LEU J 189 30.88 -22.69 -7.51
CA LEU J 189 32.04 -21.91 -7.94
C LEU J 189 33.25 -22.81 -8.21
N LEU J 190 33.10 -23.80 -9.07
CA LEU J 190 34.18 -24.74 -9.31
C LEU J 190 33.99 -25.45 -10.65
N SER J 191 35.11 -25.93 -11.20
CA SER J 191 35.16 -26.77 -12.38
C SER J 191 35.89 -28.07 -12.05
N SER J 192 35.80 -29.03 -12.96
CA SER J 192 36.36 -30.36 -12.71
C SER J 192 37.88 -30.38 -12.84
N ASN J 193 38.44 -29.57 -13.74
CA ASN J 193 39.88 -29.59 -13.98
C ASN J 193 40.66 -29.04 -12.79
N ALA J 194 40.11 -28.05 -12.08
CA ALA J 194 40.76 -27.53 -10.87
C ALA J 194 40.80 -28.59 -9.77
N ALA J 195 39.72 -29.35 -9.60
CA ALA J 195 39.71 -30.43 -8.63
C ALA J 195 40.62 -31.58 -9.04
N SER J 196 40.77 -31.80 -10.35
CA SER J 196 41.70 -32.82 -10.82
C SER J 196 43.15 -32.41 -10.57
N THR J 197 43.47 -31.14 -10.79
CA THR J 197 44.82 -30.63 -10.52
C THR J 197 45.12 -30.63 -9.03
N THR J 198 44.12 -30.28 -8.20
CA THR J 198 44.29 -30.27 -6.75
C THR J 198 44.57 -31.66 -6.21
N GLY J 199 43.84 -32.67 -6.69
CA GLY J 199 44.09 -34.03 -6.29
C GLY J 199 43.50 -34.40 -4.95
N SER J 200 42.18 -34.22 -4.81
CA SER J 200 41.45 -34.62 -3.62
C SER J 200 40.22 -35.39 -4.05
N ARG J 201 40.14 -36.66 -3.63
CA ARG J 201 39.03 -37.49 -4.05
C ARG J 201 37.74 -37.14 -3.32
N LEU J 202 37.85 -36.61 -2.10
CA LEU J 202 36.66 -36.18 -1.37
C LEU J 202 36.08 -34.91 -1.96
N VAL J 203 36.94 -33.97 -2.36
CA VAL J 203 36.47 -32.74 -2.98
C VAL J 203 35.92 -33.01 -4.38
N SER J 204 36.46 -34.00 -5.08
CA SER J 204 36.02 -34.31 -6.45
C SER J 204 34.58 -34.81 -6.48
N LYS J 205 34.16 -35.54 -5.45
CA LYS J 205 32.77 -36.00 -5.40
C LYS J 205 31.81 -34.90 -4.99
N ASN J 206 32.29 -33.83 -4.36
CA ASN J 206 31.45 -32.75 -3.86
C ASN J 206 32.05 -31.39 -4.21
N LYS J 207 32.42 -31.22 -5.48
CA LYS J 207 33.00 -29.96 -5.94
C LYS J 207 31.99 -28.84 -6.02
N TRP J 208 30.69 -29.15 -5.93
CA TRP J 208 29.63 -28.15 -5.89
C TRP J 208 28.82 -28.42 -4.63
N PRO J 209 29.31 -28.00 -3.47
CA PRO J 209 28.73 -28.45 -2.20
C PRO J 209 27.49 -27.66 -1.80
N LEU J 210 26.61 -28.33 -1.08
CA LEU J 210 25.51 -27.68 -0.39
C LEU J 210 26.00 -27.33 1.01
N VAL J 211 26.13 -26.04 1.29
CA VAL J 211 26.93 -25.55 2.39
C VAL J 211 25.99 -24.95 3.44
N PHE J 212 26.42 -25.00 4.70
CA PHE J 212 25.75 -24.26 5.77
C PHE J 212 25.75 -22.77 5.48
N GLN J 213 24.83 -22.07 6.14
CA GLN J 213 24.75 -20.63 5.98
C GLN J 213 24.17 -20.02 7.25
N ALA J 214 24.44 -18.72 7.44
CA ALA J 214 23.92 -17.96 8.56
C ALA J 214 23.38 -16.64 8.03
N LEU J 215 22.13 -16.65 7.61
CA LEU J 215 21.60 -15.35 7.22
C LEU J 215 21.07 -14.63 8.46
N PRO J 216 21.29 -13.32 8.57
CA PRO J 216 20.44 -12.52 9.45
C PRO J 216 19.01 -12.54 8.95
N PRO J 217 18.03 -12.25 9.83
CA PRO J 217 16.62 -12.39 9.44
C PRO J 217 16.20 -11.49 8.28
N LYS J 218 15.19 -11.94 7.55
CA LYS J 218 14.90 -11.50 6.19
C LYS J 218 14.44 -10.05 6.09
N PHE J 219 14.12 -9.39 7.20
CA PHE J 219 13.82 -7.97 7.18
C PHE J 219 15.07 -7.11 7.30
N LEU J 220 16.25 -7.73 7.30
CA LEU J 220 17.51 -7.00 7.30
C LEU J 220 18.20 -6.96 5.94
N GLU J 221 17.78 -7.81 5.00
CA GLU J 221 18.39 -7.83 3.67
C GLU J 221 18.01 -6.57 2.90
N LYS J 222 19.01 -5.93 2.29
CA LYS J 222 18.76 -4.68 1.58
C LYS J 222 18.04 -4.94 0.26
N ASN J 223 17.45 -3.87 -0.26
CA ASN J 223 16.69 -3.91 -1.50
C ASN J 223 16.65 -2.50 -2.08
N LEU J 224 15.74 -2.25 -3.01
CA LEU J 224 15.66 -0.95 -3.64
C LEU J 224 15.18 0.12 -2.67
N ALA J 225 14.23 -0.22 -1.80
CA ALA J 225 13.77 0.75 -0.80
C ALA J 225 14.85 0.98 0.26
N LYS J 226 15.57 -0.07 0.65
CA LYS J 226 16.65 0.05 1.61
C LYS J 226 17.91 0.67 1.01
N ALA J 227 17.93 0.91 -0.30
CA ALA J 227 18.98 1.71 -0.92
C ALA J 227 18.51 3.13 -1.20
N LEU J 228 17.22 3.33 -1.44
CA LEU J 228 16.68 4.65 -1.70
C LEU J 228 16.37 5.43 -0.44
N ASP J 229 16.31 4.76 0.71
CA ASP J 229 16.07 5.48 1.96
C ASP J 229 17.29 6.28 2.42
N LYS J 230 18.49 5.86 2.01
CA LYS J 230 19.71 6.56 2.37
C LYS J 230 20.05 7.68 1.39
N GLU J 231 19.28 7.83 0.31
CA GLU J 231 19.44 8.92 -0.64
C GLU J 231 18.31 9.92 -0.42
N TYR J 232 18.68 11.20 -0.29
CA TYR J 232 17.73 12.25 0.02
C TYR J 232 17.68 13.26 -1.12
N LEU J 233 16.51 13.85 -1.31
CA LEU J 233 16.26 14.68 -2.48
C LEU J 233 16.95 16.03 -2.36
N LEU J 234 16.98 16.75 -3.47
CA LEU J 234 17.55 18.08 -3.58
C LEU J 234 16.59 18.97 -4.36
N PRO J 235 16.55 20.27 -4.07
CA PRO J 235 15.75 21.17 -4.90
C PRO J 235 16.31 21.28 -6.31
N ASP J 236 15.40 21.50 -7.27
CA ASP J 236 15.74 21.52 -8.67
C ASP J 236 15.98 22.92 -9.22
N ILE J 237 15.96 23.94 -8.37
CA ILE J 237 16.11 25.31 -8.85
C ILE J 237 17.21 26.09 -8.14
N ASN J 238 17.63 25.72 -6.94
CA ASN J 238 18.51 26.56 -6.13
C ASN J 238 19.94 26.42 -6.64
N ILE J 239 20.40 27.44 -7.37
CA ILE J 239 21.79 27.54 -7.82
C ILE J 239 22.42 28.85 -7.37
N ASP J 240 21.74 29.97 -7.58
CA ASP J 240 22.28 31.28 -7.28
C ASP J 240 21.12 32.24 -7.03
N GLU J 241 21.44 33.52 -6.98
CA GLU J 241 20.42 34.54 -6.76
C GLU J 241 19.65 34.72 -8.04
N LEU J 242 18.52 34.05 -8.13
CA LEU J 242 17.72 34.09 -9.36
C LEU J 242 16.71 35.24 -9.33
N GLU J 243 15.75 35.19 -8.40
CA GLU J 243 14.72 36.21 -8.33
C GLU J 243 14.14 36.24 -6.93
N GLY J 244 13.73 37.42 -6.46
CA GLY J 244 13.16 37.56 -5.14
C GLY J 244 14.14 37.35 -4.01
N VAL J 245 15.43 37.52 -4.28
CA VAL J 245 16.50 37.14 -3.37
C VAL J 245 17.69 38.07 -3.57
N ASP J 246 18.26 38.55 -2.45
CA ASP J 246 19.42 39.42 -2.49
C ASP J 246 20.68 38.59 -2.24
N ASN J 247 20.77 37.99 -1.06
CA ASN J 247 21.91 37.14 -0.70
C ASN J 247 21.35 35.97 0.11
N GLY J 248 20.99 34.90 -0.60
CA GLY J 248 20.47 33.69 0.05
C GLY J 248 19.05 33.68 0.57
N CYS J 249 18.69 34.67 1.40
CA CYS J 249 17.40 34.68 2.06
C CYS J 249 16.29 35.08 1.11
N LEU J 250 15.15 34.41 1.23
CA LEU J 250 13.97 34.74 0.44
C LEU J 250 13.45 36.11 0.87
N ILE J 251 13.68 37.11 0.03
CA ILE J 251 13.40 38.50 0.40
C ILE J 251 12.01 38.90 -0.08
N ASP J 252 11.79 38.87 -1.38
CA ASP J 252 10.55 39.37 -1.96
C ASP J 252 9.44 38.35 -1.79
N GLU J 253 8.19 38.84 -1.87
CA GLU J 253 7.01 38.00 -1.80
C GLU J 253 6.65 37.53 -3.21
N ALA J 254 5.44 36.98 -3.36
CA ALA J 254 4.93 36.37 -4.60
C ALA J 254 5.83 35.25 -5.11
N LEU J 255 6.53 34.58 -4.21
CA LEU J 255 7.34 33.41 -4.54
C LEU J 255 7.18 32.27 -3.55
N LEU J 256 6.50 32.49 -2.43
CA LEU J 256 6.21 31.42 -1.47
C LEU J 256 5.26 30.34 -2.00
N PRO J 257 4.35 30.62 -2.95
CA PRO J 257 3.76 29.49 -3.70
C PRO J 257 4.77 28.62 -4.44
N LEU J 258 5.82 29.21 -5.01
CA LEU J 258 6.86 28.41 -5.65
C LEU J 258 7.60 27.56 -4.63
N ILE J 259 7.86 28.11 -3.45
CA ILE J 259 8.48 27.34 -2.39
C ILE J 259 7.54 26.23 -1.89
N ILE J 260 6.23 26.50 -1.88
CA ILE J 260 5.31 25.48 -1.39
C ILE J 260 5.13 24.36 -2.42
N ASP J 261 5.26 24.66 -3.72
CA ASP J 261 5.21 23.56 -4.69
C ASP J 261 6.56 22.89 -4.88
N GLU J 262 7.65 23.52 -4.44
CA GLU J 262 8.92 22.80 -4.32
C GLU J 262 8.93 21.91 -3.09
N GLY J 263 8.25 22.32 -2.02
CA GLY J 263 8.01 21.42 -0.91
C GLY J 263 7.10 20.26 -1.30
N LYS J 264 6.13 20.53 -2.18
CA LYS J 264 5.39 19.47 -2.85
C LYS J 264 6.22 18.98 -4.05
N ARG J 265 5.61 18.15 -4.89
CA ARG J 265 6.16 17.60 -6.14
C ARG J 265 7.42 16.76 -5.92
N LYS J 266 7.77 16.44 -4.67
CA LYS J 266 8.96 15.66 -4.35
C LYS J 266 8.81 15.19 -2.91
N GLY J 267 8.92 13.88 -2.70
CA GLY J 267 8.78 13.34 -1.36
C GLY J 267 7.33 13.18 -0.93
N GLU J 268 6.53 12.52 -1.77
CA GLU J 268 5.13 12.25 -1.47
C GLU J 268 4.93 10.74 -1.42
N GLY J 269 4.40 10.25 -0.30
CA GLY J 269 4.10 8.85 -0.14
C GLY J 269 5.30 7.96 0.15
N ASN J 270 6.48 8.53 0.33
CA ASN J 270 7.68 7.74 0.56
C ASN J 270 8.26 8.01 1.94
N TYR J 271 7.42 8.04 2.96
CA TYR J 271 7.87 8.33 4.31
C TYR J 271 8.65 7.16 4.90
N ARG J 272 9.68 7.50 5.65
CA ARG J 272 10.57 6.58 6.34
C ARG J 272 10.34 6.68 7.85
N PRO J 273 10.73 5.65 8.62
CA PRO J 273 10.63 5.76 10.09
C PRO J 273 11.58 6.82 10.65
N ARG J 274 11.37 7.09 11.95
CA ARG J 274 12.13 8.14 12.63
C ARG J 274 13.61 7.82 12.70
N HIS J 275 13.95 6.55 12.95
CA HIS J 275 15.35 6.16 12.96
C HIS J 275 15.93 6.07 11.55
N LEU J 276 15.09 6.00 10.53
CA LEU J 276 15.53 6.04 9.14
C LEU J 276 15.53 7.47 8.60
N ARG J 277 16.18 8.37 9.31
CA ARG J 277 16.22 9.78 8.97
C ARG J 277 17.65 10.28 8.99
N ASP J 278 17.91 11.32 8.19
CA ASP J 278 19.24 11.92 8.16
C ASP J 278 19.50 12.70 9.43
N GLU J 279 20.74 12.61 9.92
CA GLU J 279 21.13 13.26 11.16
C GLU J 279 21.33 14.76 10.93
N ARG J 280 21.39 15.49 12.04
CA ARG J 280 21.69 16.92 12.02
C ARG J 280 23.13 17.09 12.51
N LYS J 281 24.04 17.31 11.57
CA LYS J 281 25.47 17.34 11.89
C LYS J 281 25.85 18.68 12.51
N GLU J 282 27.08 18.72 13.04
CA GLU J 282 27.63 19.92 13.63
C GLU J 282 28.39 20.78 12.63
N GLU J 283 28.43 20.36 11.37
CA GLU J 283 29.04 21.14 10.30
C GLU J 283 28.19 22.36 9.92
N THR J 284 26.91 22.36 10.33
CA THR J 284 25.94 23.35 9.88
C THR J 284 26.31 24.77 10.31
N VAL J 285 27.02 24.93 11.44
CA VAL J 285 27.48 26.25 11.83
C VAL J 285 28.52 26.78 10.84
N GLN J 286 29.42 25.90 10.36
CA GLN J 286 30.34 26.30 9.30
C GLN J 286 29.63 26.46 7.97
N ALA J 287 28.50 25.75 7.79
CA ALA J 287 27.69 25.95 6.59
C ALA J 287 27.09 27.35 6.56
N PHE J 288 26.57 27.82 7.69
CA PHE J 288 26.12 29.22 7.75
C PHE J 288 27.28 30.19 7.69
N LEU J 289 28.48 29.75 8.10
CA LEU J 289 29.66 30.61 7.99
C LEU J 289 30.04 30.86 6.53
N ASP J 290 30.13 29.79 5.72
CA ASP J 290 30.65 29.94 4.36
C ASP J 290 29.62 29.61 3.28
N LYS J 291 28.32 29.74 3.57
CA LYS J 291 27.35 29.69 2.50
C LYS J 291 27.45 30.93 1.60
N TYR J 292 27.48 32.11 2.21
CA TYR J 292 27.60 33.35 1.46
C TYR J 292 28.58 34.34 2.05
N GLY J 293 29.03 34.17 3.30
CA GLY J 293 29.97 35.08 3.90
C GLY J 293 29.53 35.63 5.25
N TYR J 294 28.56 34.95 5.88
CA TYR J 294 28.09 35.38 7.18
C TYR J 294 29.10 35.02 8.27
N CYS J 295 29.24 35.91 9.25
CA CYS J 295 30.19 35.69 10.33
C CYS J 295 29.70 34.62 11.30
N ASN J 296 28.39 34.53 11.50
CA ASN J 296 27.79 33.51 12.36
C ASN J 296 26.33 33.35 11.95
N ILE J 297 25.55 32.67 12.77
CA ILE J 297 24.11 32.55 12.53
C ILE J 297 23.45 33.91 12.76
N PRO J 298 22.68 34.42 11.81
CA PRO J 298 22.03 35.72 12.01
C PRO J 298 20.94 35.66 13.07
N VAL J 299 20.89 36.71 13.89
CA VAL J 299 19.81 36.84 14.87
C VAL J 299 18.48 37.08 14.16
N GLY J 300 18.52 37.76 13.01
CA GLY J 300 17.31 38.09 12.29
C GLY J 300 16.90 37.08 11.23
N TYR J 301 17.45 35.86 11.31
CA TYR J 301 17.11 34.84 10.33
C TYR J 301 17.18 33.47 11.00
N GLU J 302 16.54 32.49 10.36
CA GLU J 302 16.51 31.12 10.86
C GLU J 302 16.98 30.15 9.79
N VAL J 303 16.80 28.85 10.02
CA VAL J 303 17.24 27.81 9.09
C VAL J 303 16.07 26.87 8.83
N HIS J 304 15.86 26.52 7.56
CA HIS J 304 14.79 25.60 7.19
C HIS J 304 15.18 24.85 5.93
N HIS J 305 14.52 23.72 5.71
CA HIS J 305 14.66 22.91 4.51
C HIS J 305 13.32 22.87 3.79
N ILE J 306 13.22 22.04 2.76
CA ILE J 306 11.97 21.89 2.02
C ILE J 306 11.23 20.57 2.29
N VAL J 307 11.89 19.56 2.83
CA VAL J 307 11.21 18.40 3.42
C VAL J 307 11.77 18.14 4.82
N PRO J 308 11.39 18.95 5.82
CA PRO J 308 12.02 18.84 7.14
C PRO J 308 11.63 17.61 7.92
N LEU J 309 12.57 16.67 8.05
CA LEU J 309 12.45 15.45 8.86
C LEU J 309 11.28 14.57 8.42
N SER J 310 10.94 14.61 7.13
CA SER J 310 9.82 13.83 6.61
C SER J 310 10.01 13.66 5.11
N GLN J 311 10.12 12.40 4.67
CA GLN J 311 10.19 12.01 3.26
C GLN J 311 11.38 12.66 2.55
N GLY J 312 12.58 12.32 3.00
CA GLY J 312 13.80 12.80 2.39
C GLY J 312 14.31 14.08 3.01
N GLY J 313 15.37 14.61 2.40
CA GLY J 313 16.01 15.82 2.88
C GLY J 313 17.30 15.53 3.64
N ALA J 314 18.36 16.23 3.29
CA ALA J 314 19.66 16.02 3.92
C ALA J 314 20.35 17.37 4.13
N ASP J 315 21.44 17.34 4.90
CA ASP J 315 22.25 18.52 5.14
C ASP J 315 23.38 18.54 4.11
N SER J 316 23.01 18.90 2.89
CA SER J 316 23.94 19.06 1.78
C SER J 316 24.54 20.47 1.81
N ILE J 317 25.13 20.91 0.70
CA ILE J 317 25.55 22.31 0.59
C ILE J 317 24.47 23.20 0.01
N LYS J 318 23.33 22.64 -0.40
CA LYS J 318 22.30 23.42 -1.08
C LYS J 318 20.88 23.14 -0.60
N ASN J 319 20.66 22.15 0.26
CA ASN J 319 19.31 21.73 0.64
C ASN J 319 18.75 22.51 1.82
N MET J 320 19.21 23.74 2.05
CA MET J 320 18.64 24.58 3.08
C MET J 320 18.23 25.90 2.44
N ILE J 321 17.10 26.45 2.88
CA ILE J 321 16.66 27.78 2.51
C ILE J 321 16.30 28.52 3.79
N MET J 322 17.04 29.57 4.09
CA MET J 322 16.74 30.38 5.28
C MET J 322 15.48 31.21 5.05
N LEU J 323 14.70 31.37 6.11
CA LEU J 323 13.35 31.92 6.00
C LEU J 323 13.15 33.07 6.97
N SER J 324 12.00 33.71 6.86
CA SER J 324 11.55 34.75 7.79
C SER J 324 10.63 34.12 8.83
N ILE J 325 10.19 34.94 9.79
CA ILE J 325 9.36 34.45 10.89
C ILE J 325 7.98 34.05 10.37
N GLU J 326 7.35 34.94 9.59
CA GLU J 326 6.01 34.68 9.07
C GLU J 326 6.01 33.51 8.09
N HIS J 327 7.02 33.43 7.23
CA HIS J 327 7.09 32.36 6.25
C HIS J 327 7.29 31.01 6.92
N HIS J 328 8.18 30.94 7.92
CA HIS J 328 8.41 29.68 8.62
C HIS J 328 7.19 29.28 9.44
N GLU J 329 6.53 30.25 10.07
CA GLU J 329 5.31 29.99 10.83
C GLU J 329 4.19 29.48 9.92
N ARG J 330 4.07 30.04 8.72
CA ARG J 330 3.06 29.57 7.77
C ARG J 330 3.39 28.17 7.25
N VAL J 331 4.67 27.91 6.91
CA VAL J 331 4.98 26.61 6.32
C VAL J 331 5.03 25.49 7.35
N THR J 332 5.17 25.80 8.64
CA THR J 332 5.08 24.76 9.66
C THR J 332 3.70 24.12 9.71
N GLU J 333 2.66 24.87 9.38
CA GLU J 333 1.34 24.28 9.23
C GLU J 333 1.05 23.87 7.80
N ALA J 334 1.67 24.53 6.82
CA ALA J 334 1.42 24.18 5.42
C ALA J 334 1.99 22.81 5.07
N HIS J 335 3.16 22.47 5.59
CA HIS J 335 3.72 21.14 5.36
C HIS J 335 2.93 20.08 6.11
N ALA J 336 2.48 20.39 7.32
CA ALA J 336 1.67 19.47 8.11
C ALA J 336 0.25 19.32 7.58
N SER J 337 -0.18 20.21 6.68
CA SER J 337 -1.49 20.05 6.02
C SER J 337 -1.54 18.77 5.20
N TYR J 338 -0.48 18.46 4.46
CA TYR J 338 -0.41 17.19 3.75
C TYR J 338 0.42 16.13 4.46
N PHE J 339 1.39 16.54 5.29
CA PHE J 339 2.11 15.60 6.14
C PHE J 339 1.49 15.64 7.54
N LYS J 340 0.26 15.16 7.63
CA LYS J 340 -0.50 15.16 8.87
C LYS J 340 0.07 14.15 9.86
#